data_1YLQ
# 
_entry.id   1YLQ 
# 
_audit_conform.dict_name       mmcif_pdbx.dic 
_audit_conform.dict_version    5.387 
_audit_conform.dict_location   http://mmcif.pdb.org/dictionaries/ascii/mmcif_pdbx.dic 
# 
loop_
_database_2.database_id 
_database_2.database_code 
_database_2.pdbx_database_accession 
_database_2.pdbx_DOI 
PDB   1YLQ         pdb_00001ylq 10.2210/pdb1ylq/pdb 
RCSB  RCSB031662   ?            ?                   
WWPDB D_1000031662 ?            ?                   
# 
loop_
_pdbx_audit_revision_history.ordinal 
_pdbx_audit_revision_history.data_content_type 
_pdbx_audit_revision_history.major_revision 
_pdbx_audit_revision_history.minor_revision 
_pdbx_audit_revision_history.revision_date 
1 'Structure model' 1 0 2005-03-01 
2 'Structure model' 1 1 2008-04-30 
3 'Structure model' 1 2 2011-07-13 
4 'Structure model' 1 3 2024-02-14 
# 
_pdbx_audit_revision_details.ordinal             1 
_pdbx_audit_revision_details.revision_ordinal    1 
_pdbx_audit_revision_details.data_content_type   'Structure model' 
_pdbx_audit_revision_details.provider            repository 
_pdbx_audit_revision_details.type                'Initial release' 
_pdbx_audit_revision_details.description         ? 
_pdbx_audit_revision_details.details             ? 
# 
loop_
_pdbx_audit_revision_group.ordinal 
_pdbx_audit_revision_group.revision_ordinal 
_pdbx_audit_revision_group.data_content_type 
_pdbx_audit_revision_group.group 
1 2 'Structure model' 'Version format compliance' 
2 3 'Structure model' Advisory                    
3 3 'Structure model' 'Refinement description'    
4 3 'Structure model' 'Version format compliance' 
5 4 'Structure model' 'Data collection'           
6 4 'Structure model' 'Database references'       
7 4 'Structure model' 'Derived calculations'      
# 
loop_
_pdbx_audit_revision_category.ordinal 
_pdbx_audit_revision_category.revision_ordinal 
_pdbx_audit_revision_category.data_content_type 
_pdbx_audit_revision_category.category 
1 4 'Structure model' chem_comp_atom     
2 4 'Structure model' chem_comp_bond     
3 4 'Structure model' database_2         
4 4 'Structure model' struct_ref_seq_dif 
5 4 'Structure model' struct_site        
# 
loop_
_pdbx_audit_revision_item.ordinal 
_pdbx_audit_revision_item.revision_ordinal 
_pdbx_audit_revision_item.data_content_type 
_pdbx_audit_revision_item.item 
1 4 'Structure model' '_database_2.pdbx_DOI'                
2 4 'Structure model' '_database_2.pdbx_database_accession' 
3 4 'Structure model' '_struct_ref_seq_dif.details'         
4 4 'Structure model' '_struct_site.pdbx_auth_asym_id'      
5 4 'Structure model' '_struct_site.pdbx_auth_comp_id'      
6 4 'Structure model' '_struct_site.pdbx_auth_seq_id'       
# 
_pdbx_database_status.status_code                     REL 
_pdbx_database_status.entry_id                        1YLQ 
_pdbx_database_status.recvd_initial_deposition_date   2005-01-19 
_pdbx_database_status.deposit_site                    RCSB 
_pdbx_database_status.process_site                    RCSB 
_pdbx_database_status.status_code_sf                  REL 
_pdbx_database_status.status_code_mr                  ? 
_pdbx_database_status.SG_entry                        Y 
_pdbx_database_status.pdb_format_compatible           Y 
_pdbx_database_status.status_code_cs                  ? 
_pdbx_database_status.status_code_nmr_data            ? 
_pdbx_database_status.methods_development_category    ? 
# 
_pdbx_database_related.db_name        TargetDB 
_pdbx_database_related.db_id          APC5568 
_pdbx_database_related.details        . 
_pdbx_database_related.content_type   unspecified 
# 
loop_
_audit_author.name 
_audit_author.pdbx_ordinal 
'Chang, C.'                                     1 
'Joachimiak, A.'                                2 
'Skarina, T.'                                   3 
'Savchenko, A.'                                 4 
'Midwest Center for Structural Genomics (MCSG)' 5 
# 
_citation.id                        primary 
_citation.title                     'Crystal structure of Hypothetical protein AF0614, putative nucleotidyltransferase' 
_citation.journal_abbrev            'To be Published' 
_citation.journal_volume            ? 
_citation.page_first                ? 
_citation.page_last                 ? 
_citation.year                      ? 
_citation.journal_id_ASTM           ? 
_citation.country                   ? 
_citation.journal_id_ISSN           ? 
_citation.journal_id_CSD            0353 
_citation.book_publisher            ? 
_citation.pdbx_database_id_PubMed   ? 
_citation.pdbx_database_id_DOI      ? 
# 
loop_
_citation_author.citation_id 
_citation_author.name 
_citation_author.ordinal 
_citation_author.identifier_ORCID 
primary 'Chang, C.'      1 ? 
primary 'Joachimiak, A.' 2 ? 
primary 'Skarina, T.'    3 ? 
primary 'Edwards, A.'    4 ? 
primary 'Savchenko, A.'  5 ? 
# 
loop_
_entity.id 
_entity.type 
_entity.src_method 
_entity.pdbx_description 
_entity.formula_weight 
_entity.pdbx_number_of_molecules 
_entity.pdbx_ec 
_entity.pdbx_mutation 
_entity.pdbx_fragment 
_entity.details 
1 polymer     man 'putative nucleotidyltransferase, hypothetical protein AF0614' 11434.226 2   ? ? ? ? 
2 non-polymer syn 'SULFATE ION'                                                  96.063    2   ? ? ? ? 
3 water       nat water                                                          18.015    126 ? ? ? ? 
# 
_entity_poly.entity_id                      1 
_entity_poly.type                           'polypeptide(L)' 
_entity_poly.nstd_linkage                   no 
_entity_poly.nstd_monomer                   no 
_entity_poly.pdbx_seq_one_letter_code       
;AGHMKEIKEITKKDVQDAEIYLYGSVVEGDYSIGLSDIDVAIVSDVFEDRNRKLEFFGKITKKFFDSPFEFHILTKKEWK
MSKRFIRKYRRLDLIT
;
_entity_poly.pdbx_seq_one_letter_code_can   
;AGHMKEIKEITKKDVQDAEIYLYGSVVEGDYSIGLSDIDVAIVSDVFEDRNRKLEFFGKITKKFFDSPFEFHILTKKEWK
MSKRFIRKYRRLDLIT
;
_entity_poly.pdbx_strand_id                 A,B 
_entity_poly.pdbx_target_identifier         APC5568 
# 
loop_
_pdbx_entity_nonpoly.entity_id 
_pdbx_entity_nonpoly.name 
_pdbx_entity_nonpoly.comp_id 
2 'SULFATE ION' SO4 
3 water         HOH 
# 
loop_
_entity_poly_seq.entity_id 
_entity_poly_seq.num 
_entity_poly_seq.mon_id 
_entity_poly_seq.hetero 
1 1  ALA n 
1 2  GLY n 
1 3  HIS n 
1 4  MET n 
1 5  LYS n 
1 6  GLU n 
1 7  ILE n 
1 8  LYS n 
1 9  GLU n 
1 10 ILE n 
1 11 THR n 
1 12 LYS n 
1 13 LYS n 
1 14 ASP n 
1 15 VAL n 
1 16 GLN n 
1 17 ASP n 
1 18 ALA n 
1 19 GLU n 
1 20 ILE n 
1 21 TYR n 
1 22 LEU n 
1 23 TYR n 
1 24 GLY n 
1 25 SER n 
1 26 VAL n 
1 27 VAL n 
1 28 GLU n 
1 29 GLY n 
1 30 ASP n 
1 31 TYR n 
1 32 SER n 
1 33 ILE n 
1 34 GLY n 
1 35 LEU n 
1 36 SER n 
1 37 ASP n 
1 38 ILE n 
1 39 ASP n 
1 40 VAL n 
1 41 ALA n 
1 42 ILE n 
1 43 VAL n 
1 44 SER n 
1 45 ASP n 
1 46 VAL n 
1 47 PHE n 
1 48 GLU n 
1 49 ASP n 
1 50 ARG n 
1 51 ASN n 
1 52 ARG n 
1 53 LYS n 
1 54 LEU n 
1 55 GLU n 
1 56 PHE n 
1 57 PHE n 
1 58 GLY n 
1 59 LYS n 
1 60 ILE n 
1 61 THR n 
1 62 LYS n 
1 63 LYS n 
1 64 PHE n 
1 65 PHE n 
1 66 ASP n 
1 67 SER n 
1 68 PRO n 
1 69 PHE n 
1 70 GLU n 
1 71 PHE n 
1 72 HIS n 
1 73 ILE n 
1 74 LEU n 
1 75 THR n 
1 76 LYS n 
1 77 LYS n 
1 78 GLU n 
1 79 TRP n 
1 80 LYS n 
1 81 MET n 
1 82 SER n 
1 83 LYS n 
1 84 ARG n 
1 85 PHE n 
1 86 ILE n 
1 87 ARG n 
1 88 LYS n 
1 89 TYR n 
1 90 ARG n 
1 91 ARG n 
1 92 LEU n 
1 93 ASP n 
1 94 LEU n 
1 95 ILE n 
1 96 THR n 
# 
_entity_src_gen.entity_id                          1 
_entity_src_gen.pdbx_src_id                        1 
_entity_src_gen.pdbx_alt_source_flag               sample 
_entity_src_gen.pdbx_seq_type                      ? 
_entity_src_gen.pdbx_beg_seq_num                   ? 
_entity_src_gen.pdbx_end_seq_num                   ? 
_entity_src_gen.gene_src_common_name               ? 
_entity_src_gen.gene_src_genus                     Archaeoglobus 
_entity_src_gen.pdbx_gene_src_gene                 ? 
_entity_src_gen.gene_src_species                   ? 
_entity_src_gen.gene_src_strain                    ? 
_entity_src_gen.gene_src_tissue                    ? 
_entity_src_gen.gene_src_tissue_fraction           ? 
_entity_src_gen.gene_src_details                   ? 
_entity_src_gen.pdbx_gene_src_fragment             ? 
_entity_src_gen.pdbx_gene_src_scientific_name      'Archaeoglobus fulgidus' 
_entity_src_gen.pdbx_gene_src_ncbi_taxonomy_id     2234 
_entity_src_gen.pdbx_gene_src_variant              ? 
_entity_src_gen.pdbx_gene_src_cell_line            ? 
_entity_src_gen.pdbx_gene_src_atcc                 ? 
_entity_src_gen.pdbx_gene_src_organ                ? 
_entity_src_gen.pdbx_gene_src_organelle            ? 
_entity_src_gen.pdbx_gene_src_cell                 ? 
_entity_src_gen.pdbx_gene_src_cellular_location    ? 
_entity_src_gen.host_org_common_name               ? 
_entity_src_gen.pdbx_host_org_scientific_name      'Escherichia coli' 
_entity_src_gen.pdbx_host_org_ncbi_taxonomy_id     562 
_entity_src_gen.host_org_genus                     Escherichia 
_entity_src_gen.pdbx_host_org_gene                 ? 
_entity_src_gen.pdbx_host_org_organ                ? 
_entity_src_gen.host_org_species                   ? 
_entity_src_gen.pdbx_host_org_tissue               ? 
_entity_src_gen.pdbx_host_org_tissue_fraction      ? 
_entity_src_gen.pdbx_host_org_strain               ? 
_entity_src_gen.pdbx_host_org_variant              ? 
_entity_src_gen.pdbx_host_org_cell_line            ? 
_entity_src_gen.pdbx_host_org_atcc                 ? 
_entity_src_gen.pdbx_host_org_culture_collection   ? 
_entity_src_gen.pdbx_host_org_cell                 ? 
_entity_src_gen.pdbx_host_org_organelle            ? 
_entity_src_gen.pdbx_host_org_cellular_location    ? 
_entity_src_gen.pdbx_host_org_vector_type          ? 
_entity_src_gen.pdbx_host_org_vector               ? 
_entity_src_gen.host_org_details                   ? 
_entity_src_gen.expression_system_id               ? 
_entity_src_gen.plasmid_name                       ? 
_entity_src_gen.plasmid_details                    ? 
_entity_src_gen.pdbx_description                   ? 
# 
loop_
_chem_comp.id 
_chem_comp.type 
_chem_comp.mon_nstd_flag 
_chem_comp.name 
_chem_comp.pdbx_synonyms 
_chem_comp.formula 
_chem_comp.formula_weight 
ALA 'L-peptide linking' y ALANINE         ? 'C3 H7 N O2'     89.093  
ARG 'L-peptide linking' y ARGININE        ? 'C6 H15 N4 O2 1' 175.209 
ASN 'L-peptide linking' y ASPARAGINE      ? 'C4 H8 N2 O3'    132.118 
ASP 'L-peptide linking' y 'ASPARTIC ACID' ? 'C4 H7 N O4'     133.103 
GLN 'L-peptide linking' y GLUTAMINE       ? 'C5 H10 N2 O3'   146.144 
GLU 'L-peptide linking' y 'GLUTAMIC ACID' ? 'C5 H9 N O4'     147.129 
GLY 'peptide linking'   y GLYCINE         ? 'C2 H5 N O2'     75.067  
HIS 'L-peptide linking' y HISTIDINE       ? 'C6 H10 N3 O2 1' 156.162 
HOH non-polymer         . WATER           ? 'H2 O'           18.015  
ILE 'L-peptide linking' y ISOLEUCINE      ? 'C6 H13 N O2'    131.173 
LEU 'L-peptide linking' y LEUCINE         ? 'C6 H13 N O2'    131.173 
LYS 'L-peptide linking' y LYSINE          ? 'C6 H15 N2 O2 1' 147.195 
MET 'L-peptide linking' y METHIONINE      ? 'C5 H11 N O2 S'  149.211 
PHE 'L-peptide linking' y PHENYLALANINE   ? 'C9 H11 N O2'    165.189 
PRO 'L-peptide linking' y PROLINE         ? 'C5 H9 N O2'     115.130 
SER 'L-peptide linking' y SERINE          ? 'C3 H7 N O3'     105.093 
SO4 non-polymer         . 'SULFATE ION'   ? 'O4 S -2'        96.063  
THR 'L-peptide linking' y THREONINE       ? 'C4 H9 N O3'     119.119 
TRP 'L-peptide linking' y TRYPTOPHAN      ? 'C11 H12 N2 O2'  204.225 
TYR 'L-peptide linking' y TYROSINE        ? 'C9 H11 N O3'    181.189 
VAL 'L-peptide linking' y VALINE          ? 'C5 H11 N O2'    117.146 
# 
loop_
_pdbx_poly_seq_scheme.asym_id 
_pdbx_poly_seq_scheme.entity_id 
_pdbx_poly_seq_scheme.seq_id 
_pdbx_poly_seq_scheme.mon_id 
_pdbx_poly_seq_scheme.ndb_seq_num 
_pdbx_poly_seq_scheme.pdb_seq_num 
_pdbx_poly_seq_scheme.auth_seq_num 
_pdbx_poly_seq_scheme.pdb_mon_id 
_pdbx_poly_seq_scheme.auth_mon_id 
_pdbx_poly_seq_scheme.pdb_strand_id 
_pdbx_poly_seq_scheme.pdb_ins_code 
_pdbx_poly_seq_scheme.hetero 
A 1 1  ALA 1  -2 -2 ALA ALA A . n 
A 1 2  GLY 2  -1 -1 GLY GLY A . n 
A 1 3  HIS 3  0  0  HIS HIS A . n 
A 1 4  MET 4  1  1  MET MET A . n 
A 1 5  LYS 5  2  2  LYS LYS A . n 
A 1 6  GLU 6  3  3  GLU GLU A . n 
A 1 7  ILE 7  4  4  ILE ILE A . n 
A 1 8  LYS 8  5  5  LYS LYS A . n 
A 1 9  GLU 9  6  6  GLU GLU A . n 
A 1 10 ILE 10 7  7  ILE ILE A . n 
A 1 11 THR 11 8  8  THR THR A . n 
A 1 12 LYS 12 9  9  LYS LYS A . n 
A 1 13 LYS 13 10 10 LYS LYS A . n 
A 1 14 ASP 14 11 11 ASP ASP A . n 
A 1 15 VAL 15 12 12 VAL VAL A . n 
A 1 16 GLN 16 13 13 GLN GLN A . n 
A 1 17 ASP 17 14 14 ASP ASP A . n 
A 1 18 ALA 18 15 15 ALA ALA A . n 
A 1 19 GLU 19 16 16 GLU GLU A . n 
A 1 20 ILE 20 17 17 ILE ILE A . n 
A 1 21 TYR 21 18 18 TYR TYR A . n 
A 1 22 LEU 22 19 19 LEU LEU A . n 
A 1 23 TYR 23 20 20 TYR TYR A . n 
A 1 24 GLY 24 21 21 GLY GLY A . n 
A 1 25 SER 25 22 22 SER SER A . n 
A 1 26 VAL 26 23 23 VAL VAL A . n 
A 1 27 VAL 27 24 24 VAL VAL A . n 
A 1 28 GLU 28 25 25 GLU GLU A . n 
A 1 29 GLY 29 26 26 GLY GLY A . n 
A 1 30 ASP 30 27 27 ASP ASP A . n 
A 1 31 TYR 31 28 28 TYR TYR A . n 
A 1 32 SER 32 29 29 SER SER A . n 
A 1 33 ILE 33 30 30 ILE ILE A . n 
A 1 34 GLY 34 31 31 GLY GLY A . n 
A 1 35 LEU 35 32 32 LEU LEU A . n 
A 1 36 SER 36 33 33 SER SER A . n 
A 1 37 ASP 37 34 34 ASP ASP A . n 
A 1 38 ILE 38 35 35 ILE ILE A . n 
A 1 39 ASP 39 36 36 ASP ASP A . n 
A 1 40 VAL 40 37 37 VAL VAL A . n 
A 1 41 ALA 41 38 38 ALA ALA A . n 
A 1 42 ILE 42 39 39 ILE ILE A . n 
A 1 43 VAL 43 40 40 VAL VAL A . n 
A 1 44 SER 44 41 41 SER SER A . n 
A 1 45 ASP 45 42 42 ASP ASP A . n 
A 1 46 VAL 46 43 43 VAL VAL A . n 
A 1 47 PHE 47 44 44 PHE PHE A . n 
A 1 48 GLU 48 45 45 GLU GLU A . n 
A 1 49 ASP 49 46 46 ASP ASP A . n 
A 1 50 ARG 50 47 47 ARG ARG A . n 
A 1 51 ASN 51 48 48 ASN ASN A . n 
A 1 52 ARG 52 49 49 ARG ARG A . n 
A 1 53 LYS 53 50 50 LYS LYS A . n 
A 1 54 LEU 54 51 51 LEU LEU A . n 
A 1 55 GLU 55 52 52 GLU GLU A . n 
A 1 56 PHE 56 53 53 PHE PHE A . n 
A 1 57 PHE 57 54 54 PHE PHE A . n 
A 1 58 GLY 58 55 55 GLY GLY A . n 
A 1 59 LYS 59 56 56 LYS LYS A . n 
A 1 60 ILE 60 57 57 ILE ILE A . n 
A 1 61 THR 61 58 58 THR THR A . n 
A 1 62 LYS 62 59 59 LYS LYS A . n 
A 1 63 LYS 63 60 60 LYS LYS A . n 
A 1 64 PHE 64 61 61 PHE PHE A . n 
A 1 65 PHE 65 62 62 PHE PHE A . n 
A 1 66 ASP 66 63 63 ASP ASP A . n 
A 1 67 SER 67 64 64 SER SER A . n 
A 1 68 PRO 68 65 65 PRO PRO A . n 
A 1 69 PHE 69 66 66 PHE PHE A . n 
A 1 70 GLU 70 67 67 GLU GLU A . n 
A 1 71 PHE 71 68 68 PHE PHE A . n 
A 1 72 HIS 72 69 69 HIS HIS A . n 
A 1 73 ILE 73 70 70 ILE ILE A . n 
A 1 74 LEU 74 71 71 LEU LEU A . n 
A 1 75 THR 75 72 72 THR THR A . n 
A 1 76 LYS 76 73 73 LYS LYS A . n 
A 1 77 LYS 77 74 74 LYS LYS A . n 
A 1 78 GLU 78 75 75 GLU GLU A . n 
A 1 79 TRP 79 76 76 TRP TRP A . n 
A 1 80 LYS 80 77 77 LYS LYS A . n 
A 1 81 MET 81 78 78 MET MET A . n 
A 1 82 SER 82 79 79 SER SER A . n 
A 1 83 LYS 83 80 80 LYS LYS A . n 
A 1 84 ARG 84 81 81 ARG ARG A . n 
A 1 85 PHE 85 82 82 PHE PHE A . n 
A 1 86 ILE 86 83 83 ILE ILE A . n 
A 1 87 ARG 87 84 84 ARG ARG A . n 
A 1 88 LYS 88 85 85 LYS LYS A . n 
A 1 89 TYR 89 86 86 TYR TYR A . n 
A 1 90 ARG 90 87 87 ARG ARG A . n 
A 1 91 ARG 91 88 88 ARG ARG A . n 
A 1 92 LEU 92 89 89 LEU LEU A . n 
A 1 93 ASP 93 90 90 ASP ASP A . n 
A 1 94 LEU 94 91 ?  ?   ?   A . n 
A 1 95 ILE 95 92 ?  ?   ?   A . n 
A 1 96 THR 96 93 ?  ?   ?   A . n 
B 1 1  ALA 1  -2 -2 ALA ALA B . n 
B 1 2  GLY 2  -1 -1 GLY GLY B . n 
B 1 3  HIS 3  0  0  HIS HIS B . n 
B 1 4  MET 4  1  1  MET MET B . n 
B 1 5  LYS 5  2  2  LYS LYS B . n 
B 1 6  GLU 6  3  3  GLU GLU B . n 
B 1 7  ILE 7  4  4  ILE ILE B . n 
B 1 8  LYS 8  5  5  LYS LYS B . n 
B 1 9  GLU 9  6  6  GLU GLU B . n 
B 1 10 ILE 10 7  7  ILE ILE B . n 
B 1 11 THR 11 8  8  THR THR B . n 
B 1 12 LYS 12 9  9  LYS LYS B . n 
B 1 13 LYS 13 10 10 LYS LYS B . n 
B 1 14 ASP 14 11 11 ASP ASP B . n 
B 1 15 VAL 15 12 12 VAL VAL B . n 
B 1 16 GLN 16 13 13 GLN GLN B . n 
B 1 17 ASP 17 14 14 ASP ASP B . n 
B 1 18 ALA 18 15 15 ALA ALA B . n 
B 1 19 GLU 19 16 16 GLU GLU B . n 
B 1 20 ILE 20 17 17 ILE ILE B . n 
B 1 21 TYR 21 18 18 TYR TYR B . n 
B 1 22 LEU 22 19 19 LEU LEU B . n 
B 1 23 TYR 23 20 20 TYR TYR B . n 
B 1 24 GLY 24 21 21 GLY GLY B . n 
B 1 25 SER 25 22 22 SER SER B . n 
B 1 26 VAL 26 23 23 VAL VAL B . n 
B 1 27 VAL 27 24 24 VAL VAL B . n 
B 1 28 GLU 28 25 25 GLU GLU B . n 
B 1 29 GLY 29 26 26 GLY GLY B . n 
B 1 30 ASP 30 27 27 ASP ASP B . n 
B 1 31 TYR 31 28 28 TYR TYR B . n 
B 1 32 SER 32 29 29 SER SER B . n 
B 1 33 ILE 33 30 30 ILE ILE B . n 
B 1 34 GLY 34 31 31 GLY GLY B . n 
B 1 35 LEU 35 32 32 LEU LEU B . n 
B 1 36 SER 36 33 33 SER SER B . n 
B 1 37 ASP 37 34 34 ASP ASP B . n 
B 1 38 ILE 38 35 35 ILE ILE B . n 
B 1 39 ASP 39 36 36 ASP ASP B . n 
B 1 40 VAL 40 37 37 VAL VAL B . n 
B 1 41 ALA 41 38 38 ALA ALA B . n 
B 1 42 ILE 42 39 39 ILE ILE B . n 
B 1 43 VAL 43 40 40 VAL VAL B . n 
B 1 44 SER 44 41 41 SER SER B . n 
B 1 45 ASP 45 42 42 ASP ASP B . n 
B 1 46 VAL 46 43 43 VAL VAL B . n 
B 1 47 PHE 47 44 44 PHE PHE B . n 
B 1 48 GLU 48 45 45 GLU GLU B . n 
B 1 49 ASP 49 46 46 ASP ASP B . n 
B 1 50 ARG 50 47 47 ARG ARG B . n 
B 1 51 ASN 51 48 48 ASN ASN B . n 
B 1 52 ARG 52 49 49 ARG ARG B . n 
B 1 53 LYS 53 50 50 LYS LYS B . n 
B 1 54 LEU 54 51 51 LEU LEU B . n 
B 1 55 GLU 55 52 52 GLU GLU B . n 
B 1 56 PHE 56 53 53 PHE PHE B . n 
B 1 57 PHE 57 54 54 PHE PHE B . n 
B 1 58 GLY 58 55 55 GLY GLY B . n 
B 1 59 LYS 59 56 56 LYS LYS B . n 
B 1 60 ILE 60 57 57 ILE ILE B . n 
B 1 61 THR 61 58 58 THR THR B . n 
B 1 62 LYS 62 59 59 LYS LYS B . n 
B 1 63 LYS 63 60 60 LYS LYS B . n 
B 1 64 PHE 64 61 61 PHE PHE B . n 
B 1 65 PHE 65 62 62 PHE PHE B . n 
B 1 66 ASP 66 63 63 ASP ASP B . n 
B 1 67 SER 67 64 64 SER SER B . n 
B 1 68 PRO 68 65 65 PRO PRO B . n 
B 1 69 PHE 69 66 66 PHE PHE B . n 
B 1 70 GLU 70 67 67 GLU GLU B . n 
B 1 71 PHE 71 68 68 PHE PHE B . n 
B 1 72 HIS 72 69 69 HIS HIS B . n 
B 1 73 ILE 73 70 70 ILE ILE B . n 
B 1 74 LEU 74 71 71 LEU LEU B . n 
B 1 75 THR 75 72 72 THR THR B . n 
B 1 76 LYS 76 73 73 LYS LYS B . n 
B 1 77 LYS 77 74 74 LYS LYS B . n 
B 1 78 GLU 78 75 75 GLU GLU B . n 
B 1 79 TRP 79 76 76 TRP TRP B . n 
B 1 80 LYS 80 77 77 LYS LYS B . n 
B 1 81 MET 81 78 78 MET MET B . n 
B 1 82 SER 82 79 79 SER SER B . n 
B 1 83 LYS 83 80 80 LYS LYS B . n 
B 1 84 ARG 84 81 81 ARG ARG B . n 
B 1 85 PHE 85 82 82 PHE PHE B . n 
B 1 86 ILE 86 83 83 ILE ILE B . n 
B 1 87 ARG 87 84 84 ARG ARG B . n 
B 1 88 LYS 88 85 85 LYS LYS B . n 
B 1 89 TYR 89 86 86 TYR TYR B . n 
B 1 90 ARG 90 87 87 ARG ARG B . n 
B 1 91 ARG 91 88 88 ARG ARG B . n 
B 1 92 LEU 92 89 89 LEU LEU B . n 
B 1 93 ASP 93 90 90 ASP ASP B . n 
B 1 94 LEU 94 91 ?  ?   ?   B . n 
B 1 95 ILE 95 92 ?  ?   ?   B . n 
B 1 96 THR 96 93 ?  ?   ?   B . n 
# 
loop_
_pdbx_nonpoly_scheme.asym_id 
_pdbx_nonpoly_scheme.entity_id 
_pdbx_nonpoly_scheme.mon_id 
_pdbx_nonpoly_scheme.ndb_seq_num 
_pdbx_nonpoly_scheme.pdb_seq_num 
_pdbx_nonpoly_scheme.auth_seq_num 
_pdbx_nonpoly_scheme.pdb_mon_id 
_pdbx_nonpoly_scheme.auth_mon_id 
_pdbx_nonpoly_scheme.pdb_strand_id 
_pdbx_nonpoly_scheme.pdb_ins_code 
C 2 SO4 1  201 1   SO4 SO4 A . 
D 2 SO4 1  202 2   SO4 SO4 B . 
E 3 HOH 1  202 1   HOH HOH A . 
E 3 HOH 2  203 2   HOH HOH A . 
E 3 HOH 3  204 3   HOH HOH A . 
E 3 HOH 4  205 4   HOH HOH A . 
E 3 HOH 5  206 5   HOH HOH A . 
E 3 HOH 6  207 6   HOH HOH A . 
E 3 HOH 7  208 7   HOH HOH A . 
E 3 HOH 8  209 14  HOH HOH A . 
E 3 HOH 9  210 16  HOH HOH A . 
E 3 HOH 10 211 19  HOH HOH A . 
E 3 HOH 11 212 21  HOH HOH A . 
E 3 HOH 12 213 23  HOH HOH A . 
E 3 HOH 13 214 24  HOH HOH A . 
E 3 HOH 14 215 25  HOH HOH A . 
E 3 HOH 15 216 28  HOH HOH A . 
E 3 HOH 16 217 30  HOH HOH A . 
E 3 HOH 17 218 33  HOH HOH A . 
E 3 HOH 18 219 34  HOH HOH A . 
E 3 HOH 19 220 38  HOH HOH A . 
E 3 HOH 20 221 41  HOH HOH A . 
E 3 HOH 21 222 42  HOH HOH A . 
E 3 HOH 22 223 43  HOH HOH A . 
E 3 HOH 23 224 45  HOH HOH A . 
E 3 HOH 24 225 48  HOH HOH A . 
E 3 HOH 25 226 49  HOH HOH A . 
E 3 HOH 26 227 50  HOH HOH A . 
E 3 HOH 27 228 51  HOH HOH A . 
E 3 HOH 28 229 53  HOH HOH A . 
E 3 HOH 29 230 57  HOH HOH A . 
E 3 HOH 30 231 58  HOH HOH A . 
E 3 HOH 31 232 59  HOH HOH A . 
E 3 HOH 32 233 61  HOH HOH A . 
E 3 HOH 33 234 62  HOH HOH A . 
E 3 HOH 34 235 64  HOH HOH A . 
E 3 HOH 35 236 68  HOH HOH A . 
E 3 HOH 36 237 70  HOH HOH A . 
E 3 HOH 37 238 74  HOH HOH A . 
E 3 HOH 38 239 75  HOH HOH A . 
E 3 HOH 39 240 77  HOH HOH A . 
E 3 HOH 40 241 79  HOH HOH A . 
E 3 HOH 41 242 81  HOH HOH A . 
E 3 HOH 42 243 82  HOH HOH A . 
E 3 HOH 43 244 83  HOH HOH A . 
E 3 HOH 44 245 84  HOH HOH A . 
E 3 HOH 45 246 85  HOH HOH A . 
E 3 HOH 46 247 86  HOH HOH A . 
E 3 HOH 47 248 87  HOH HOH A . 
E 3 HOH 48 249 88  HOH HOH A . 
E 3 HOH 49 250 89  HOH HOH A . 
E 3 HOH 50 251 90  HOH HOH A . 
E 3 HOH 51 252 92  HOH HOH A . 
E 3 HOH 52 253 95  HOH HOH A . 
E 3 HOH 53 254 96  HOH HOH A . 
E 3 HOH 54 255 97  HOH HOH A . 
E 3 HOH 55 256 98  HOH HOH A . 
E 3 HOH 56 257 99  HOH HOH A . 
E 3 HOH 57 258 100 HOH HOH A . 
E 3 HOH 58 259 101 HOH HOH A . 
E 3 HOH 59 260 102 HOH HOH A . 
E 3 HOH 60 261 103 HOH HOH A . 
E 3 HOH 61 262 104 HOH HOH A . 
E 3 HOH 62 263 105 HOH HOH A . 
E 3 HOH 63 264 106 HOH HOH A . 
E 3 HOH 64 265 111 HOH HOH A . 
E 3 HOH 65 266 113 HOH HOH A . 
E 3 HOH 66 267 122 HOH HOH A . 
F 3 HOH 1  203 8   HOH HOH B . 
F 3 HOH 2  204 9   HOH HOH B . 
F 3 HOH 3  205 10  HOH HOH B . 
F 3 HOH 4  206 11  HOH HOH B . 
F 3 HOH 5  207 12  HOH HOH B . 
F 3 HOH 6  208 13  HOH HOH B . 
F 3 HOH 7  209 15  HOH HOH B . 
F 3 HOH 8  210 17  HOH HOH B . 
F 3 HOH 9  211 18  HOH HOH B . 
F 3 HOH 10 212 20  HOH HOH B . 
F 3 HOH 11 213 22  HOH HOH B . 
F 3 HOH 12 214 26  HOH HOH B . 
F 3 HOH 13 215 27  HOH HOH B . 
F 3 HOH 14 216 29  HOH HOH B . 
F 3 HOH 15 217 31  HOH HOH B . 
F 3 HOH 16 218 32  HOH HOH B . 
F 3 HOH 17 219 35  HOH HOH B . 
F 3 HOH 18 220 36  HOH HOH B . 
F 3 HOH 19 221 37  HOH HOH B . 
F 3 HOH 20 222 39  HOH HOH B . 
F 3 HOH 21 223 40  HOH HOH B . 
F 3 HOH 22 224 44  HOH HOH B . 
F 3 HOH 23 225 46  HOH HOH B . 
F 3 HOH 24 226 47  HOH HOH B . 
F 3 HOH 25 227 52  HOH HOH B . 
F 3 HOH 26 228 54  HOH HOH B . 
F 3 HOH 27 229 55  HOH HOH B . 
F 3 HOH 28 230 56  HOH HOH B . 
F 3 HOH 29 231 60  HOH HOH B . 
F 3 HOH 30 232 63  HOH HOH B . 
F 3 HOH 31 233 65  HOH HOH B . 
F 3 HOH 32 234 66  HOH HOH B . 
F 3 HOH 33 235 67  HOH HOH B . 
F 3 HOH 34 236 69  HOH HOH B . 
F 3 HOH 35 237 71  HOH HOH B . 
F 3 HOH 36 238 72  HOH HOH B . 
F 3 HOH 37 239 73  HOH HOH B . 
F 3 HOH 38 240 76  HOH HOH B . 
F 3 HOH 39 241 78  HOH HOH B . 
F 3 HOH 40 242 80  HOH HOH B . 
F 3 HOH 41 243 91  HOH HOH B . 
F 3 HOH 42 244 93  HOH HOH B . 
F 3 HOH 43 245 94  HOH HOH B . 
F 3 HOH 44 246 107 HOH HOH B . 
F 3 HOH 45 247 108 HOH HOH B . 
F 3 HOH 46 248 109 HOH HOH B . 
F 3 HOH 47 249 110 HOH HOH B . 
F 3 HOH 48 250 112 HOH HOH B . 
F 3 HOH 49 251 114 HOH HOH B . 
F 3 HOH 50 252 115 HOH HOH B . 
F 3 HOH 51 253 116 HOH HOH B . 
F 3 HOH 52 254 117 HOH HOH B . 
F 3 HOH 53 255 118 HOH HOH B . 
F 3 HOH 54 256 119 HOH HOH B . 
F 3 HOH 55 257 120 HOH HOH B . 
F 3 HOH 56 258 121 HOH HOH B . 
F 3 HOH 57 259 123 HOH HOH B . 
F 3 HOH 58 260 124 HOH HOH B . 
F 3 HOH 59 261 125 HOH HOH B . 
F 3 HOH 60 262 126 HOH HOH B . 
# 
loop_
_pdbx_unobs_or_zero_occ_atoms.id 
_pdbx_unobs_or_zero_occ_atoms.PDB_model_num 
_pdbx_unobs_or_zero_occ_atoms.polymer_flag 
_pdbx_unobs_or_zero_occ_atoms.occupancy_flag 
_pdbx_unobs_or_zero_occ_atoms.auth_asym_id 
_pdbx_unobs_or_zero_occ_atoms.auth_comp_id 
_pdbx_unobs_or_zero_occ_atoms.auth_seq_id 
_pdbx_unobs_or_zero_occ_atoms.PDB_ins_code 
_pdbx_unobs_or_zero_occ_atoms.auth_atom_id 
_pdbx_unobs_or_zero_occ_atoms.label_alt_id 
_pdbx_unobs_or_zero_occ_atoms.label_asym_id 
_pdbx_unobs_or_zero_occ_atoms.label_comp_id 
_pdbx_unobs_or_zero_occ_atoms.label_seq_id 
_pdbx_unobs_or_zero_occ_atoms.label_atom_id 
1 1 Y 1 A ASP 90 ? O ? A ASP 93 O 
2 1 Y 1 B ASP 90 ? O ? B ASP 93 O 
# 
loop_
_software.name 
_software.classification 
_software.version 
_software.citation_id 
_software.pdbx_ordinal 
REFMAC    refinement       5.2.0005 ? 1 
HKL-2000  'data reduction' .        ? 2 
SCALEPACK 'data scaling'   .        ? 3 
HKL-3000  phasing          .        ? 4 
# 
_cell.entry_id           1YLQ 
_cell.length_a           38.350 
_cell.length_b           38.350 
_cell.length_c           244.082 
_cell.angle_alpha        90.00 
_cell.angle_beta         90.00 
_cell.angle_gamma        120.00 
_cell.Z_PDB              12 
_cell.pdbx_unique_axis   ? 
# 
_symmetry.entry_id                         1YLQ 
_symmetry.space_group_name_H-M             'P 32 2 1' 
_symmetry.pdbx_full_space_group_name_H-M   ? 
_symmetry.cell_setting                     ? 
_symmetry.Int_Tables_number                154 
_symmetry.space_group_name_Hall            ? 
# 
_exptl.entry_id          1YLQ 
_exptl.method            'X-RAY DIFFRACTION' 
_exptl.crystals_number   2 
# 
_exptl_crystal.id                    1 
_exptl_crystal.density_meas          ? 
_exptl_crystal.density_Matthews      2.3 
_exptl_crystal.density_percent_sol   46.7 
_exptl_crystal.description           ? 
_exptl_crystal.F_000                 ? 
_exptl_crystal.preparation           ? 
# 
_exptl_crystal_grow.crystal_id      1 
_exptl_crystal_grow.method          'VAPOR DIFFUSION' 
_exptl_crystal_grow.temp            297 
_exptl_crystal_grow.temp_details    ? 
_exptl_crystal_grow.pH              5.5 
_exptl_crystal_grow.pdbx_details    'PEG3350, Ammonium Sulphate,B-Tris, pH 5.5, VAPOR DIFFUSION, temperature 297K' 
_exptl_crystal_grow.pdbx_pH_range   . 
# 
loop_
_diffrn.id 
_diffrn.ambient_temp 
_diffrn.ambient_temp_details 
_diffrn.crystal_id 
1   100 ? 1 
2   100 ? 1 
1,2 ?   ? 1 
# 
loop_
_diffrn_detector.diffrn_id 
_diffrn_detector.detector 
_diffrn_detector.type 
_diffrn_detector.pdbx_collection_date 
_diffrn_detector.details 
1 CCD 'ADSC QUANTUM 4' 2004-11-24 ? 
2 CCD 'ADSC QUANTUM 4' 2004-11-24 ? 
# 
loop_
_diffrn_radiation.diffrn_id 
_diffrn_radiation.wavelength_id 
_diffrn_radiation.pdbx_monochromatic_or_laue_m_l 
_diffrn_radiation.monochromator 
_diffrn_radiation.pdbx_diffrn_protocol 
_diffrn_radiation.pdbx_scattering_type 
1 1 M 'double crystal' 'SINGLE WAVELENGTH' x-ray 
2 2 M 'double crystal' MAD                 x-ray 
# 
loop_
_diffrn_radiation_wavelength.id 
_diffrn_radiation_wavelength.wavelength 
_diffrn_radiation_wavelength.wt 
1 0.97775 1.0 
2 0.97774 1.0 
3 0.97970 1.0 
# 
loop_
_diffrn_source.diffrn_id 
_diffrn_source.source 
_diffrn_source.type 
_diffrn_source.pdbx_synchrotron_site 
_diffrn_source.pdbx_synchrotron_beamline 
_diffrn_source.pdbx_wavelength 
_diffrn_source.pdbx_wavelength_list 
1 SYNCHROTRON 'APS BEAMLINE 19-ID' APS 19-ID ? 0.97775            
2 SYNCHROTRON 'APS BEAMLINE 19-ID' APS 19-ID ? '0.97774, 0.97970' 
# 
_reflns.entry_id                     1YLQ 
_reflns.observed_criterion_sigma_F   0 
_reflns.observed_criterion_sigma_I   0 
_reflns.d_resolution_high            2.0 
_reflns.d_resolution_low             50 
_reflns.number_all                   15124 
_reflns.number_obs                   14806 
_reflns.percent_possible_obs         97.9 
_reflns.pdbx_Rmerge_I_obs            ? 
_reflns.pdbx_Rsym_value              ? 
_reflns.pdbx_netI_over_sigmaI        ? 
_reflns.B_iso_Wilson_estimate        ? 
_reflns.pdbx_redundancy              ? 
_reflns.R_free_details               ? 
_reflns.limit_h_max                  ? 
_reflns.limit_h_min                  ? 
_reflns.limit_k_max                  ? 
_reflns.limit_k_min                  ? 
_reflns.limit_l_max                  ? 
_reflns.limit_l_min                  ? 
_reflns.observed_criterion_F_max     ? 
_reflns.observed_criterion_F_min     ? 
_reflns.pdbx_chi_squared             ? 
_reflns.pdbx_scaling_rejects         ? 
_reflns.pdbx_ordinal                 1 
_reflns.pdbx_diffrn_id               1,2 
# 
_reflns_shell.d_res_high             2.0 
_reflns_shell.d_res_low              2.07 
_reflns_shell.percent_possible_all   79.2 
_reflns_shell.Rmerge_I_obs           ? 
_reflns_shell.pdbx_Rsym_value        ? 
_reflns_shell.meanI_over_sigI_obs    ? 
_reflns_shell.pdbx_redundancy        ? 
_reflns_shell.percent_possible_obs   ? 
_reflns_shell.number_unique_all      ? 
_reflns_shell.number_measured_all    ? 
_reflns_shell.number_measured_obs    ? 
_reflns_shell.number_unique_obs      ? 
_reflns_shell.pdbx_chi_squared       ? 
_reflns_shell.pdbx_ordinal           1 
_reflns_shell.pdbx_diffrn_id         1,2 
# 
_refine.entry_id                                 1YLQ 
_refine.ls_number_reflns_obs                     13974 
_refine.ls_number_reflns_all                     14755 
_refine.pdbx_ls_sigma_I                          ? 
_refine.pdbx_ls_sigma_F                          0 
_refine.pdbx_data_cutoff_high_absF               ? 
_refine.pdbx_data_cutoff_low_absF                ? 
_refine.pdbx_data_cutoff_high_rms_absF           ? 
_refine.ls_d_res_low                             50.00 
_refine.ls_d_res_high                            2.016 
_refine.ls_percent_reflns_obs                    99.75 
_refine.ls_R_factor_obs                          0.2166 
_refine.ls_R_factor_all                          0.21916 
_refine.ls_R_factor_R_work                       0.2166 
_refine.ls_R_factor_R_free                       0.26746 
_refine.ls_R_factor_R_free_error                 ? 
_refine.ls_R_factor_R_free_error_details         ? 
_refine.ls_percent_reflns_R_free                 5.1 
_refine.ls_number_reflns_R_free                  744 
_refine.ls_number_parameters                     ? 
_refine.ls_number_restraints                     ? 
_refine.occupancy_min                            ? 
_refine.occupancy_max                            ? 
_refine.correlation_coeff_Fo_to_Fc               0.935 
_refine.correlation_coeff_Fo_to_Fc_free          0.912 
_refine.B_iso_mean                               33.119 
_refine.aniso_B[1][1]                            0.05 
_refine.aniso_B[2][2]                            0.05 
_refine.aniso_B[3][3]                            -0.07 
_refine.aniso_B[1][2]                            0.02 
_refine.aniso_B[1][3]                            0.00 
_refine.aniso_B[2][3]                            0.00 
_refine.solvent_model_details                    MASK 
_refine.solvent_model_param_ksol                 ? 
_refine.solvent_model_param_bsol                 ? 
_refine.pdbx_solvent_vdw_probe_radii             1.20 
_refine.pdbx_solvent_ion_probe_radii             0.80 
_refine.pdbx_solvent_shrinkage_radii             0.80 
_refine.pdbx_ls_cross_valid_method               THROUGHOUT 
_refine.details                                  'HYDROGENS HAVE BEEN ADDED IN THE RIDING POSITIONS' 
_refine.pdbx_starting_model                      ? 
_refine.pdbx_method_to_determine_struct          MAD 
_refine.pdbx_isotropic_thermal_model             ? 
_refine.pdbx_stereochemistry_target_values       'MAXIMUM LIKELIHOOD' 
_refine.pdbx_stereochem_target_val_spec_case     ? 
_refine.pdbx_R_Free_selection_details            RANDOM 
_refine.pdbx_overall_ESU_R                       0.216 
_refine.pdbx_overall_ESU_R_Free                  0.191 
_refine.overall_SU_ML                            0.130 
_refine.overall_SU_B                             8.883 
_refine.ls_redundancy_reflns_obs                 ? 
_refine.B_iso_min                                ? 
_refine.B_iso_max                                ? 
_refine.overall_SU_R_Cruickshank_DPI             ? 
_refine.overall_SU_R_free                        ? 
_refine.ls_wR_factor_R_free                      ? 
_refine.ls_wR_factor_R_work                      ? 
_refine.overall_FOM_free_R_set                   ? 
_refine.overall_FOM_work_R_set                   ? 
_refine.pdbx_refine_id                           'X-RAY DIFFRACTION' 
_refine.pdbx_TLS_residual_ADP_flag               'LIKELY RESIDUAL' 
_refine.pdbx_diffrn_id                           1 
_refine.pdbx_overall_phase_error                 ? 
_refine.pdbx_overall_SU_R_free_Cruickshank_DPI   ? 
_refine.pdbx_overall_SU_R_Blow_DPI               ? 
_refine.pdbx_overall_SU_R_free_Blow_DPI          ? 
# 
_refine_hist.pdbx_refine_id                   'X-RAY DIFFRACTION' 
_refine_hist.cycle_id                         LAST 
_refine_hist.pdbx_number_atoms_protein        1564 
_refine_hist.pdbx_number_atoms_nucleic_acid   0 
_refine_hist.pdbx_number_atoms_ligand         10 
_refine_hist.number_atoms_solvent             126 
_refine_hist.number_atoms_total               1700 
_refine_hist.d_res_high                       2.016 
_refine_hist.d_res_low                        50.00 
# 
loop_
_refine_ls_restr.type 
_refine_ls_restr.dev_ideal 
_refine_ls_restr.dev_ideal_target 
_refine_ls_restr.weight 
_refine_ls_restr.number 
_refine_ls_restr.pdbx_refine_id 
_refine_ls_restr.pdbx_restraint_function 
r_bond_refined_d         0.021  0.022  ? 1604 'X-RAY DIFFRACTION' ? 
r_angle_refined_deg      1.868  1.962  ? 2140 'X-RAY DIFFRACTION' ? 
r_dihedral_angle_1_deg   8.987  5.000  ? 184  'X-RAY DIFFRACTION' ? 
r_dihedral_angle_2_deg   35.881 23.250 ? 80   'X-RAY DIFFRACTION' ? 
r_dihedral_angle_3_deg   17.296 15.000 ? 324  'X-RAY DIFFRACTION' ? 
r_dihedral_angle_4_deg   20.626 15.000 ? 12   'X-RAY DIFFRACTION' ? 
r_chiral_restr           0.164  0.200  ? 222  'X-RAY DIFFRACTION' ? 
r_gen_planes_refined     0.008  0.020  ? 1176 'X-RAY DIFFRACTION' ? 
r_nbd_refined            0.236  0.200  ? 773  'X-RAY DIFFRACTION' ? 
r_nbtor_refined          0.311  0.200  ? 1094 'X-RAY DIFFRACTION' ? 
r_xyhbond_nbd_refined    0.195  0.200  ? 106  'X-RAY DIFFRACTION' ? 
r_symmetry_vdw_refined   0.268  0.200  ? 31   'X-RAY DIFFRACTION' ? 
r_symmetry_hbond_refined 0.119  0.200  ? 16   'X-RAY DIFFRACTION' ? 
r_mcbond_it              1.221  1.500  ? 955  'X-RAY DIFFRACTION' ? 
r_mcangle_it             1.865  2.000  ? 1486 'X-RAY DIFFRACTION' ? 
r_scbond_it              3.025  3.000  ? 750  'X-RAY DIFFRACTION' ? 
r_scangle_it             4.468  4.500  ? 654  'X-RAY DIFFRACTION' ? 
# 
_refine_ls_shell.pdbx_total_number_of_bins_used   20 
_refine_ls_shell.d_res_high                       2.016 
_refine_ls_shell.d_res_low                        2.068 
_refine_ls_shell.number_reflns_R_work             969 
_refine_ls_shell.R_factor_R_work                  0.221 
_refine_ls_shell.percent_reflns_obs               99.22 
_refine_ls_shell.R_factor_R_free                  0.29 
_refine_ls_shell.R_factor_R_free_error            ? 
_refine_ls_shell.percent_reflns_R_free            ? 
_refine_ls_shell.number_reflns_R_free             45 
_refine_ls_shell.number_reflns_obs                ? 
_refine_ls_shell.redundancy_reflns_obs            ? 
_refine_ls_shell.number_reflns_all                ? 
_refine_ls_shell.pdbx_refine_id                   'X-RAY DIFFRACTION' 
_refine_ls_shell.R_factor_all                     ? 
# 
_struct.entry_id                  1YLQ 
_struct.title                     'Crystal structure of putative nucleotidyltransferase' 
_struct.pdbx_model_details        ? 
_struct.pdbx_CASP_flag            ? 
_struct.pdbx_model_type_details   ? 
# 
_struct_keywords.entry_id        1YLQ 
_struct_keywords.pdbx_keywords   TRANSFERASE 
_struct_keywords.text            
;nucleotidyltransferase, Structural Genomics, PSI, Protein Structure Initiative, Midwest Center for Structural Genomics, MCSG, TRANSFERASE
;
# 
loop_
_struct_asym.id 
_struct_asym.pdbx_blank_PDB_chainid_flag 
_struct_asym.pdbx_modified 
_struct_asym.entity_id 
_struct_asym.details 
A N N 1 ? 
B N N 1 ? 
C N N 2 ? 
D N N 2 ? 
E N N 3 ? 
F N N 3 ? 
# 
_struct_ref.id                         1 
_struct_ref.db_name                    UNP 
_struct_ref.db_code                    O29641_ARCFU 
_struct_ref.pdbx_db_accession          O29641 
_struct_ref.entity_id                  1 
_struct_ref.pdbx_seq_one_letter_code   
;MKEIKEITKKDVQDAEIYLYGSVVEGDYSIGLSDIDVAIVSDVFEDRNRKLEFFGKITKKFFDSPFEFHILTKKEWKMSK
RFIRKYRRLDLIT
;
_struct_ref.pdbx_align_begin           1 
_struct_ref.pdbx_db_isoform            ? 
# 
loop_
_struct_ref_seq.align_id 
_struct_ref_seq.ref_id 
_struct_ref_seq.pdbx_PDB_id_code 
_struct_ref_seq.pdbx_strand_id 
_struct_ref_seq.seq_align_beg 
_struct_ref_seq.pdbx_seq_align_beg_ins_code 
_struct_ref_seq.seq_align_end 
_struct_ref_seq.pdbx_seq_align_end_ins_code 
_struct_ref_seq.pdbx_db_accession 
_struct_ref_seq.db_align_beg 
_struct_ref_seq.pdbx_db_align_beg_ins_code 
_struct_ref_seq.db_align_end 
_struct_ref_seq.pdbx_db_align_end_ins_code 
_struct_ref_seq.pdbx_auth_seq_align_beg 
_struct_ref_seq.pdbx_auth_seq_align_end 
1 1 1YLQ A 4 ? 96 ? O29641 1 ? 93 ? 1 93 
2 1 1YLQ B 4 ? 96 ? O29641 1 ? 93 ? 1 93 
# 
loop_
_struct_ref_seq_dif.align_id 
_struct_ref_seq_dif.pdbx_pdb_id_code 
_struct_ref_seq_dif.mon_id 
_struct_ref_seq_dif.pdbx_pdb_strand_id 
_struct_ref_seq_dif.seq_num 
_struct_ref_seq_dif.pdbx_pdb_ins_code 
_struct_ref_seq_dif.pdbx_seq_db_name 
_struct_ref_seq_dif.pdbx_seq_db_accession_code 
_struct_ref_seq_dif.db_mon_id 
_struct_ref_seq_dif.pdbx_seq_db_seq_num 
_struct_ref_seq_dif.details 
_struct_ref_seq_dif.pdbx_auth_seq_num 
_struct_ref_seq_dif.pdbx_ordinal 
1 1YLQ ALA A 1 ? UNP O29641 ? ? 'cloning artifact' -2 1 
1 1YLQ GLY A 2 ? UNP O29641 ? ? 'cloning artifact' -1 2 
1 1YLQ HIS A 3 ? UNP O29641 ? ? 'cloning artifact' 0  3 
2 1YLQ ALA B 1 ? UNP O29641 ? ? 'cloning artifact' -2 4 
2 1YLQ GLY B 2 ? UNP O29641 ? ? 'cloning artifact' -1 5 
2 1YLQ HIS B 3 ? UNP O29641 ? ? 'cloning artifact' 0  6 
# 
_pdbx_struct_assembly.id                   1 
_pdbx_struct_assembly.details              author_and_software_defined_assembly 
_pdbx_struct_assembly.method_details       PISA 
_pdbx_struct_assembly.oligomeric_details   dimeric 
_pdbx_struct_assembly.oligomeric_count     2 
# 
loop_
_pdbx_struct_assembly_prop.biol_id 
_pdbx_struct_assembly_prop.type 
_pdbx_struct_assembly_prop.value 
_pdbx_struct_assembly_prop.details 
1 'ABSA (A^2)' 1940  ? 
1 MORE         -36   ? 
1 'SSA (A^2)'  11170 ? 
# 
_pdbx_struct_assembly_gen.assembly_id       1 
_pdbx_struct_assembly_gen.oper_expression   1 
_pdbx_struct_assembly_gen.asym_id_list      A,B,C,D,E,F 
# 
_pdbx_struct_oper_list.id                   1 
_pdbx_struct_oper_list.type                 'identity operation' 
_pdbx_struct_oper_list.name                 1_555 
_pdbx_struct_oper_list.symmetry_operation   x,y,z 
_pdbx_struct_oper_list.matrix[1][1]         1.0000000000 
_pdbx_struct_oper_list.matrix[1][2]         0.0000000000 
_pdbx_struct_oper_list.matrix[1][3]         0.0000000000 
_pdbx_struct_oper_list.vector[1]            0.0000000000 
_pdbx_struct_oper_list.matrix[2][1]         0.0000000000 
_pdbx_struct_oper_list.matrix[2][2]         1.0000000000 
_pdbx_struct_oper_list.matrix[2][3]         0.0000000000 
_pdbx_struct_oper_list.vector[2]            0.0000000000 
_pdbx_struct_oper_list.matrix[3][1]         0.0000000000 
_pdbx_struct_oper_list.matrix[3][2]         0.0000000000 
_pdbx_struct_oper_list.matrix[3][3]         1.0000000000 
_pdbx_struct_oper_list.vector[3]            0.0000000000 
# 
_struct_biol.id   1 
# 
loop_
_struct_conf.conf_type_id 
_struct_conf.id 
_struct_conf.pdbx_PDB_helix_id 
_struct_conf.beg_label_comp_id 
_struct_conf.beg_label_asym_id 
_struct_conf.beg_label_seq_id 
_struct_conf.pdbx_beg_PDB_ins_code 
_struct_conf.end_label_comp_id 
_struct_conf.end_label_asym_id 
_struct_conf.end_label_seq_id 
_struct_conf.pdbx_end_PDB_ins_code 
_struct_conf.beg_auth_comp_id 
_struct_conf.beg_auth_asym_id 
_struct_conf.beg_auth_seq_id 
_struct_conf.end_auth_comp_id 
_struct_conf.end_auth_asym_id 
_struct_conf.end_auth_seq_id 
_struct_conf.pdbx_PDB_helix_class 
_struct_conf.details 
_struct_conf.pdbx_PDB_helix_length 
HELX_P HELX_P1  1  GLY A 2  ? VAL A 15 ? GLY A -1 VAL A 12 1 ? 14 
HELX_P HELX_P2  2  GLY A 24 ? GLY A 29 ? GLY A 21 GLY A 26 1 ? 6  
HELX_P HELX_P3  3  ASP A 45 ? GLU A 48 ? ASP A 42 GLU A 45 5 ? 4  
HELX_P HELX_P4  4  ASP A 49 ? PHE A 64 ? ASP A 46 PHE A 61 1 ? 16 
HELX_P HELX_P5  5  THR A 75 ? ARG A 84 ? THR A 72 ARG A 81 1 ? 10 
HELX_P HELX_P6  6  GLY B 2  ? VAL B 15 ? GLY B -1 VAL B 12 1 ? 14 
HELX_P HELX_P7  7  GLY B 24 ? GLY B 29 ? GLY B 21 GLY B 26 1 ? 6  
HELX_P HELX_P8  8  ASP B 45 ? GLU B 48 ? ASP B 42 GLU B 45 5 ? 4  
HELX_P HELX_P9  9  ASP B 49 ? PHE B 64 ? ASP B 46 PHE B 61 1 ? 16 
HELX_P HELX_P10 10 THR B 75 ? ARG B 84 ? THR B 72 ARG B 81 1 ? 10 
# 
_struct_conf_type.id          HELX_P 
_struct_conf_type.criteria    ? 
_struct_conf_type.reference   ? 
# 
loop_
_struct_sheet.id 
_struct_sheet.type 
_struct_sheet.number_strands 
_struct_sheet.details 
A ? 4 ? 
B ? 4 ? 
# 
loop_
_struct_sheet_order.sheet_id 
_struct_sheet_order.range_id_1 
_struct_sheet_order.range_id_2 
_struct_sheet_order.offset 
_struct_sheet_order.sense 
A 1 2 ? parallel      
A 2 3 ? anti-parallel 
A 3 4 ? anti-parallel 
B 1 2 ? parallel      
B 2 3 ? anti-parallel 
B 3 4 ? anti-parallel 
# 
loop_
_struct_sheet_range.sheet_id 
_struct_sheet_range.id 
_struct_sheet_range.beg_label_comp_id 
_struct_sheet_range.beg_label_asym_id 
_struct_sheet_range.beg_label_seq_id 
_struct_sheet_range.pdbx_beg_PDB_ins_code 
_struct_sheet_range.end_label_comp_id 
_struct_sheet_range.end_label_asym_id 
_struct_sheet_range.end_label_seq_id 
_struct_sheet_range.pdbx_end_PDB_ins_code 
_struct_sheet_range.beg_auth_comp_id 
_struct_sheet_range.beg_auth_asym_id 
_struct_sheet_range.beg_auth_seq_id 
_struct_sheet_range.end_auth_comp_id 
_struct_sheet_range.end_auth_asym_id 
_struct_sheet_range.end_auth_seq_id 
A 1 PHE A 69 ? LEU A 74 ? PHE A 66 LEU A 71 
A 2 ILE A 38 ? VAL A 43 ? ILE A 35 VAL A 40 
A 3 GLU A 19 ? TYR A 23 ? GLU A 16 TYR A 20 
A 4 ARG A 90 ? ARG A 91 ? ARG A 87 ARG A 88 
B 1 PHE B 69 ? LEU B 74 ? PHE B 66 LEU B 71 
B 2 ILE B 38 ? VAL B 43 ? ILE B 35 VAL B 40 
B 3 GLU B 19 ? TYR B 23 ? GLU B 16 TYR B 20 
B 4 ARG B 90 ? ARG B 91 ? ARG B 87 ARG B 88 
# 
loop_
_pdbx_struct_sheet_hbond.sheet_id 
_pdbx_struct_sheet_hbond.range_id_1 
_pdbx_struct_sheet_hbond.range_id_2 
_pdbx_struct_sheet_hbond.range_1_label_atom_id 
_pdbx_struct_sheet_hbond.range_1_label_comp_id 
_pdbx_struct_sheet_hbond.range_1_label_asym_id 
_pdbx_struct_sheet_hbond.range_1_label_seq_id 
_pdbx_struct_sheet_hbond.range_1_PDB_ins_code 
_pdbx_struct_sheet_hbond.range_1_auth_atom_id 
_pdbx_struct_sheet_hbond.range_1_auth_comp_id 
_pdbx_struct_sheet_hbond.range_1_auth_asym_id 
_pdbx_struct_sheet_hbond.range_1_auth_seq_id 
_pdbx_struct_sheet_hbond.range_2_label_atom_id 
_pdbx_struct_sheet_hbond.range_2_label_comp_id 
_pdbx_struct_sheet_hbond.range_2_label_asym_id 
_pdbx_struct_sheet_hbond.range_2_label_seq_id 
_pdbx_struct_sheet_hbond.range_2_PDB_ins_code 
_pdbx_struct_sheet_hbond.range_2_auth_atom_id 
_pdbx_struct_sheet_hbond.range_2_auth_comp_id 
_pdbx_struct_sheet_hbond.range_2_auth_asym_id 
_pdbx_struct_sheet_hbond.range_2_auth_seq_id 
A 1 2 O HIS A 72 ? O HIS A 69 N ILE A 42 ? N ILE A 39 
A 2 3 O ALA A 41 ? O ALA A 38 N TYR A 21 ? N TYR A 18 
A 3 4 N LEU A 22 ? N LEU A 19 O ARG A 90 ? O ARG A 87 
B 1 2 O HIS B 72 ? O HIS B 69 N ILE B 42 ? N ILE B 39 
B 2 3 O ALA B 41 ? O ALA B 38 N TYR B 21 ? N TYR B 18 
B 3 4 N LEU B 22 ? N LEU B 19 O ARG B 90 ? O ARG B 87 
# 
loop_
_struct_site.id 
_struct_site.pdbx_evidence_code 
_struct_site.pdbx_auth_asym_id 
_struct_site.pdbx_auth_comp_id 
_struct_site.pdbx_auth_seq_id 
_struct_site.pdbx_auth_ins_code 
_struct_site.pdbx_num_residues 
_struct_site.details 
AC1 Software A SO4 201 ? 8 'BINDING SITE FOR RESIDUE SO4 A 201' 
AC2 Software B SO4 202 ? 8 'BINDING SITE FOR RESIDUE SO4 B 202' 
# 
loop_
_struct_site_gen.id 
_struct_site_gen.site_id 
_struct_site_gen.pdbx_num_res 
_struct_site_gen.label_comp_id 
_struct_site_gen.label_asym_id 
_struct_site_gen.label_seq_id 
_struct_site_gen.pdbx_auth_ins_code 
_struct_site_gen.auth_comp_id 
_struct_site_gen.auth_asym_id 
_struct_site_gen.auth_seq_id 
_struct_site_gen.label_atom_id 
_struct_site_gen.label_alt_id 
_struct_site_gen.symmetry 
_struct_site_gen.details 
1  AC1 8 LEU A 35 ? LEU A 32  . ? 1_555 ? 
2  AC1 8 SER A 36 ? SER A 33  . ? 1_555 ? 
3  AC1 8 ASP A 39 ? ASP A 36  . ? 1_555 ? 
4  AC1 8 ARG A 50 ? ARG A 47  . ? 5_565 ? 
5  AC1 8 ASN A 51 ? ASN A 48  . ? 5_565 ? 
6  AC1 8 GLU A 70 ? GLU A 67  . ? 1_555 ? 
7  AC1 8 HOH E .  ? HOH A 222 . ? 5_565 ? 
8  AC1 8 HOH E .  ? HOH A 240 . ? 5_565 ? 
9  AC2 8 LEU B 35 ? LEU B 32  . ? 1_555 ? 
10 AC2 8 SER B 36 ? SER B 33  . ? 1_555 ? 
11 AC2 8 ASP B 39 ? ASP B 36  . ? 1_555 ? 
12 AC2 8 ARG B 50 ? ARG B 47  . ? 4_455 ? 
13 AC2 8 ASN B 51 ? ASN B 48  . ? 4_455 ? 
14 AC2 8 GLU B 70 ? GLU B 67  . ? 1_555 ? 
15 AC2 8 HOH F .  ? HOH B 223 . ? 4_455 ? 
16 AC2 8 HOH F .  ? HOH B 240 . ? 4_455 ? 
# 
_pdbx_validate_close_contact.id               1 
_pdbx_validate_close_contact.PDB_model_num    1 
_pdbx_validate_close_contact.auth_atom_id_1   OE1 
_pdbx_validate_close_contact.auth_asym_id_1   A 
_pdbx_validate_close_contact.auth_comp_id_1   GLU 
_pdbx_validate_close_contact.auth_seq_id_1    16 
_pdbx_validate_close_contact.PDB_ins_code_1   ? 
_pdbx_validate_close_contact.label_alt_id_1   ? 
_pdbx_validate_close_contact.auth_atom_id_2   O 
_pdbx_validate_close_contact.auth_asym_id_2   A 
_pdbx_validate_close_contact.auth_comp_id_2   HOH 
_pdbx_validate_close_contact.auth_seq_id_2    208 
_pdbx_validate_close_contact.PDB_ins_code_2   ? 
_pdbx_validate_close_contact.label_alt_id_2   ? 
_pdbx_validate_close_contact.dist             2.01 
# 
loop_
_pdbx_validate_rmsd_bond.id 
_pdbx_validate_rmsd_bond.PDB_model_num 
_pdbx_validate_rmsd_bond.auth_atom_id_1 
_pdbx_validate_rmsd_bond.auth_asym_id_1 
_pdbx_validate_rmsd_bond.auth_comp_id_1 
_pdbx_validate_rmsd_bond.auth_seq_id_1 
_pdbx_validate_rmsd_bond.PDB_ins_code_1 
_pdbx_validate_rmsd_bond.label_alt_id_1 
_pdbx_validate_rmsd_bond.auth_atom_id_2 
_pdbx_validate_rmsd_bond.auth_asym_id_2 
_pdbx_validate_rmsd_bond.auth_comp_id_2 
_pdbx_validate_rmsd_bond.auth_seq_id_2 
_pdbx_validate_rmsd_bond.PDB_ins_code_2 
_pdbx_validate_rmsd_bond.label_alt_id_2 
_pdbx_validate_rmsd_bond.bond_value 
_pdbx_validate_rmsd_bond.bond_target_value 
_pdbx_validate_rmsd_bond.bond_deviation 
_pdbx_validate_rmsd_bond.bond_standard_deviation 
_pdbx_validate_rmsd_bond.linker_flag 
1 1 CB A SER 29 ? ? OG A SER 29 ? ? 1.528 1.418 0.110 0.013 N 
2 1 C  A ILE 30 ? ? N  A GLY 31 ? ? 1.500 1.336 0.164 0.023 Y 
# 
loop_
_pdbx_validate_rmsd_angle.id 
_pdbx_validate_rmsd_angle.PDB_model_num 
_pdbx_validate_rmsd_angle.auth_atom_id_1 
_pdbx_validate_rmsd_angle.auth_asym_id_1 
_pdbx_validate_rmsd_angle.auth_comp_id_1 
_pdbx_validate_rmsd_angle.auth_seq_id_1 
_pdbx_validate_rmsd_angle.PDB_ins_code_1 
_pdbx_validate_rmsd_angle.label_alt_id_1 
_pdbx_validate_rmsd_angle.auth_atom_id_2 
_pdbx_validate_rmsd_angle.auth_asym_id_2 
_pdbx_validate_rmsd_angle.auth_comp_id_2 
_pdbx_validate_rmsd_angle.auth_seq_id_2 
_pdbx_validate_rmsd_angle.PDB_ins_code_2 
_pdbx_validate_rmsd_angle.label_alt_id_2 
_pdbx_validate_rmsd_angle.auth_atom_id_3 
_pdbx_validate_rmsd_angle.auth_asym_id_3 
_pdbx_validate_rmsd_angle.auth_comp_id_3 
_pdbx_validate_rmsd_angle.auth_seq_id_3 
_pdbx_validate_rmsd_angle.PDB_ins_code_3 
_pdbx_validate_rmsd_angle.label_alt_id_3 
_pdbx_validate_rmsd_angle.angle_value 
_pdbx_validate_rmsd_angle.angle_target_value 
_pdbx_validate_rmsd_angle.angle_deviation 
_pdbx_validate_rmsd_angle.angle_standard_deviation 
_pdbx_validate_rmsd_angle.linker_flag 
1 1 N A TYR 28 ? ? CA A TYR 28 ? ? C  A TYR 28 ? ? 133.25 111.00 22.25  2.70 N 
2 1 C A ILE 30 ? ? N  A GLY 31 ? ? CA A GLY 31 ? ? 109.54 122.30 -12.76 2.10 Y 
# 
loop_
_pdbx_validate_torsion.id 
_pdbx_validate_torsion.PDB_model_num 
_pdbx_validate_torsion.auth_comp_id 
_pdbx_validate_torsion.auth_asym_id 
_pdbx_validate_torsion.auth_seq_id 
_pdbx_validate_torsion.PDB_ins_code 
_pdbx_validate_torsion.label_alt_id 
_pdbx_validate_torsion.phi 
_pdbx_validate_torsion.psi 
1 1 TYR A 20 ? ? -148.05 -156.48 
2 1 TYR A 28 ? ? 3.24    -44.41  
3 1 TYR B 20 ? ? -150.35 -155.46 
# 
_pdbx_validate_peptide_omega.id               1 
_pdbx_validate_peptide_omega.PDB_model_num    1 
_pdbx_validate_peptide_omega.auth_comp_id_1   ASP 
_pdbx_validate_peptide_omega.auth_asym_id_1   A 
_pdbx_validate_peptide_omega.auth_seq_id_1    27 
_pdbx_validate_peptide_omega.PDB_ins_code_1   ? 
_pdbx_validate_peptide_omega.label_alt_id_1   ? 
_pdbx_validate_peptide_omega.auth_comp_id_2   TYR 
_pdbx_validate_peptide_omega.auth_asym_id_2   A 
_pdbx_validate_peptide_omega.auth_seq_id_2    28 
_pdbx_validate_peptide_omega.PDB_ins_code_2   ? 
_pdbx_validate_peptide_omega.label_alt_id_2   ? 
_pdbx_validate_peptide_omega.omega            71.53 
# 
_pdbx_SG_project.id                    1 
_pdbx_SG_project.project_name          'PSI, Protein Structure Initiative' 
_pdbx_SG_project.full_name_of_center   'Midwest Center for Structural Genomics' 
_pdbx_SG_project.initial_of_center     MCSG 
# 
loop_
_pdbx_refine_tls.pdbx_refine_id 
_pdbx_refine_tls.id 
_pdbx_refine_tls.details 
_pdbx_refine_tls.method 
_pdbx_refine_tls.origin_x 
_pdbx_refine_tls.origin_y 
_pdbx_refine_tls.origin_z 
_pdbx_refine_tls.T[1][1] 
_pdbx_refine_tls.T[2][2] 
_pdbx_refine_tls.T[3][3] 
_pdbx_refine_tls.T[1][2] 
_pdbx_refine_tls.T[1][3] 
_pdbx_refine_tls.T[2][3] 
_pdbx_refine_tls.L[1][1] 
_pdbx_refine_tls.L[2][2] 
_pdbx_refine_tls.L[3][3] 
_pdbx_refine_tls.L[1][2] 
_pdbx_refine_tls.L[1][3] 
_pdbx_refine_tls.L[2][3] 
_pdbx_refine_tls.S[1][1] 
_pdbx_refine_tls.S[2][2] 
_pdbx_refine_tls.S[3][3] 
_pdbx_refine_tls.S[1][2] 
_pdbx_refine_tls.S[1][3] 
_pdbx_refine_tls.S[2][3] 
_pdbx_refine_tls.S[2][1] 
_pdbx_refine_tls.S[3][1] 
_pdbx_refine_tls.S[3][2] 
'X-RAY DIFFRACTION' 1 ? refined -3.9340  -11.0202 0.6907  -0.0046 -0.0932 -0.0907 -0.0144 0.0000  -0.0039 5.2169 5.5297  3.4119 2.3632 -0.7958 -0.3909 -0.1168 0.1611  -0.0442 -0.2684 -0.0382 -0.1113 0.0184  -0.0287 0.1833  
'X-RAY DIFFRACTION' 2 ? refined 7.8852   8.7000   -0.3845 -0.0535 -0.0394 -0.0843 -0.0400 0.0020  -0.0101 4.9750 6.5138  1.8965 2.6289 0.2166  -1.3126 0.1611  -0.1057 -0.0552 0.1486  -0.0994 -0.1671 -0.0165 0.2168  0.0530  
'X-RAY DIFFRACTION' 3 ? refined -13.3332 -9.6290  4.1256  -0.0491 -0.0900 -0.0737 0.0160  0.0462  0.0213  3.7885 6.5519  3.3875 1.3294 0.5688  -0.5222 0.0804  -0.0563 -0.0241 -0.2383 0.3661  0.5024  0.2877  -0.1570 -0.1458 
'X-RAY DIFFRACTION' 4 ? refined 2.6122   16.0570  -4.9332 -0.0893 -0.0453 -0.0835 -0.0121 0.0058  0.0468  3.8012 5.7051  3.3546 1.7871 -0.7277 0.0146  -0.0486 0.1068  -0.0581 0.2453  0.3049  0.5172  -0.3051 0.0131  -0.2140 
'X-RAY DIFFRACTION' 5 ? refined -2.6481  -20.8752 -4.8586 0.0472  -0.1221 -0.0625 0.0302  0.0068  -0.0010 7.1628 4.8016  8.4901 3.7252 -5.2482 -0.6091 -0.1608 0.1323  0.0286  0.1405  -0.3988 -0.2295 -0.3747 0.5292  0.2335  
'X-RAY DIFFRACTION' 6 ? refined 16.4777  12.6194  5.9501  -0.0950 0.0519  -0.0627 -0.0525 -0.0041 -0.0073 2.8700 7.3347  7.7883 3.2670 1.0701  -3.9507 0.2662  -0.3426 0.0764  -0.2353 0.0277  -0.4323 0.4061  -0.0519 0.5004  
'X-RAY DIFFRACTION' 7 ? refined 6.2174   -3.6616  0.4923  0.0399  -0.0148 -0.0622 -0.0595 0.0087  0.0253  4.7356 11.2463 0.7796 5.9392 1.6370  2.9541  -0.1135 0.0962  0.0173  0.1374  -0.2911 -0.4795 0.1428  0.1708  0.2936 
# 
loop_
_pdbx_refine_tls_group.pdbx_refine_id 
_pdbx_refine_tls_group.id 
_pdbx_refine_tls_group.refine_tls_id 
_pdbx_refine_tls_group.beg_auth_asym_id 
_pdbx_refine_tls_group.beg_auth_seq_id 
_pdbx_refine_tls_group.end_auth_asym_id 
_pdbx_refine_tls_group.end_auth_seq_id 
_pdbx_refine_tls_group.selection_details 
_pdbx_refine_tls_group.beg_label_asym_id 
_pdbx_refine_tls_group.beg_label_seq_id 
_pdbx_refine_tls_group.end_label_asym_id 
_pdbx_refine_tls_group.end_label_seq_id 
_pdbx_refine_tls_group.selection 
'X-RAY DIFFRACTION' 1  1 A 16 A 20 ? . . . . ? 
'X-RAY DIFFRACTION' 2  1 A 35 A 40 ? . . . . ? 
'X-RAY DIFFRACTION' 3  1 A 66 A 71 ? . . . . ? 
'X-RAY DIFFRACTION' 4  1 A 87 A 88 ? . . . . ? 
'X-RAY DIFFRACTION' 5  2 B 16 B 20 ? . . . . ? 
'X-RAY DIFFRACTION' 6  2 B 35 B 40 ? . . . . ? 
'X-RAY DIFFRACTION' 7  2 B 66 B 71 ? . . . . ? 
'X-RAY DIFFRACTION' 8  2 B 87 B 88 ? . . . . ? 
'X-RAY DIFFRACTION' 9  3 A 41 A 65 ? . . . . ? 
'X-RAY DIFFRACTION' 10 3 A -1 A 15 ? . . . . ? 
'X-RAY DIFFRACTION' 11 4 B 41 B 65 ? . . . . ? 
'X-RAY DIFFRACTION' 12 4 B -1 B 15 ? . . . . ? 
'X-RAY DIFFRACTION' 13 5 A 72 A 83 ? . . . . ? 
'X-RAY DIFFRACTION' 14 6 B 72 B 83 ? . . . . ? 
'X-RAY DIFFRACTION' 15 7 A 21 A 34 ? . . . . ? 
'X-RAY DIFFRACTION' 16 7 B 21 B 34 ? . . . . ? 
# 
loop_
_pdbx_unobs_or_zero_occ_residues.id 
_pdbx_unobs_or_zero_occ_residues.PDB_model_num 
_pdbx_unobs_or_zero_occ_residues.polymer_flag 
_pdbx_unobs_or_zero_occ_residues.occupancy_flag 
_pdbx_unobs_or_zero_occ_residues.auth_asym_id 
_pdbx_unobs_or_zero_occ_residues.auth_comp_id 
_pdbx_unobs_or_zero_occ_residues.auth_seq_id 
_pdbx_unobs_or_zero_occ_residues.PDB_ins_code 
_pdbx_unobs_or_zero_occ_residues.label_asym_id 
_pdbx_unobs_or_zero_occ_residues.label_comp_id 
_pdbx_unobs_or_zero_occ_residues.label_seq_id 
1 1 Y 1 A LEU 91 ? A LEU 94 
2 1 Y 1 A ILE 92 ? A ILE 95 
3 1 Y 1 A THR 93 ? A THR 96 
4 1 Y 1 B LEU 91 ? B LEU 94 
5 1 Y 1 B ILE 92 ? B ILE 95 
6 1 Y 1 B THR 93 ? B THR 96 
# 
loop_
_chem_comp_atom.comp_id 
_chem_comp_atom.atom_id 
_chem_comp_atom.type_symbol 
_chem_comp_atom.pdbx_aromatic_flag 
_chem_comp_atom.pdbx_stereo_config 
_chem_comp_atom.pdbx_ordinal 
ALA N    N N N 1   
ALA CA   C N S 2   
ALA C    C N N 3   
ALA O    O N N 4   
ALA CB   C N N 5   
ALA OXT  O N N 6   
ALA H    H N N 7   
ALA H2   H N N 8   
ALA HA   H N N 9   
ALA HB1  H N N 10  
ALA HB2  H N N 11  
ALA HB3  H N N 12  
ALA HXT  H N N 13  
ARG N    N N N 14  
ARG CA   C N S 15  
ARG C    C N N 16  
ARG O    O N N 17  
ARG CB   C N N 18  
ARG CG   C N N 19  
ARG CD   C N N 20  
ARG NE   N N N 21  
ARG CZ   C N N 22  
ARG NH1  N N N 23  
ARG NH2  N N N 24  
ARG OXT  O N N 25  
ARG H    H N N 26  
ARG H2   H N N 27  
ARG HA   H N N 28  
ARG HB2  H N N 29  
ARG HB3  H N N 30  
ARG HG2  H N N 31  
ARG HG3  H N N 32  
ARG HD2  H N N 33  
ARG HD3  H N N 34  
ARG HE   H N N 35  
ARG HH11 H N N 36  
ARG HH12 H N N 37  
ARG HH21 H N N 38  
ARG HH22 H N N 39  
ARG HXT  H N N 40  
ASN N    N N N 41  
ASN CA   C N S 42  
ASN C    C N N 43  
ASN O    O N N 44  
ASN CB   C N N 45  
ASN CG   C N N 46  
ASN OD1  O N N 47  
ASN ND2  N N N 48  
ASN OXT  O N N 49  
ASN H    H N N 50  
ASN H2   H N N 51  
ASN HA   H N N 52  
ASN HB2  H N N 53  
ASN HB3  H N N 54  
ASN HD21 H N N 55  
ASN HD22 H N N 56  
ASN HXT  H N N 57  
ASP N    N N N 58  
ASP CA   C N S 59  
ASP C    C N N 60  
ASP O    O N N 61  
ASP CB   C N N 62  
ASP CG   C N N 63  
ASP OD1  O N N 64  
ASP OD2  O N N 65  
ASP OXT  O N N 66  
ASP H    H N N 67  
ASP H2   H N N 68  
ASP HA   H N N 69  
ASP HB2  H N N 70  
ASP HB3  H N N 71  
ASP HD2  H N N 72  
ASP HXT  H N N 73  
GLN N    N N N 74  
GLN CA   C N S 75  
GLN C    C N N 76  
GLN O    O N N 77  
GLN CB   C N N 78  
GLN CG   C N N 79  
GLN CD   C N N 80  
GLN OE1  O N N 81  
GLN NE2  N N N 82  
GLN OXT  O N N 83  
GLN H    H N N 84  
GLN H2   H N N 85  
GLN HA   H N N 86  
GLN HB2  H N N 87  
GLN HB3  H N N 88  
GLN HG2  H N N 89  
GLN HG3  H N N 90  
GLN HE21 H N N 91  
GLN HE22 H N N 92  
GLN HXT  H N N 93  
GLU N    N N N 94  
GLU CA   C N S 95  
GLU C    C N N 96  
GLU O    O N N 97  
GLU CB   C N N 98  
GLU CG   C N N 99  
GLU CD   C N N 100 
GLU OE1  O N N 101 
GLU OE2  O N N 102 
GLU OXT  O N N 103 
GLU H    H N N 104 
GLU H2   H N N 105 
GLU HA   H N N 106 
GLU HB2  H N N 107 
GLU HB3  H N N 108 
GLU HG2  H N N 109 
GLU HG3  H N N 110 
GLU HE2  H N N 111 
GLU HXT  H N N 112 
GLY N    N N N 113 
GLY CA   C N N 114 
GLY C    C N N 115 
GLY O    O N N 116 
GLY OXT  O N N 117 
GLY H    H N N 118 
GLY H2   H N N 119 
GLY HA2  H N N 120 
GLY HA3  H N N 121 
GLY HXT  H N N 122 
HIS N    N N N 123 
HIS CA   C N S 124 
HIS C    C N N 125 
HIS O    O N N 126 
HIS CB   C N N 127 
HIS CG   C Y N 128 
HIS ND1  N Y N 129 
HIS CD2  C Y N 130 
HIS CE1  C Y N 131 
HIS NE2  N Y N 132 
HIS OXT  O N N 133 
HIS H    H N N 134 
HIS H2   H N N 135 
HIS HA   H N N 136 
HIS HB2  H N N 137 
HIS HB3  H N N 138 
HIS HD1  H N N 139 
HIS HD2  H N N 140 
HIS HE1  H N N 141 
HIS HE2  H N N 142 
HIS HXT  H N N 143 
HOH O    O N N 144 
HOH H1   H N N 145 
HOH H2   H N N 146 
ILE N    N N N 147 
ILE CA   C N S 148 
ILE C    C N N 149 
ILE O    O N N 150 
ILE CB   C N S 151 
ILE CG1  C N N 152 
ILE CG2  C N N 153 
ILE CD1  C N N 154 
ILE OXT  O N N 155 
ILE H    H N N 156 
ILE H2   H N N 157 
ILE HA   H N N 158 
ILE HB   H N N 159 
ILE HG12 H N N 160 
ILE HG13 H N N 161 
ILE HG21 H N N 162 
ILE HG22 H N N 163 
ILE HG23 H N N 164 
ILE HD11 H N N 165 
ILE HD12 H N N 166 
ILE HD13 H N N 167 
ILE HXT  H N N 168 
LEU N    N N N 169 
LEU CA   C N S 170 
LEU C    C N N 171 
LEU O    O N N 172 
LEU CB   C N N 173 
LEU CG   C N N 174 
LEU CD1  C N N 175 
LEU CD2  C N N 176 
LEU OXT  O N N 177 
LEU H    H N N 178 
LEU H2   H N N 179 
LEU HA   H N N 180 
LEU HB2  H N N 181 
LEU HB3  H N N 182 
LEU HG   H N N 183 
LEU HD11 H N N 184 
LEU HD12 H N N 185 
LEU HD13 H N N 186 
LEU HD21 H N N 187 
LEU HD22 H N N 188 
LEU HD23 H N N 189 
LEU HXT  H N N 190 
LYS N    N N N 191 
LYS CA   C N S 192 
LYS C    C N N 193 
LYS O    O N N 194 
LYS CB   C N N 195 
LYS CG   C N N 196 
LYS CD   C N N 197 
LYS CE   C N N 198 
LYS NZ   N N N 199 
LYS OXT  O N N 200 
LYS H    H N N 201 
LYS H2   H N N 202 
LYS HA   H N N 203 
LYS HB2  H N N 204 
LYS HB3  H N N 205 
LYS HG2  H N N 206 
LYS HG3  H N N 207 
LYS HD2  H N N 208 
LYS HD3  H N N 209 
LYS HE2  H N N 210 
LYS HE3  H N N 211 
LYS HZ1  H N N 212 
LYS HZ2  H N N 213 
LYS HZ3  H N N 214 
LYS HXT  H N N 215 
MET N    N N N 216 
MET CA   C N S 217 
MET C    C N N 218 
MET O    O N N 219 
MET CB   C N N 220 
MET CG   C N N 221 
MET SD   S N N 222 
MET CE   C N N 223 
MET OXT  O N N 224 
MET H    H N N 225 
MET H2   H N N 226 
MET HA   H N N 227 
MET HB2  H N N 228 
MET HB3  H N N 229 
MET HG2  H N N 230 
MET HG3  H N N 231 
MET HE1  H N N 232 
MET HE2  H N N 233 
MET HE3  H N N 234 
MET HXT  H N N 235 
PHE N    N N N 236 
PHE CA   C N S 237 
PHE C    C N N 238 
PHE O    O N N 239 
PHE CB   C N N 240 
PHE CG   C Y N 241 
PHE CD1  C Y N 242 
PHE CD2  C Y N 243 
PHE CE1  C Y N 244 
PHE CE2  C Y N 245 
PHE CZ   C Y N 246 
PHE OXT  O N N 247 
PHE H    H N N 248 
PHE H2   H N N 249 
PHE HA   H N N 250 
PHE HB2  H N N 251 
PHE HB3  H N N 252 
PHE HD1  H N N 253 
PHE HD2  H N N 254 
PHE HE1  H N N 255 
PHE HE2  H N N 256 
PHE HZ   H N N 257 
PHE HXT  H N N 258 
PRO N    N N N 259 
PRO CA   C N S 260 
PRO C    C N N 261 
PRO O    O N N 262 
PRO CB   C N N 263 
PRO CG   C N N 264 
PRO CD   C N N 265 
PRO OXT  O N N 266 
PRO H    H N N 267 
PRO HA   H N N 268 
PRO HB2  H N N 269 
PRO HB3  H N N 270 
PRO HG2  H N N 271 
PRO HG3  H N N 272 
PRO HD2  H N N 273 
PRO HD3  H N N 274 
PRO HXT  H N N 275 
SER N    N N N 276 
SER CA   C N S 277 
SER C    C N N 278 
SER O    O N N 279 
SER CB   C N N 280 
SER OG   O N N 281 
SER OXT  O N N 282 
SER H    H N N 283 
SER H2   H N N 284 
SER HA   H N N 285 
SER HB2  H N N 286 
SER HB3  H N N 287 
SER HG   H N N 288 
SER HXT  H N N 289 
SO4 S    S N N 290 
SO4 O1   O N N 291 
SO4 O2   O N N 292 
SO4 O3   O N N 293 
SO4 O4   O N N 294 
THR N    N N N 295 
THR CA   C N S 296 
THR C    C N N 297 
THR O    O N N 298 
THR CB   C N R 299 
THR OG1  O N N 300 
THR CG2  C N N 301 
THR OXT  O N N 302 
THR H    H N N 303 
THR H2   H N N 304 
THR HA   H N N 305 
THR HB   H N N 306 
THR HG1  H N N 307 
THR HG21 H N N 308 
THR HG22 H N N 309 
THR HG23 H N N 310 
THR HXT  H N N 311 
TRP N    N N N 312 
TRP CA   C N S 313 
TRP C    C N N 314 
TRP O    O N N 315 
TRP CB   C N N 316 
TRP CG   C Y N 317 
TRP CD1  C Y N 318 
TRP CD2  C Y N 319 
TRP NE1  N Y N 320 
TRP CE2  C Y N 321 
TRP CE3  C Y N 322 
TRP CZ2  C Y N 323 
TRP CZ3  C Y N 324 
TRP CH2  C Y N 325 
TRP OXT  O N N 326 
TRP H    H N N 327 
TRP H2   H N N 328 
TRP HA   H N N 329 
TRP HB2  H N N 330 
TRP HB3  H N N 331 
TRP HD1  H N N 332 
TRP HE1  H N N 333 
TRP HE3  H N N 334 
TRP HZ2  H N N 335 
TRP HZ3  H N N 336 
TRP HH2  H N N 337 
TRP HXT  H N N 338 
TYR N    N N N 339 
TYR CA   C N S 340 
TYR C    C N N 341 
TYR O    O N N 342 
TYR CB   C N N 343 
TYR CG   C Y N 344 
TYR CD1  C Y N 345 
TYR CD2  C Y N 346 
TYR CE1  C Y N 347 
TYR CE2  C Y N 348 
TYR CZ   C Y N 349 
TYR OH   O N N 350 
TYR OXT  O N N 351 
TYR H    H N N 352 
TYR H2   H N N 353 
TYR HA   H N N 354 
TYR HB2  H N N 355 
TYR HB3  H N N 356 
TYR HD1  H N N 357 
TYR HD2  H N N 358 
TYR HE1  H N N 359 
TYR HE2  H N N 360 
TYR HH   H N N 361 
TYR HXT  H N N 362 
VAL N    N N N 363 
VAL CA   C N S 364 
VAL C    C N N 365 
VAL O    O N N 366 
VAL CB   C N N 367 
VAL CG1  C N N 368 
VAL CG2  C N N 369 
VAL OXT  O N N 370 
VAL H    H N N 371 
VAL H2   H N N 372 
VAL HA   H N N 373 
VAL HB   H N N 374 
VAL HG11 H N N 375 
VAL HG12 H N N 376 
VAL HG13 H N N 377 
VAL HG21 H N N 378 
VAL HG22 H N N 379 
VAL HG23 H N N 380 
VAL HXT  H N N 381 
# 
loop_
_chem_comp_bond.comp_id 
_chem_comp_bond.atom_id_1 
_chem_comp_bond.atom_id_2 
_chem_comp_bond.value_order 
_chem_comp_bond.pdbx_aromatic_flag 
_chem_comp_bond.pdbx_stereo_config 
_chem_comp_bond.pdbx_ordinal 
ALA N   CA   sing N N 1   
ALA N   H    sing N N 2   
ALA N   H2   sing N N 3   
ALA CA  C    sing N N 4   
ALA CA  CB   sing N N 5   
ALA CA  HA   sing N N 6   
ALA C   O    doub N N 7   
ALA C   OXT  sing N N 8   
ALA CB  HB1  sing N N 9   
ALA CB  HB2  sing N N 10  
ALA CB  HB3  sing N N 11  
ALA OXT HXT  sing N N 12  
ARG N   CA   sing N N 13  
ARG N   H    sing N N 14  
ARG N   H2   sing N N 15  
ARG CA  C    sing N N 16  
ARG CA  CB   sing N N 17  
ARG CA  HA   sing N N 18  
ARG C   O    doub N N 19  
ARG C   OXT  sing N N 20  
ARG CB  CG   sing N N 21  
ARG CB  HB2  sing N N 22  
ARG CB  HB3  sing N N 23  
ARG CG  CD   sing N N 24  
ARG CG  HG2  sing N N 25  
ARG CG  HG3  sing N N 26  
ARG CD  NE   sing N N 27  
ARG CD  HD2  sing N N 28  
ARG CD  HD3  sing N N 29  
ARG NE  CZ   sing N N 30  
ARG NE  HE   sing N N 31  
ARG CZ  NH1  sing N N 32  
ARG CZ  NH2  doub N N 33  
ARG NH1 HH11 sing N N 34  
ARG NH1 HH12 sing N N 35  
ARG NH2 HH21 sing N N 36  
ARG NH2 HH22 sing N N 37  
ARG OXT HXT  sing N N 38  
ASN N   CA   sing N N 39  
ASN N   H    sing N N 40  
ASN N   H2   sing N N 41  
ASN CA  C    sing N N 42  
ASN CA  CB   sing N N 43  
ASN CA  HA   sing N N 44  
ASN C   O    doub N N 45  
ASN C   OXT  sing N N 46  
ASN CB  CG   sing N N 47  
ASN CB  HB2  sing N N 48  
ASN CB  HB3  sing N N 49  
ASN CG  OD1  doub N N 50  
ASN CG  ND2  sing N N 51  
ASN ND2 HD21 sing N N 52  
ASN ND2 HD22 sing N N 53  
ASN OXT HXT  sing N N 54  
ASP N   CA   sing N N 55  
ASP N   H    sing N N 56  
ASP N   H2   sing N N 57  
ASP CA  C    sing N N 58  
ASP CA  CB   sing N N 59  
ASP CA  HA   sing N N 60  
ASP C   O    doub N N 61  
ASP C   OXT  sing N N 62  
ASP CB  CG   sing N N 63  
ASP CB  HB2  sing N N 64  
ASP CB  HB3  sing N N 65  
ASP CG  OD1  doub N N 66  
ASP CG  OD2  sing N N 67  
ASP OD2 HD2  sing N N 68  
ASP OXT HXT  sing N N 69  
GLN N   CA   sing N N 70  
GLN N   H    sing N N 71  
GLN N   H2   sing N N 72  
GLN CA  C    sing N N 73  
GLN CA  CB   sing N N 74  
GLN CA  HA   sing N N 75  
GLN C   O    doub N N 76  
GLN C   OXT  sing N N 77  
GLN CB  CG   sing N N 78  
GLN CB  HB2  sing N N 79  
GLN CB  HB3  sing N N 80  
GLN CG  CD   sing N N 81  
GLN CG  HG2  sing N N 82  
GLN CG  HG3  sing N N 83  
GLN CD  OE1  doub N N 84  
GLN CD  NE2  sing N N 85  
GLN NE2 HE21 sing N N 86  
GLN NE2 HE22 sing N N 87  
GLN OXT HXT  sing N N 88  
GLU N   CA   sing N N 89  
GLU N   H    sing N N 90  
GLU N   H2   sing N N 91  
GLU CA  C    sing N N 92  
GLU CA  CB   sing N N 93  
GLU CA  HA   sing N N 94  
GLU C   O    doub N N 95  
GLU C   OXT  sing N N 96  
GLU CB  CG   sing N N 97  
GLU CB  HB2  sing N N 98  
GLU CB  HB3  sing N N 99  
GLU CG  CD   sing N N 100 
GLU CG  HG2  sing N N 101 
GLU CG  HG3  sing N N 102 
GLU CD  OE1  doub N N 103 
GLU CD  OE2  sing N N 104 
GLU OE2 HE2  sing N N 105 
GLU OXT HXT  sing N N 106 
GLY N   CA   sing N N 107 
GLY N   H    sing N N 108 
GLY N   H2   sing N N 109 
GLY CA  C    sing N N 110 
GLY CA  HA2  sing N N 111 
GLY CA  HA3  sing N N 112 
GLY C   O    doub N N 113 
GLY C   OXT  sing N N 114 
GLY OXT HXT  sing N N 115 
HIS N   CA   sing N N 116 
HIS N   H    sing N N 117 
HIS N   H2   sing N N 118 
HIS CA  C    sing N N 119 
HIS CA  CB   sing N N 120 
HIS CA  HA   sing N N 121 
HIS C   O    doub N N 122 
HIS C   OXT  sing N N 123 
HIS CB  CG   sing N N 124 
HIS CB  HB2  sing N N 125 
HIS CB  HB3  sing N N 126 
HIS CG  ND1  sing Y N 127 
HIS CG  CD2  doub Y N 128 
HIS ND1 CE1  doub Y N 129 
HIS ND1 HD1  sing N N 130 
HIS CD2 NE2  sing Y N 131 
HIS CD2 HD2  sing N N 132 
HIS CE1 NE2  sing Y N 133 
HIS CE1 HE1  sing N N 134 
HIS NE2 HE2  sing N N 135 
HIS OXT HXT  sing N N 136 
HOH O   H1   sing N N 137 
HOH O   H2   sing N N 138 
ILE N   CA   sing N N 139 
ILE N   H    sing N N 140 
ILE N   H2   sing N N 141 
ILE CA  C    sing N N 142 
ILE CA  CB   sing N N 143 
ILE CA  HA   sing N N 144 
ILE C   O    doub N N 145 
ILE C   OXT  sing N N 146 
ILE CB  CG1  sing N N 147 
ILE CB  CG2  sing N N 148 
ILE CB  HB   sing N N 149 
ILE CG1 CD1  sing N N 150 
ILE CG1 HG12 sing N N 151 
ILE CG1 HG13 sing N N 152 
ILE CG2 HG21 sing N N 153 
ILE CG2 HG22 sing N N 154 
ILE CG2 HG23 sing N N 155 
ILE CD1 HD11 sing N N 156 
ILE CD1 HD12 sing N N 157 
ILE CD1 HD13 sing N N 158 
ILE OXT HXT  sing N N 159 
LEU N   CA   sing N N 160 
LEU N   H    sing N N 161 
LEU N   H2   sing N N 162 
LEU CA  C    sing N N 163 
LEU CA  CB   sing N N 164 
LEU CA  HA   sing N N 165 
LEU C   O    doub N N 166 
LEU C   OXT  sing N N 167 
LEU CB  CG   sing N N 168 
LEU CB  HB2  sing N N 169 
LEU CB  HB3  sing N N 170 
LEU CG  CD1  sing N N 171 
LEU CG  CD2  sing N N 172 
LEU CG  HG   sing N N 173 
LEU CD1 HD11 sing N N 174 
LEU CD1 HD12 sing N N 175 
LEU CD1 HD13 sing N N 176 
LEU CD2 HD21 sing N N 177 
LEU CD2 HD22 sing N N 178 
LEU CD2 HD23 sing N N 179 
LEU OXT HXT  sing N N 180 
LYS N   CA   sing N N 181 
LYS N   H    sing N N 182 
LYS N   H2   sing N N 183 
LYS CA  C    sing N N 184 
LYS CA  CB   sing N N 185 
LYS CA  HA   sing N N 186 
LYS C   O    doub N N 187 
LYS C   OXT  sing N N 188 
LYS CB  CG   sing N N 189 
LYS CB  HB2  sing N N 190 
LYS CB  HB3  sing N N 191 
LYS CG  CD   sing N N 192 
LYS CG  HG2  sing N N 193 
LYS CG  HG3  sing N N 194 
LYS CD  CE   sing N N 195 
LYS CD  HD2  sing N N 196 
LYS CD  HD3  sing N N 197 
LYS CE  NZ   sing N N 198 
LYS CE  HE2  sing N N 199 
LYS CE  HE3  sing N N 200 
LYS NZ  HZ1  sing N N 201 
LYS NZ  HZ2  sing N N 202 
LYS NZ  HZ3  sing N N 203 
LYS OXT HXT  sing N N 204 
MET N   CA   sing N N 205 
MET N   H    sing N N 206 
MET N   H2   sing N N 207 
MET CA  C    sing N N 208 
MET CA  CB   sing N N 209 
MET CA  HA   sing N N 210 
MET C   O    doub N N 211 
MET C   OXT  sing N N 212 
MET CB  CG   sing N N 213 
MET CB  HB2  sing N N 214 
MET CB  HB3  sing N N 215 
MET CG  SD   sing N N 216 
MET CG  HG2  sing N N 217 
MET CG  HG3  sing N N 218 
MET SD  CE   sing N N 219 
MET CE  HE1  sing N N 220 
MET CE  HE2  sing N N 221 
MET CE  HE3  sing N N 222 
MET OXT HXT  sing N N 223 
PHE N   CA   sing N N 224 
PHE N   H    sing N N 225 
PHE N   H2   sing N N 226 
PHE CA  C    sing N N 227 
PHE CA  CB   sing N N 228 
PHE CA  HA   sing N N 229 
PHE C   O    doub N N 230 
PHE C   OXT  sing N N 231 
PHE CB  CG   sing N N 232 
PHE CB  HB2  sing N N 233 
PHE CB  HB3  sing N N 234 
PHE CG  CD1  doub Y N 235 
PHE CG  CD2  sing Y N 236 
PHE CD1 CE1  sing Y N 237 
PHE CD1 HD1  sing N N 238 
PHE CD2 CE2  doub Y N 239 
PHE CD2 HD2  sing N N 240 
PHE CE1 CZ   doub Y N 241 
PHE CE1 HE1  sing N N 242 
PHE CE2 CZ   sing Y N 243 
PHE CE2 HE2  sing N N 244 
PHE CZ  HZ   sing N N 245 
PHE OXT HXT  sing N N 246 
PRO N   CA   sing N N 247 
PRO N   CD   sing N N 248 
PRO N   H    sing N N 249 
PRO CA  C    sing N N 250 
PRO CA  CB   sing N N 251 
PRO CA  HA   sing N N 252 
PRO C   O    doub N N 253 
PRO C   OXT  sing N N 254 
PRO CB  CG   sing N N 255 
PRO CB  HB2  sing N N 256 
PRO CB  HB3  sing N N 257 
PRO CG  CD   sing N N 258 
PRO CG  HG2  sing N N 259 
PRO CG  HG3  sing N N 260 
PRO CD  HD2  sing N N 261 
PRO CD  HD3  sing N N 262 
PRO OXT HXT  sing N N 263 
SER N   CA   sing N N 264 
SER N   H    sing N N 265 
SER N   H2   sing N N 266 
SER CA  C    sing N N 267 
SER CA  CB   sing N N 268 
SER CA  HA   sing N N 269 
SER C   O    doub N N 270 
SER C   OXT  sing N N 271 
SER CB  OG   sing N N 272 
SER CB  HB2  sing N N 273 
SER CB  HB3  sing N N 274 
SER OG  HG   sing N N 275 
SER OXT HXT  sing N N 276 
SO4 S   O1   doub N N 277 
SO4 S   O2   doub N N 278 
SO4 S   O3   sing N N 279 
SO4 S   O4   sing N N 280 
THR N   CA   sing N N 281 
THR N   H    sing N N 282 
THR N   H2   sing N N 283 
THR CA  C    sing N N 284 
THR CA  CB   sing N N 285 
THR CA  HA   sing N N 286 
THR C   O    doub N N 287 
THR C   OXT  sing N N 288 
THR CB  OG1  sing N N 289 
THR CB  CG2  sing N N 290 
THR CB  HB   sing N N 291 
THR OG1 HG1  sing N N 292 
THR CG2 HG21 sing N N 293 
THR CG2 HG22 sing N N 294 
THR CG2 HG23 sing N N 295 
THR OXT HXT  sing N N 296 
TRP N   CA   sing N N 297 
TRP N   H    sing N N 298 
TRP N   H2   sing N N 299 
TRP CA  C    sing N N 300 
TRP CA  CB   sing N N 301 
TRP CA  HA   sing N N 302 
TRP C   O    doub N N 303 
TRP C   OXT  sing N N 304 
TRP CB  CG   sing N N 305 
TRP CB  HB2  sing N N 306 
TRP CB  HB3  sing N N 307 
TRP CG  CD1  doub Y N 308 
TRP CG  CD2  sing Y N 309 
TRP CD1 NE1  sing Y N 310 
TRP CD1 HD1  sing N N 311 
TRP CD2 CE2  doub Y N 312 
TRP CD2 CE3  sing Y N 313 
TRP NE1 CE2  sing Y N 314 
TRP NE1 HE1  sing N N 315 
TRP CE2 CZ2  sing Y N 316 
TRP CE3 CZ3  doub Y N 317 
TRP CE3 HE3  sing N N 318 
TRP CZ2 CH2  doub Y N 319 
TRP CZ2 HZ2  sing N N 320 
TRP CZ3 CH2  sing Y N 321 
TRP CZ3 HZ3  sing N N 322 
TRP CH2 HH2  sing N N 323 
TRP OXT HXT  sing N N 324 
TYR N   CA   sing N N 325 
TYR N   H    sing N N 326 
TYR N   H2   sing N N 327 
TYR CA  C    sing N N 328 
TYR CA  CB   sing N N 329 
TYR CA  HA   sing N N 330 
TYR C   O    doub N N 331 
TYR C   OXT  sing N N 332 
TYR CB  CG   sing N N 333 
TYR CB  HB2  sing N N 334 
TYR CB  HB3  sing N N 335 
TYR CG  CD1  doub Y N 336 
TYR CG  CD2  sing Y N 337 
TYR CD1 CE1  sing Y N 338 
TYR CD1 HD1  sing N N 339 
TYR CD2 CE2  doub Y N 340 
TYR CD2 HD2  sing N N 341 
TYR CE1 CZ   doub Y N 342 
TYR CE1 HE1  sing N N 343 
TYR CE2 CZ   sing Y N 344 
TYR CE2 HE2  sing N N 345 
TYR CZ  OH   sing N N 346 
TYR OH  HH   sing N N 347 
TYR OXT HXT  sing N N 348 
VAL N   CA   sing N N 349 
VAL N   H    sing N N 350 
VAL N   H2   sing N N 351 
VAL CA  C    sing N N 352 
VAL CA  CB   sing N N 353 
VAL CA  HA   sing N N 354 
VAL C   O    doub N N 355 
VAL C   OXT  sing N N 356 
VAL CB  CG1  sing N N 357 
VAL CB  CG2  sing N N 358 
VAL CB  HB   sing N N 359 
VAL CG1 HG11 sing N N 360 
VAL CG1 HG12 sing N N 361 
VAL CG1 HG13 sing N N 362 
VAL CG2 HG21 sing N N 363 
VAL CG2 HG22 sing N N 364 
VAL CG2 HG23 sing N N 365 
VAL OXT HXT  sing N N 366 
# 
_atom_sites.entry_id                    1YLQ 
_atom_sites.fract_transf_matrix[1][1]   -0.02580134 
_atom_sites.fract_transf_matrix[1][2]   0.01539128 
_atom_sites.fract_transf_matrix[1][3]   -0.00200255 
_atom_sites.fract_transf_matrix[2][1]   -0.00461975 
_atom_sites.fract_transf_matrix[2][2]   0.01869632 
_atom_sites.fract_transf_matrix[2][3]   -0.02314557 
_atom_sites.fract_transf_matrix[3][1]   -0.00166354 
_atom_sites.fract_transf_matrix[3][2]   -0.00306792 
_atom_sites.fract_transf_matrix[3][3]   -0.00214614 
_atom_sites.fract_transf_vector[1]      0.113640 
_atom_sites.fract_transf_vector[2]      0.556864 
_atom_sites.fract_transf_vector[3]      0.083368 
# 
loop_
_atom_type.symbol 
C 
N 
O 
S 
# 
loop_
_atom_site.group_PDB 
_atom_site.id 
_atom_site.type_symbol 
_atom_site.label_atom_id 
_atom_site.label_alt_id 
_atom_site.label_comp_id 
_atom_site.label_asym_id 
_atom_site.label_entity_id 
_atom_site.label_seq_id 
_atom_site.pdbx_PDB_ins_code 
_atom_site.Cartn_x 
_atom_site.Cartn_y 
_atom_site.Cartn_z 
_atom_site.occupancy 
_atom_site.B_iso_or_equiv 
_atom_site.pdbx_formal_charge 
_atom_site.auth_seq_id 
_atom_site.auth_comp_id 
_atom_site.auth_asym_id 
_atom_site.auth_atom_id 
_atom_site.pdbx_PDB_model_num 
ATOM   1    N N   . ALA A 1 1  ? -1.484  3.767   6.931   1.00 38.00 ? -2  ALA A N   1 
ATOM   2    C CA  . ALA A 1 1  ? -2.412  4.783   7.471   1.00 38.46 ? -2  ALA A CA  1 
ATOM   3    C C   . ALA A 1 1  ? -3.479  3.954   8.129   1.00 37.61 ? -2  ALA A C   1 
ATOM   4    O O   . ALA A 1 1  ? -4.673  4.255   8.107   1.00 40.84 ? -2  ALA A O   1 
ATOM   5    C CB  . ALA A 1 1  ? -2.976  5.678   6.387   1.00 38.82 ? -2  ALA A CB  1 
ATOM   6    N N   . GLY A 1 2  ? -3.002  2.893   8.745   1.00 35.94 ? -1  GLY A N   1 
ATOM   7    C CA  . GLY A 1 2  ? -3.830  2.066   9.522   1.00 32.99 ? -1  GLY A CA  1 
ATOM   8    C C   . GLY A 1 2  ? -4.923  1.372   8.718   1.00 32.04 ? -1  GLY A C   1 
ATOM   9    O O   . GLY A 1 2  ? -5.862  0.949   9.354   1.00 31.74 ? -1  GLY A O   1 
ATOM   10   N N   . HIS A 1 3  ? -4.835  1.247   7.373   1.00 29.93 ? 0   HIS A N   1 
ATOM   11   C CA  . HIS A 1 3  ? -5.856  0.424   6.620   1.00 29.36 ? 0   HIS A CA  1 
ATOM   12   C C   . HIS A 1 3  ? -5.660  -1.084  6.806   1.00 28.80 ? 0   HIS A C   1 
ATOM   13   O O   . HIS A 1 3  ? -6.642  -1.849  6.890   1.00 28.01 ? 0   HIS A O   1 
ATOM   14   C CB  . HIS A 1 3  ? -5.923  0.734   5.098   1.00 28.81 ? 0   HIS A CB  1 
ATOM   15   C CG  . HIS A 1 3  ? -6.357  2.144   4.759   1.00 30.59 ? 0   HIS A CG  1 
ATOM   16   N ND1 . HIS A 1 3  ? -6.989  2.478   3.574   1.00 23.84 ? 0   HIS A ND1 1 
ATOM   17   C CD2 . HIS A 1 3  ? -6.194  3.298   5.439   1.00 28.87 ? 0   HIS A CD2 1 
ATOM   18   C CE1 . HIS A 1 3  ? -7.248  3.766   3.573   1.00 35.22 ? 0   HIS A CE1 1 
ATOM   19   N NE2 . HIS A 1 3  ? -6.758  4.296   4.686   1.00 37.86 ? 0   HIS A NE2 1 
ATOM   20   N N   . MET A 1 4  ? -4.404  -1.527  6.834   1.00 28.17 ? 1   MET A N   1 
ATOM   21   C CA  . MET A 1 4  ? -4.129  -2.938  7.033   1.00 29.60 ? 1   MET A CA  1 
ATOM   22   C C   . MET A 1 4  ? -4.637  -3.478  8.346   1.00 28.97 ? 1   MET A C   1 
ATOM   23   O O   . MET A 1 4  ? -5.093  -4.608  8.394   1.00 26.72 ? 1   MET A O   1 
ATOM   24   C CB  . MET A 1 4  ? -2.668  -3.246  6.866   1.00 30.01 ? 1   MET A CB  1 
ATOM   25   C CG  . MET A 1 4  ? -2.441  -3.743  5.447   1.00 36.85 ? 1   MET A CG  1 
ATOM   26   S SD  . MET A 1 4  ? -1.102  -2.777  4.914   1.00 50.18 ? 1   MET A SD  1 
ATOM   27   C CE  . MET A 1 4  ? 0.198   -3.531  5.849   1.00 47.71 ? 1   MET A CE  1 
ATOM   28   N N   . LYS A 1 5  ? -4.565  -2.635  9.376   1.00 27.65 ? 2   LYS A N   1 
ATOM   29   C CA  . LYS A 1 5  ? -5.152  -2.899  10.703  1.00 28.20 ? 2   LYS A CA  1 
ATOM   30   C C   . LYS A 1 5  ? -6.648  -3.158  10.561  1.00 27.60 ? 2   LYS A C   1 
ATOM   31   O O   . LYS A 1 5  ? -7.161  -4.109  11.145  1.00 28.13 ? 2   LYS A O   1 
ATOM   32   C CB  . LYS A 1 5  ? -4.888  -1.701  11.641  1.00 27.01 ? 2   LYS A CB  1 
ATOM   33   C CG  . LYS A 1 5  ? -5.278  -1.860  13.136  1.00 29.61 ? 2   LYS A CG  1 
ATOM   34   C CD  . LYS A 1 5  ? -5.102  -0.498  13.863  1.00 28.63 ? 2   LYS A CD  1 
ATOM   35   C CE  . LYS A 1 5  ? -5.086  -0.639  15.434  1.00 31.50 ? 2   LYS A CE  1 
ATOM   36   N NZ  . LYS A 1 5  ? -4.610  0.585   16.148  1.00 31.85 ? 2   LYS A NZ  1 
ATOM   37   N N   . GLU A 1 6  ? -7.313  -2.322  9.767   1.00 26.40 ? 3   GLU A N   1 
ATOM   38   C CA  . GLU A 1 6  ? -8.741  -2.395  9.506   1.00 27.66 ? 3   GLU A CA  1 
ATOM   39   C C   . GLU A 1 6  ? -9.092  -3.665  8.729   1.00 25.69 ? 3   GLU A C   1 
ATOM   40   O O   . GLU A 1 6  ? -10.024 -4.316  9.097   1.00 24.50 ? 3   GLU A O   1 
ATOM   41   C CB  . GLU A 1 6  ? -9.202  -1.212  8.686   1.00 27.85 ? 3   GLU A CB  1 
ATOM   42   C CG  . GLU A 1 6  ? -10.329 -0.397  9.276   1.00 35.39 ? 3   GLU A CG  1 
ATOM   43   C CD  . GLU A 1 6  ? -10.233 1.114   8.925   1.00 40.16 ? 3   GLU A CD  1 
ATOM   44   O OE1 . GLU A 1 6  ? -9.652  1.483   7.867   1.00 40.87 ? 3   GLU A OE1 1 
ATOM   45   O OE2 . GLU A 1 6  ? -10.736 1.943   9.723   1.00 45.26 ? 3   GLU A OE2 1 
ATOM   46   N N   . ILE A 1 7  ? -8.370  -3.972  7.651   1.00 26.34 ? 4   ILE A N   1 
ATOM   47   C CA  . ILE A 1 7  ? -8.501  -5.278  6.953   1.00 27.30 ? 4   ILE A CA  1 
ATOM   48   C C   . ILE A 1 7  ? -8.427  -6.501  7.931   1.00 28.27 ? 4   ILE A C   1 
ATOM   49   O O   . ILE A 1 7  ? -9.252  -7.430  7.850   1.00 28.20 ? 4   ILE A O   1 
ATOM   50   C CB  . ILE A 1 7  ? -7.431  -5.397  5.795   1.00 28.65 ? 4   ILE A CB  1 
ATOM   51   C CG1 . ILE A 1 7  ? -7.667  -4.270  4.750   1.00 28.83 ? 4   ILE A CG1 1 
ATOM   52   C CG2 . ILE A 1 7  ? -7.411  -6.822  5.186   1.00 26.06 ? 4   ILE A CG2 1 
ATOM   53   C CD1 . ILE A 1 7  ? -6.594  -4.081  3.652   1.00 26.49 ? 4   ILE A CD1 1 
ATOM   54   N N   . LYS A 1 8  ? -7.426  -6.532  8.814   1.00 28.57 ? 5   LYS A N   1 
ATOM   55   C CA  . LYS A 1 8  ? -7.265  -7.714  9.680   1.00 29.07 ? 5   LYS A CA  1 
ATOM   56   C C   . LYS A 1 8  ? -8.504  -7.740  10.583  1.00 28.92 ? 5   LYS A C   1 
ATOM   57   O O   . LYS A 1 8  ? -9.076  -8.803  10.844  1.00 27.43 ? 5   LYS A O   1 
ATOM   58   C CB  . LYS A 1 8  ? -5.946  -7.644  10.482  1.00 31.45 ? 5   LYS A CB  1 
ATOM   59   C CG  . LYS A 1 8  ? -5.483  -8.947  11.283  1.00 32.79 ? 5   LYS A CG  1 
ATOM   60   C CD  . LYS A 1 8  ? -4.520  -9.854  10.433  1.00 39.24 ? 5   LYS A CD  1 
ATOM   61   C CE  . LYS A 1 8  ? -4.208  -11.274 11.056  1.00 38.86 ? 5   LYS A CE  1 
ATOM   62   N NZ  . LYS A 1 8  ? -4.651  -12.489 10.229  1.00 46.22 ? 5   LYS A NZ  1 
ATOM   63   N N   . GLU A 1 9  ? -8.955  -6.572  11.044  1.00 28.93 ? 6   GLU A N   1 
ATOM   64   C CA  . GLU A 1 9  ? -10.081 -6.564  11.991  1.00 30.33 ? 6   GLU A CA  1 
ATOM   65   C C   . GLU A 1 9  ? -11.420 -7.004  11.418  1.00 29.72 ? 6   GLU A C   1 
ATOM   66   O O   . GLU A 1 9  ? -12.070 -7.864  12.002  1.00 28.50 ? 6   GLU A O   1 
ATOM   67   C CB  . GLU A 1 9  ? -10.165 -5.268  12.772  1.00 30.52 ? 6   GLU A CB  1 
ATOM   68   C CG  . GLU A 1 9  ? -9.073  -5.251  13.849  1.00 37.03 ? 6   GLU A CG  1 
ATOM   69   C CD  . GLU A 1 9  ? -8.851  -6.640  14.521  1.00 43.62 ? 6   GLU A CD  1 
ATOM   70   O OE1 . GLU A 1 9  ? -9.601  -7.009  15.473  1.00 47.64 ? 6   GLU A OE1 1 
ATOM   71   O OE2 . GLU A 1 9  ? -7.921  -7.370  14.105  1.00 45.59 ? 6   GLU A OE2 1 
ATOM   72   N N   . ILE A 1 10 ? -11.796 -6.442  10.273  1.00 28.96 ? 7   ILE A N   1 
ATOM   73   C CA  . ILE A 1 10 ? -12.974 -6.860  9.514   1.00 30.03 ? 7   ILE A CA  1 
ATOM   74   C C   . ILE A 1 10 ? -12.894 -8.362  9.203   1.00 29.69 ? 7   ILE A C   1 
ATOM   75   O O   . ILE A 1 10 ? -13.876 -9.083  9.334   1.00 29.60 ? 7   ILE A O   1 
ATOM   76   C CB  . ILE A 1 10 ? -13.078 -6.038  8.188   1.00 30.59 ? 7   ILE A CB  1 
ATOM   77   C CG1 . ILE A 1 10 ? -13.397 -4.575  8.523   1.00 33.11 ? 7   ILE A CG1 1 
ATOM   78   C CG2 . ILE A 1 10 ? -14.092 -6.684  7.176   1.00 32.76 ? 7   ILE A CG2 1 
ATOM   79   C CD1 . ILE A 1 10 ? -12.947 -3.564  7.462   1.00 38.89 ? 7   ILE A CD1 1 
ATOM   80   N N   . THR A 1 11 ? -11.718 -8.829  8.799   1.00 28.81 ? 8   THR A N   1 
ATOM   81   C CA  . THR A 1 11 ? -11.570 -10.201 8.317   1.00 28.98 ? 8   THR A CA  1 
ATOM   82   C C   . THR A 1 11 ? -11.817 -11.144 9.504   1.00 30.31 ? 8   THR A C   1 
ATOM   83   O O   . THR A 1 11 ? -12.678 -12.048 9.448   1.00 30.48 ? 8   THR A O   1 
ATOM   84   C CB  . THR A 1 11 ? -10.152 -10.440 7.742   1.00 28.21 ? 8   THR A CB  1 
ATOM   85   O OG1 . THR A 1 11 ? -9.982  -9.651  6.566   1.00 27.86 ? 8   THR A OG1 1 
ATOM   86   C CG2 . THR A 1 11 ? -9.877  -11.954 7.441   1.00 30.24 ? 8   THR A CG2 1 
ATOM   87   N N   . LYS A 1 12 ? -11.099 -10.894 10.587  1.00 30.94 ? 9   LYS A N   1 
ATOM   88   C CA  . LYS A 1 12 ? -11.144 -11.800 11.726  1.00 32.04 ? 9   LYS A CA  1 
ATOM   89   C C   . LYS A 1 12 ? -12.504 -11.775 12.470  1.00 31.55 ? 9   LYS A C   1 
ATOM   90   O O   . LYS A 1 12 ? -12.864 -12.753 13.142  1.00 29.88 ? 9   LYS A O   1 
ATOM   91   C CB  . LYS A 1 12 ? -9.989  -11.502 12.677  1.00 33.04 ? 9   LYS A CB  1 
ATOM   92   C CG  . LYS A 1 12 ? -8.602  -12.031 12.241  1.00 36.78 ? 9   LYS A CG  1 
ATOM   93   C CD  . LYS A 1 12 ? -8.655  -13.245 11.281  1.00 43.03 ? 9   LYS A CD  1 
ATOM   94   C CE  . LYS A 1 12 ? -7.652  -14.330 11.704  1.00 46.07 ? 9   LYS A CE  1 
ATOM   95   N NZ  . LYS A 1 12 ? -6.739  -13.861 12.779  1.00 48.95 ? 9   LYS A NZ  1 
ATOM   96   N N   . LYS A 1 13 ? -13.259 -10.679 12.309  1.00 30.96 ? 10  LYS A N   1 
ATOM   97   C CA  . LYS A 1 13 ? -14.626 -10.576 12.841  1.00 31.13 ? 10  LYS A CA  1 
ATOM   98   C C   . LYS A 1 13 ? -15.595 -11.533 12.139  1.00 30.78 ? 10  LYS A C   1 
ATOM   99   O O   . LYS A 1 13 ? -16.507 -12.101 12.757  1.00 30.33 ? 10  LYS A O   1 
ATOM   100  C CB  . LYS A 1 13 ? -15.142 -9.153  12.702  1.00 31.58 ? 10  LYS A CB  1 
ATOM   101  C CG  . LYS A 1 13 ? -16.405 -8.940  13.475  1.00 34.10 ? 10  LYS A CG  1 
ATOM   102  C CD  . LYS A 1 13 ? -17.038 -7.566  13.304  1.00 35.92 ? 10  LYS A CD  1 
ATOM   103  C CE  . LYS A 1 13 ? -18.445 -7.664  13.928  1.00 36.95 ? 10  LYS A CE  1 
ATOM   104  N NZ  . LYS A 1 13 ? -19.286 -6.469  13.647  1.00 39.18 ? 10  LYS A NZ  1 
ATOM   105  N N   . ASP A 1 14 ? -15.413 -11.661 10.843  1.00 30.26 ? 11  ASP A N   1 
ATOM   106  C CA  . ASP A 1 14 ? -16.248 -12.528 9.999   1.00 32.00 ? 11  ASP A CA  1 
ATOM   107  C C   . ASP A 1 14 ? -15.712 -13.976 9.972   1.00 31.28 ? 11  ASP A C   1 
ATOM   108  O O   . ASP A 1 14 ? -16.417 -14.960 10.280  1.00 31.62 ? 11  ASP A O   1 
ATOM   109  C CB  . ASP A 1 14 ? -16.310 -11.928 8.577   1.00 31.63 ? 11  ASP A CB  1 
ATOM   110  C CG  . ASP A 1 14 ? -17.398 -12.571 7.721   1.00 35.03 ? 11  ASP A CG  1 
ATOM   111  O OD1 . ASP A 1 14 ? -17.741 -13.775 7.938   1.00 34.60 ? 11  ASP A OD1 1 
ATOM   112  O OD2 . ASP A 1 14 ? -17.909 -11.864 6.838   1.00 35.37 ? 11  ASP A OD2 1 
ATOM   113  N N   . VAL A 1 15 ? -14.439 -14.108 9.660   1.00 31.51 ? 12  VAL A N   1 
ATOM   114  C CA  . VAL A 1 15 ? -13.848 -15.446 9.456   1.00 32.23 ? 12  VAL A CA  1 
ATOM   115  C C   . VAL A 1 15 ? -12.643 -15.584 10.387  1.00 31.01 ? 12  VAL A C   1 
ATOM   116  O O   . VAL A 1 15 ? -11.540 -15.174 10.036  1.00 29.95 ? 12  VAL A O   1 
ATOM   117  C CB  . VAL A 1 15 ? -13.417 -15.676 7.970   1.00 33.90 ? 12  VAL A CB  1 
ATOM   118  C CG1 . VAL A 1 15 ? -12.832 -17.103 7.771   1.00 34.55 ? 12  VAL A CG1 1 
ATOM   119  C CG2 . VAL A 1 15 ? -14.575 -15.443 7.003   1.00 34.68 ? 12  VAL A CG2 1 
ATOM   120  N N   . GLN A 1 16 ? -12.867 -16.185 11.553  1.00 29.04 ? 13  GLN A N   1 
ATOM   121  C CA  . GLN A 1 16 ? -11.870 -16.239 12.608  1.00 29.99 ? 13  GLN A CA  1 
ATOM   122  C C   . GLN A 1 16 ? -10.587 -16.933 12.155  1.00 29.30 ? 13  GLN A C   1 
ATOM   123  O O   . GLN A 1 16 ? -9.486  -16.546 12.557  1.00 28.60 ? 13  GLN A O   1 
ATOM   124  C CB  . GLN A 1 16 ? -12.450 -16.995 13.821  1.00 29.82 ? 13  GLN A CB  1 
ATOM   125  C CG  . GLN A 1 16 ? -11.586 -16.889 15.020  1.00 36.72 ? 13  GLN A CG  1 
ATOM   126  C CD  . GLN A 1 16 ? -12.308 -17.313 16.269  1.00 42.64 ? 13  GLN A CD  1 
ATOM   127  O OE1 . GLN A 1 16 ? -13.316 -18.031 16.190  1.00 44.80 ? 13  GLN A OE1 1 
ATOM   128  N NE2 . GLN A 1 16 ? -11.813 -16.870 17.439  1.00 44.54 ? 13  GLN A NE2 1 
ATOM   129  N N   . ASP A 1 17 ? -10.721 -17.965 11.327  1.00 28.64 ? 14  ASP A N   1 
ATOM   130  C CA  . ASP A 1 17 ? -9.534  -18.743 10.968  1.00 28.03 ? 14  ASP A CA  1 
ATOM   131  C C   . ASP A 1 17 ? -8.795  -18.221 9.750   1.00 27.00 ? 14  ASP A C   1 
ATOM   132  O O   . ASP A 1 17 ? -7.841  -18.861 9.285   1.00 26.66 ? 14  ASP A O   1 
ATOM   133  C CB  . ASP A 1 17 ? -9.866  -20.247 10.806  1.00 27.42 ? 14  ASP A CB  1 
ATOM   134  C CG  . ASP A 1 17 ? -10.641 -20.569 9.486   1.00 27.41 ? 14  ASP A CG  1 
ATOM   135  O OD1 . ASP A 1 17 ? -10.871 -19.699 8.619   1.00 28.10 ? 14  ASP A OD1 1 
ATOM   136  O OD2 . ASP A 1 17 ? -11.058 -21.735 9.300   1.00 32.33 ? 14  ASP A OD2 1 
ATOM   137  N N   . ALA A 1 18 ? -9.230  -17.087 9.204   1.00 27.05 ? 15  ALA A N   1 
ATOM   138  C CA  . ALA A 1 18 ? -8.640  -16.649 7.964   1.00 27.37 ? 15  ALA A CA  1 
ATOM   139  C C   . ALA A 1 18 ? -7.184  -16.226 8.089   1.00 27.73 ? 15  ALA A C   1 
ATOM   140  O O   . ALA A 1 18 ? -6.711  -15.736 9.155   1.00 29.23 ? 15  ALA A O   1 
ATOM   141  C CB  . ALA A 1 18 ? -9.506  -15.594 7.220   1.00 27.51 ? 15  ALA A CB  1 
ATOM   142  N N   . GLU A 1 19 ? -6.435  -16.478 7.027   1.00 26.59 ? 16  GLU A N   1 
ATOM   143  C CA  . GLU A 1 19 ? -5.071  -16.016 6.972   1.00 26.44 ? 16  GLU A CA  1 
ATOM   144  C C   . GLU A 1 19 ? -4.958  -14.975 5.897   1.00 24.98 ? 16  GLU A C   1 
ATOM   145  O O   . GLU A 1 19 ? -5.697  -15.025 4.899   1.00 24.91 ? 16  GLU A O   1 
ATOM   146  C CB  . GLU A 1 19 ? -4.093  -17.155 6.732   1.00 26.69 ? 16  GLU A CB  1 
ATOM   147  C CG  . GLU A 1 19 ? -3.995  -18.140 7.934   1.00 32.39 ? 16  GLU A CG  1 
ATOM   148  C CD  . GLU A 1 19 ? -3.053  -17.658 9.081   1.00 38.11 ? 16  GLU A CD  1 
ATOM   149  O OE1 . GLU A 1 19 ? -2.950  -16.433 9.432   1.00 36.74 ? 16  GLU A OE1 1 
ATOM   150  O OE2 . GLU A 1 19 ? -2.422  -18.550 9.673   1.00 42.50 ? 16  GLU A OE2 1 
ATOM   151  N N   . ILE A 1 20 ? -4.113  -13.975 6.148   1.00 22.86 ? 17  ILE A N   1 
ATOM   152  C CA  . ILE A 1 20 ? -3.998  -12.879 5.193   1.00 24.16 ? 17  ILE A CA  1 
ATOM   153  C C   . ILE A 1 20 ? -2.578  -12.793 4.700   1.00 23.84 ? 17  ILE A C   1 
ATOM   154  O O   . ILE A 1 20 ? -1.637  -12.741 5.501   1.00 23.67 ? 17  ILE A O   1 
ATOM   155  C CB  . ILE A 1 20 ? -4.456  -11.503 5.813   1.00 25.20 ? 17  ILE A CB  1 
ATOM   156  C CG1 . ILE A 1 20 ? -5.893  -11.616 6.329   1.00 23.96 ? 17  ILE A CG1 1 
ATOM   157  C CG2 . ILE A 1 20 ? -4.242  -10.350 4.783   1.00 23.69 ? 17  ILE A CG2 1 
ATOM   158  C CD1 . ILE A 1 20 ? -6.200  -10.610 7.463   1.00 22.42 ? 17  ILE A CD1 1 
ATOM   159  N N   . TYR A 1 21 ? -2.451  -12.733 3.382   1.00 24.52 ? 18  TYR A N   1 
ATOM   160  C CA  . TYR A 1 21 ? -1.153  -12.586 2.753   1.00 25.05 ? 18  TYR A CA  1 
ATOM   161  C C   . TYR A 1 21 ? -1.110  -11.351 1.867   1.00 25.08 ? 18  TYR A C   1 
ATOM   162  O O   . TYR A 1 21 ? -2.070  -11.100 1.115   1.00 26.42 ? 18  TYR A O   1 
ATOM   163  C CB  . TYR A 1 21 ? -0.946  -13.801 1.855   1.00 23.67 ? 18  TYR A CB  1 
ATOM   164  C CG  . TYR A 1 21 ? -1.056  -15.102 2.583   1.00 21.58 ? 18  TYR A CG  1 
ATOM   165  C CD1 . TYR A 1 21 ? 0.043   -15.648 3.222   1.00 22.20 ? 18  TYR A CD1 1 
ATOM   166  C CD2 . TYR A 1 21 ? -2.275  -15.797 2.632   1.00 23.97 ? 18  TYR A CD2 1 
ATOM   167  C CE1 . TYR A 1 21 ? -0.031  -16.871 3.878   1.00 26.57 ? 18  TYR A CE1 1 
ATOM   168  C CE2 . TYR A 1 21 ? -2.385  -17.010 3.347   1.00 23.97 ? 18  TYR A CE2 1 
ATOM   169  C CZ  . TYR A 1 21 ? -1.239  -17.548 3.928   1.00 26.30 ? 18  TYR A CZ  1 
ATOM   170  O OH  . TYR A 1 21 ? -1.308  -18.743 4.617   1.00 26.22 ? 18  TYR A OH  1 
ATOM   171  N N   . LEU A 1 22 ? 0.027   -10.646 1.878   1.00 24.39 ? 19  LEU A N   1 
ATOM   172  C CA  . LEU A 1 22 ? 0.243   -9.430  1.065   1.00 24.82 ? 19  LEU A CA  1 
ATOM   173  C C   . LEU A 1 22 ? 1.207   -9.711  -0.089  1.00 25.05 ? 19  LEU A C   1 
ATOM   174  O O   . LEU A 1 22 ? 2.215   -10.386 0.084   1.00 25.23 ? 19  LEU A O   1 
ATOM   175  C CB  . LEU A 1 22 ? 0.795   -8.283  1.949   1.00 24.04 ? 19  LEU A CB  1 
ATOM   176  C CG  . LEU A 1 22 ? -0.101  -7.791  3.112   1.00 26.93 ? 19  LEU A CG  1 
ATOM   177  C CD1 . LEU A 1 22 ? 0.544   -6.515  3.830   1.00 25.62 ? 19  LEU A CD1 1 
ATOM   178  C CD2 . LEU A 1 22 ? -1.525  -7.449  2.577   1.00 25.20 ? 19  LEU A CD2 1 
ATOM   179  N N   . TYR A 1 23 ? 0.873   -9.254  -1.286  1.00 25.58 ? 20  TYR A N   1 
ATOM   180  C CA  . TYR A 1 23 ? 1.824   -9.241  -2.384  1.00 25.44 ? 20  TYR A CA  1 
ATOM   181  C C   . TYR A 1 23 ? 1.495   -8.035  -3.266  1.00 25.55 ? 20  TYR A C   1 
ATOM   182  O O   . TYR A 1 23 ? 0.965   -7.016  -2.763  1.00 24.41 ? 20  TYR A O   1 
ATOM   183  C CB  . TYR A 1 23 ? 1.865   -10.607 -3.125  1.00 26.83 ? 20  TYR A CB  1 
ATOM   184  C CG  . TYR A 1 23 ? 0.521   -11.151 -3.551  1.00 27.59 ? 20  TYR A CG  1 
ATOM   185  C CD1 . TYR A 1 23 ? -0.342  -11.672 -2.587  1.00 34.15 ? 20  TYR A CD1 1 
ATOM   186  C CD2 . TYR A 1 23 ? 0.135   -11.222 -4.926  1.00 28.18 ? 20  TYR A CD2 1 
ATOM   187  C CE1 . TYR A 1 23 ? -1.572  -12.185 -2.925  1.00 31.74 ? 20  TYR A CE1 1 
ATOM   188  C CE2 . TYR A 1 23 ? -1.182  -11.758 -5.291  1.00 28.28 ? 20  TYR A CE2 1 
ATOM   189  C CZ  . TYR A 1 23 ? -1.980  -12.236 -4.238  1.00 29.36 ? 20  TYR A CZ  1 
ATOM   190  O OH  . TYR A 1 23 ? -3.217  -12.805 -4.378  1.00 32.41 ? 20  TYR A OH  1 
ATOM   191  N N   . GLY A 1 24 ? 1.887   -8.082  -4.528  1.00 25.60 ? 21  GLY A N   1 
ATOM   192  C CA  . GLY A 1 24 ? 1.730   -6.923  -5.431  1.00 25.79 ? 21  GLY A CA  1 
ATOM   193  C C   . GLY A 1 24 ? 3.029   -6.097  -5.464  1.00 26.62 ? 21  GLY A C   1 
ATOM   194  O O   . GLY A 1 24 ? 4.040   -6.523  -4.918  1.00 26.90 ? 21  GLY A O   1 
ATOM   195  N N   . SER A 1 25 ? 3.009   -4.953  -6.125  1.00 27.54 ? 22  SER A N   1 
ATOM   196  C CA  . SER A 1 25 ? 4.273   -4.267  -6.517  1.00 29.68 ? 22  SER A CA  1 
ATOM   197  C C   . SER A 1 25 ? 5.184   -3.976  -5.340  1.00 30.61 ? 22  SER A C   1 
ATOM   198  O O   . SER A 1 25 ? 6.390   -4.250  -5.396  1.00 30.05 ? 22  SER A O   1 
ATOM   199  C CB  . SER A 1 25 ? 4.008   -2.989  -7.308  1.00 30.34 ? 22  SER A CB  1 
ATOM   200  O OG  . SER A 1 25 ? 3.249   -2.070  -6.569  1.00 33.94 ? 22  SER A OG  1 
ATOM   201  N N   . VAL A 1 26 ? 4.584   -3.515  -4.235  1.00 31.82 ? 23  VAL A N   1 
ATOM   202  C CA  . VAL A 1 26 ? 5.395   -3.080  -3.092  1.00 32.86 ? 23  VAL A CA  1 
ATOM   203  C C   . VAL A 1 26 ? 6.154   -4.246  -2.477  1.00 33.93 ? 23  VAL A C   1 
ATOM   204  O O   . VAL A 1 26 ? 7.388   -4.187  -2.296  1.00 34.49 ? 23  VAL A O   1 
ATOM   205  C CB  . VAL A 1 26 ? 4.580   -2.252  -2.097  1.00 32.89 ? 23  VAL A CB  1 
ATOM   206  C CG1 . VAL A 1 26 ? 5.451   -1.857  -0.871  1.00 33.76 ? 23  VAL A CG1 1 
ATOM   207  C CG2 . VAL A 1 26 ? 4.107   -0.967  -2.788  1.00 30.23 ? 23  VAL A CG2 1 
ATOM   208  N N   . VAL A 1 27 ? 5.449   -5.347  -2.264  1.00 33.61 ? 24  VAL A N   1 
ATOM   209  C CA  . VAL A 1 27 ? 6.039   -6.523  -1.635  1.00 33.89 ? 24  VAL A CA  1 
ATOM   210  C C   . VAL A 1 27 ? 7.024   -7.186  -2.611  1.00 35.23 ? 24  VAL A C   1 
ATOM   211  O O   . VAL A 1 27 ? 8.123   -7.601  -2.189  1.00 36.01 ? 24  VAL A O   1 
ATOM   212  C CB  . VAL A 1 27 ? 4.944   -7.539  -1.143  1.00 32.58 ? 24  VAL A CB  1 
ATOM   213  C CG1 . VAL A 1 27 ? 5.549   -8.917  -0.808  1.00 32.83 ? 24  VAL A CG1 1 
ATOM   214  C CG2 . VAL A 1 27 ? 4.122   -6.968  0.070   1.00 30.83 ? 24  VAL A CG2 1 
ATOM   215  N N   . GLU A 1 28 ? 6.656   -7.239  -3.900  1.00 35.93 ? 25  GLU A N   1 
ATOM   216  C CA  . GLU A 1 28 ? 7.366   -8.062  -4.904  1.00 36.16 ? 25  GLU A CA  1 
ATOM   217  C C   . GLU A 1 28 ? 8.530   -7.363  -5.622  1.00 38.66 ? 25  GLU A C   1 
ATOM   218  O O   . GLU A 1 28 ? 9.367   -8.040  -6.222  1.00 38.52 ? 25  GLU A O   1 
ATOM   219  C CB  . GLU A 1 28 ? 6.387   -8.671  -5.941  1.00 35.30 ? 25  GLU A CB  1 
ATOM   220  C CG  . GLU A 1 28 ? 5.314   -9.637  -5.327  1.00 33.30 ? 25  GLU A CG  1 
ATOM   221  C CD  . GLU A 1 28 ? 4.340   -10.223 -6.337  1.00 33.46 ? 25  GLU A CD  1 
ATOM   222  O OE1 . GLU A 1 28 ? 4.734   -11.033 -7.191  1.00 26.14 ? 25  GLU A OE1 1 
ATOM   223  O OE2 . GLU A 1 28 ? 3.142   -9.901  -6.260  1.00 34.09 ? 25  GLU A OE2 1 
ATOM   224  N N   . GLY A 1 29 ? 8.548   -6.028  -5.626  1.00 41.67 ? 26  GLY A N   1 
ATOM   225  C CA  . GLY A 1 29 ? 9.615   -5.269  -6.323  1.00 45.35 ? 26  GLY A CA  1 
ATOM   226  C C   . GLY A 1 29 ? 9.424   -4.838  -7.784  1.00 47.77 ? 26  GLY A C   1 
ATOM   227  O O   . GLY A 1 29 ? 10.164  -3.975  -8.281  1.00 49.30 ? 26  GLY A O   1 
ATOM   228  N N   . ASP A 1 30 ? 8.500   -5.479  -8.497  1.00 49.95 ? 27  ASP A N   1 
ATOM   229  C CA  . ASP A 1 30 ? 7.940   -4.990  -9.774  1.00 51.57 ? 27  ASP A CA  1 
ATOM   230  C C   . ASP A 1 30 ? 6.796   -4.170  -9.242  1.00 51.34 ? 27  ASP A C   1 
ATOM   231  O O   . ASP A 1 30 ? 5.750   -4.737  -8.965  1.00 51.97 ? 27  ASP A O   1 
ATOM   232  C CB  . ASP A 1 30 ? 7.390   -6.208  -10.543 1.00 52.52 ? 27  ASP A CB  1 
ATOM   233  C CG  . ASP A 1 30 ? 6.277   -5.844  -11.564 1.00 55.62 ? 27  ASP A CG  1 
ATOM   234  O OD1 . ASP A 1 30 ? 5.749   -4.688  -11.580 1.00 58.00 ? 27  ASP A OD1 1 
ATOM   235  O OD2 . ASP A 1 30 ? 5.907   -6.773  -12.336 1.00 55.94 ? 27  ASP A OD2 1 
ATOM   236  N N   . TYR A 1 31 ? 6.902   -2.847  -9.098  1.00 51.41 ? 28  TYR A N   1 
ATOM   237  C CA  . TYR A 1 31 ? 6.953   -1.745  -10.096 1.00 49.68 ? 28  TYR A CA  1 
ATOM   238  C C   . TYR A 1 31 ? 6.839   -1.706  -11.616 1.00 49.79 ? 28  TYR A C   1 
ATOM   239  O O   . TYR A 1 31 ? 6.129   -0.821  -12.079 1.00 49.54 ? 28  TYR A O   1 
ATOM   240  C CB  . TYR A 1 31 ? 7.827   -0.591  -9.564  1.00 49.80 ? 28  TYR A CB  1 
ATOM   241  C CG  . TYR A 1 31 ? 7.853   -0.598  -8.059  1.00 49.27 ? 28  TYR A CG  1 
ATOM   242  C CD1 . TYR A 1 31 ? 6.723   -0.234  -7.301  1.00 46.12 ? 28  TYR A CD1 1 
ATOM   243  C CD2 . TYR A 1 31 ? 8.999   -1.017  -7.382  1.00 49.43 ? 28  TYR A CD2 1 
ATOM   244  C CE1 . TYR A 1 31 ? 6.764   -0.258  -5.907  1.00 47.32 ? 28  TYR A CE1 1 
ATOM   245  C CE2 . TYR A 1 31 ? 9.038   -1.055  -5.987  1.00 49.13 ? 28  TYR A CE2 1 
ATOM   246  C CZ  . TYR A 1 31 ? 7.933   -0.683  -5.266  1.00 47.32 ? 28  TYR A CZ  1 
ATOM   247  O OH  . TYR A 1 31 ? 8.027   -0.735  -3.905  1.00 49.85 ? 28  TYR A OH  1 
ATOM   248  N N   . SER A 1 32 ? 7.470   -2.573  -12.409 1.00 49.48 ? 29  SER A N   1 
ATOM   249  C CA  . SER A 1 32 ? 7.398   -2.334  -13.866 1.00 49.21 ? 29  SER A CA  1 
ATOM   250  C C   . SER A 1 32 ? 6.624   -3.334  -14.771 1.00 48.96 ? 29  SER A C   1 
ATOM   251  O O   . SER A 1 32 ? 6.856   -3.396  -15.983 1.00 48.86 ? 29  SER A O   1 
ATOM   252  C CB  . SER A 1 32 ? 8.782   -1.974  -14.422 1.00 49.39 ? 29  SER A CB  1 
ATOM   253  O OG  . SER A 1 32 ? 9.230   -0.706  -13.696 1.00 49.56 ? 29  SER A OG  1 
ATOM   254  N N   . ILE A 1 33 ? 5.691   -4.079  -14.169 1.00 48.45 ? 30  ILE A N   1 
ATOM   255  C CA  . ILE A 1 33 ? 4.812   -5.038  -14.874 1.00 48.06 ? 30  ILE A CA  1 
ATOM   256  C C   . ILE A 1 33 ? 3.311   -4.824  -14.526 1.00 46.70 ? 30  ILE A C   1 
ATOM   257  O O   . ILE A 1 33 ? 2.410   -5.703  -14.765 1.00 46.77 ? 30  ILE A O   1 
ATOM   258  C CB  . ILE A 1 33 ? 5.267   -6.526  -14.617 1.00 48.35 ? 30  ILE A CB  1 
ATOM   259  C CG1 . ILE A 1 33 ? 6.411   -6.939  -15.574 1.00 50.26 ? 30  ILE A CG1 1 
ATOM   260  C CG2 . ILE A 1 33 ? 4.079   -7.526  -14.649 1.00 49.47 ? 30  ILE A CG2 1 
ATOM   261  C CD1 . ILE A 1 33 ? 7.821   -6.551  -15.087 1.00 51.64 ? 30  ILE A CD1 1 
ATOM   262  N N   . GLY A 1 34 ? 3.018   -3.443  -14.021 1.00 45.14 ? 31  GLY A N   1 
ATOM   263  C CA  . GLY A 1 34 ? 1.538   -3.293  -13.797 1.00 42.86 ? 31  GLY A CA  1 
ATOM   264  C C   . GLY A 1 34 ? 0.849   -4.237  -12.806 1.00 40.73 ? 31  GLY A C   1 
ATOM   265  O O   . GLY A 1 34 ? -0.357  -4.442  -12.884 1.00 40.00 ? 31  GLY A O   1 
ATOM   266  N N   . LEU A 1 35 ? 1.601   -4.772  -11.852 1.00 39.18 ? 32  LEU A N   1 
ATOM   267  C CA  . LEU A 1 35 ? 0.984   -5.487  -10.719 1.00 38.38 ? 32  LEU A CA  1 
ATOM   268  C C   . LEU A 1 35 ? 0.146   -4.481  -9.932  1.00 37.16 ? 32  LEU A C   1 
ATOM   269  O O   . LEU A 1 35 ? 0.428   -3.281  -9.987  1.00 37.59 ? 32  LEU A O   1 
ATOM   270  C CB  . LEU A 1 35 ? 2.057   -6.030  -9.794  1.00 37.84 ? 32  LEU A CB  1 
ATOM   271  C CG  . LEU A 1 35 ? 3.093   -7.055  -10.248 1.00 37.16 ? 32  LEU A CG  1 
ATOM   272  C CD1 . LEU A 1 35 ? 3.829   -7.526  -8.965  1.00 33.53 ? 32  LEU A CD1 1 
ATOM   273  C CD2 . LEU A 1 35 ? 2.413   -8.205  -10.964 1.00 35.99 ? 32  LEU A CD2 1 
ATOM   274  N N   . SER A 1 36 ? -0.870  -4.952  -9.217  1.00 35.29 ? 33  SER A N   1 
ATOM   275  C CA  . SER A 1 36 ? -1.547  -4.095  -8.245  1.00 34.78 ? 33  SER A CA  1 
ATOM   276  C C   . SER A 1 36 ? -0.588  -3.583  -7.132  1.00 33.00 ? 33  SER A C   1 
ATOM   277  O O   . SER A 1 36 ? 0.349   -4.282  -6.778  1.00 33.02 ? 33  SER A O   1 
ATOM   278  C CB  . SER A 1 36 ? -2.725  -4.833  -7.628  1.00 34.66 ? 33  SER A CB  1 
ATOM   279  O OG  . SER A 1 36 ? -3.225  -4.064  -6.542  1.00 36.72 ? 33  SER A OG  1 
ATOM   280  N N   . ASP A 1 37 ? -0.844  -2.401  -6.568  1.00 31.47 ? 34  ASP A N   1 
ATOM   281  C CA  . ASP A 1 37 ? 0.025   -1.817  -5.515  1.00 30.29 ? 34  ASP A CA  1 
ATOM   282  C C   . ASP A 1 37 ? 0.183   -2.761  -4.314  1.00 29.98 ? 34  ASP A C   1 
ATOM   283  O O   . ASP A 1 37 ? 1.305   -3.068  -3.898  1.00 30.03 ? 34  ASP A O   1 
ATOM   284  C CB  . ASP A 1 37 ? -0.498  -0.468  -5.023  1.00 29.87 ? 34  ASP A CB  1 
ATOM   285  C CG  . ASP A 1 37 ? -0.502  0.639   -6.134  1.00 32.54 ? 34  ASP A CG  1 
ATOM   286  O OD1 . ASP A 1 37 ? 0.221   0.536   -7.130  1.00 30.98 ? 34  ASP A OD1 1 
ATOM   287  O OD2 . ASP A 1 37 ? -1.259  1.613   -5.996  1.00 34.35 ? 34  ASP A OD2 1 
ATOM   288  N N   . ILE A 1 38 ? -0.947  -3.182  -3.737  1.00 28.82 ? 35  ILE A N   1 
ATOM   289  C CA  . ILE A 1 38 ? -0.960  -4.195  -2.696  1.00 27.78 ? 35  ILE A CA  1 
ATOM   290  C C   . ILE A 1 38 ? -2.068  -5.190  -3.109  1.00 28.00 ? 35  ILE A C   1 
ATOM   291  O O   . ILE A 1 38 ? -3.253  -4.816  -3.273  1.00 28.34 ? 35  ILE A O   1 
ATOM   292  C CB  . ILE A 1 38 ? -1.209  -3.610  -1.282  1.00 28.91 ? 35  ILE A CB  1 
ATOM   293  C CG1 . ILE A 1 38 ? -0.144  -2.557  -0.927  1.00 28.37 ? 35  ILE A CG1 1 
ATOM   294  C CG2 . ILE A 1 38 ? -1.261  -4.749  -0.201  1.00 27.99 ? 35  ILE A CG2 1 
ATOM   295  C CD1 . ILE A 1 38 ? -0.507  -1.738  0.360   1.00 29.86 ? 35  ILE A CD1 1 
ATOM   296  N N   . ASP A 1 39 ? -1.671  -6.425  -3.369  1.00 25.86 ? 36  ASP A N   1 
ATOM   297  C CA  . ASP A 1 39 ? -2.661  -7.538  -3.411  1.00 26.42 ? 36  ASP A CA  1 
ATOM   298  C C   . ASP A 1 39 ? -2.825  -8.091  -1.998  1.00 25.91 ? 36  ASP A C   1 
ATOM   299  O O   . ASP A 1 39 ? -1.853  -8.182  -1.234  1.00 26.37 ? 36  ASP A O   1 
ATOM   300  C CB  . ASP A 1 39 ? -2.208  -8.629  -4.344  1.00 25.68 ? 36  ASP A CB  1 
ATOM   301  C CG  . ASP A 1 39 ? -2.192  -8.173  -5.777  1.00 32.05 ? 36  ASP A CG  1 
ATOM   302  O OD1 . ASP A 1 39 ? -3.300  -7.981  -6.339  1.00 32.55 ? 36  ASP A OD1 1 
ATOM   303  O OD2 . ASP A 1 39 ? -1.072  -7.921  -6.305  1.00 32.45 ? 36  ASP A OD2 1 
ATOM   304  N N   . VAL A 1 40 ? -4.060  -8.404  -1.645  1.00 26.31 ? 37  VAL A N   1 
ATOM   305  C CA  . VAL A 1 40 ? -4.399  -8.957  -0.321  1.00 25.95 ? 37  VAL A CA  1 
ATOM   306  C C   . VAL A 1 40 ? -5.154  -10.253 -0.543  1.00 25.12 ? 37  VAL A C   1 
ATOM   307  O O   . VAL A 1 40 ? -6.295  -10.250 -1.005  1.00 25.93 ? 37  VAL A O   1 
ATOM   308  C CB  . VAL A 1 40 ? -5.303  -8.023  0.462   1.00 25.99 ? 37  VAL A CB  1 
ATOM   309  C CG1 . VAL A 1 40 ? -5.456  -8.528  1.922   1.00 24.47 ? 37  VAL A CG1 1 
ATOM   310  C CG2 . VAL A 1 40 ? -4.739  -6.599  0.512   1.00 26.12 ? 37  VAL A CG2 1 
ATOM   311  N N   . ALA A 1 41 ? -4.532  -11.369 -0.217  1.00 24.73 ? 38  ALA A N   1 
ATOM   312  C CA  . ALA A 1 41 ? -5.246  -12.657 -0.320  1.00 24.22 ? 38  ALA A CA  1 
ATOM   313  C C   . ALA A 1 41 ? -5.769  -12.994 1.083   1.00 23.93 ? 38  ALA A C   1 
ATOM   314  O O   . ALA A 1 41 ? -5.014  -12.975 2.057   1.00 24.74 ? 38  ALA A O   1 
ATOM   315  C CB  . ALA A 1 41 ? -4.339  -13.713 -0.853  1.00 22.42 ? 38  ALA A CB  1 
ATOM   316  N N   . ILE A 1 42 ? -7.075  -13.223 1.188   1.00 24.39 ? 39  ILE A N   1 
ATOM   317  C CA  . ILE A 1 42 ? -7.698  -13.604 2.436   1.00 22.44 ? 39  ILE A CA  1 
ATOM   318  C C   . ILE A 1 42 ? -8.208  -15.034 2.259   1.00 23.31 ? 39  ILE A C   1 
ATOM   319  O O   . ILE A 1 42 ? -9.058  -15.297 1.417   1.00 23.94 ? 39  ILE A O   1 
ATOM   320  C CB  . ILE A 1 42 ? -8.811  -12.610 2.801   1.00 23.25 ? 39  ILE A CB  1 
ATOM   321  C CG1 . ILE A 1 42 ? -8.221  -11.174 2.787   1.00 23.39 ? 39  ILE A CG1 1 
ATOM   322  C CG2 . ILE A 1 42 ? -9.501  -13.026 4.222   1.00 22.23 ? 39  ILE A CG2 1 
ATOM   323  C CD1 . ILE A 1 42 ? -9.203  -10.095 2.998   1.00 25.52 ? 39  ILE A CD1 1 
ATOM   324  N N   . VAL A 1 43 ? -7.663  -15.970 3.034   1.00 22.18 ? 40  VAL A N   1 
ATOM   325  C CA  . VAL A 1 43 ? -7.678  -17.365 2.656   1.00 23.08 ? 40  VAL A CA  1 
ATOM   326  C C   . VAL A 1 43 ? -8.293  -18.193 3.780   1.00 23.23 ? 40  VAL A C   1 
ATOM   327  O O   . VAL A 1 43 ? -7.821  -18.159 4.913   1.00 22.40 ? 40  VAL A O   1 
ATOM   328  C CB  . VAL A 1 43 ? -6.234  -17.884 2.410   1.00 21.68 ? 40  VAL A CB  1 
ATOM   329  C CG1 . VAL A 1 43 ? -6.234  -19.375 2.084   1.00 22.69 ? 40  VAL A CG1 1 
ATOM   330  C CG2 . VAL A 1 43 ? -5.492  -17.018 1.296   1.00 23.42 ? 40  VAL A CG2 1 
ATOM   331  N N   . SER A 1 44 ? -9.345  -18.953 3.452   1.00 24.95 ? 41  SER A N   1 
ATOM   332  C CA  . SER A 1 44 ? -9.961  -19.857 4.455   1.00 25.61 ? 41  SER A CA  1 
ATOM   333  C C   . SER A 1 44 ? -10.814 -20.831 3.687   1.00 25.09 ? 41  SER A C   1 
ATOM   334  O O   . SER A 1 44 ? -11.406 -20.449 2.673   1.00 25.82 ? 41  SER A O   1 
ATOM   335  C CB  . SER A 1 44 ? -10.880 -19.049 5.389   1.00 24.90 ? 41  SER A CB  1 
ATOM   336  O OG  . SER A 1 44 ? -11.668 -19.941 6.168   1.00 26.66 ? 41  SER A OG  1 
ATOM   337  N N   . ASP A 1 45 ? -10.959 -22.062 4.182   1.00 24.05 ? 42  ASP A N   1 
ATOM   338  C CA  . ASP A 1 45 ? -11.898 -22.978 3.509   1.00 23.53 ? 42  ASP A CA  1 
ATOM   339  C C   . ASP A 1 45 ? -13.359 -22.643 3.815   1.00 24.29 ? 42  ASP A C   1 
ATOM   340  O O   . ASP A 1 45 ? -14.280 -23.191 3.206   1.00 24.01 ? 42  ASP A O   1 
ATOM   341  C CB  . ASP A 1 45 ? -11.579 -24.441 3.814   1.00 23.60 ? 42  ASP A CB  1 
ATOM   342  C CG  . ASP A 1 45 ? -10.405 -24.946 3.002   1.00 23.38 ? 42  ASP A CG  1 
ATOM   343  O OD1 . ASP A 1 45 ? -9.987  -24.300 1.984   1.00 22.77 ? 42  ASP A OD1 1 
ATOM   344  O OD2 . ASP A 1 45 ? -9.917  -26.026 3.342   1.00 22.60 ? 42  ASP A OD2 1 
ATOM   345  N N   . VAL A 1 46 ? -13.591 -21.708 4.712   1.00 24.03 ? 43  VAL A N   1 
ATOM   346  C CA  . VAL A 1 46 ? -14.963 -21.146 4.805   1.00 27.22 ? 43  VAL A CA  1 
ATOM   347  C C   . VAL A 1 46 ? -15.454 -20.600 3.428   1.00 25.80 ? 43  VAL A C   1 
ATOM   348  O O   . VAL A 1 46 ? -16.621 -20.630 3.112   1.00 27.26 ? 43  VAL A O   1 
ATOM   349  C CB  . VAL A 1 46 ? -15.034 -20.052 5.909   1.00 27.29 ? 43  VAL A CB  1 
ATOM   350  C CG1 . VAL A 1 46 ? -16.394 -19.413 5.980   1.00 33.39 ? 43  VAL A CG1 1 
ATOM   351  C CG2 . VAL A 1 46 ? -14.738 -20.701 7.306   1.00 27.22 ? 43  VAL A CG2 1 
ATOM   352  N N   . PHE A 1 47 ? -14.548 -20.131 2.597   1.00 25.55 ? 44  PHE A N   1 
ATOM   353  C CA  . PHE A 1 47 ? -14.914 -19.563 1.301   1.00 25.01 ? 44  PHE A CA  1 
ATOM   354  C C   . PHE A 1 47 ? -15.229 -20.624 0.242   1.00 26.09 ? 44  PHE A C   1 
ATOM   355  O O   . PHE A 1 47 ? -15.522 -20.285 -0.931  1.00 25.04 ? 44  PHE A O   1 
ATOM   356  C CB  . PHE A 1 47 ? -13.815 -18.611 0.839   1.00 23.83 ? 44  PHE A CB  1 
ATOM   357  C CG  . PHE A 1 47 ? -13.620 -17.422 1.773   1.00 23.61 ? 44  PHE A CG  1 
ATOM   358  C CD1 . PHE A 1 47 ? -14.712 -16.659 2.182   1.00 25.83 ? 44  PHE A CD1 1 
ATOM   359  C CD2 . PHE A 1 47 ? -12.335 -17.042 2.187   1.00 24.40 ? 44  PHE A CD2 1 
ATOM   360  C CE1 . PHE A 1 47 ? -14.549 -15.562 3.027   1.00 28.81 ? 44  PHE A CE1 1 
ATOM   361  C CE2 . PHE A 1 47 ? -12.147 -15.915 3.009   1.00 28.58 ? 44  PHE A CE2 1 
ATOM   362  C CZ  . PHE A 1 47 ? -13.247 -15.199 3.450   1.00 29.38 ? 44  PHE A CZ  1 
ATOM   363  N N   . GLU A 1 48 ? -15.197 -21.899 0.658   1.00 26.98 ? 45  GLU A N   1 
ATOM   364  C CA  . GLU A 1 48 ? -15.718 -22.966 -0.193  1.00 28.38 ? 45  GLU A CA  1 
ATOM   365  C C   . GLU A 1 48 ? -17.226 -22.721 -0.437  1.00 28.65 ? 45  GLU A C   1 
ATOM   366  O O   . GLU A 1 48 ? -17.779 -23.182 -1.393  1.00 28.99 ? 45  GLU A O   1 
ATOM   367  C CB  . GLU A 1 48 ? -15.493 -24.348 0.416   1.00 28.35 ? 45  GLU A CB  1 
ATOM   368  C CG  . GLU A 1 48 ? -14.103 -24.863 0.248   1.00 30.22 ? 45  GLU A CG  1 
ATOM   369  C CD  . GLU A 1 48 ? -13.850 -26.129 1.076   1.00 37.37 ? 45  GLU A CD  1 
ATOM   370  O OE1 . GLU A 1 48 ? -14.719 -26.487 1.911   1.00 39.12 ? 45  GLU A OE1 1 
ATOM   371  O OE2 . GLU A 1 48 ? -12.799 -26.760 0.882   1.00 34.57 ? 45  GLU A OE2 1 
ATOM   372  N N   . ASP A 1 49 ? -17.864 -21.969 0.439   1.00 28.09 ? 46  ASP A N   1 
ATOM   373  C CA  . ASP A 1 49 ? -19.267 -21.619 0.258   1.00 27.81 ? 46  ASP A CA  1 
ATOM   374  C C   . ASP A 1 49 ? -19.292 -20.285 -0.475  1.00 27.28 ? 46  ASP A C   1 
ATOM   375  O O   . ASP A 1 49 ? -18.887 -19.257 0.088   1.00 26.66 ? 46  ASP A O   1 
ATOM   376  C CB  . ASP A 1 49 ? -19.966 -21.528 1.625   1.00 28.51 ? 46  ASP A CB  1 
ATOM   377  C CG  . ASP A 1 49 ? -21.391 -21.042 1.521   1.00 30.34 ? 46  ASP A CG  1 
ATOM   378  O OD1 . ASP A 1 49 ? -21.755 -20.441 0.521   1.00 32.20 ? 46  ASP A OD1 1 
ATOM   379  O OD2 . ASP A 1 49 ? -22.163 -21.240 2.448   1.00 34.56 ? 46  ASP A OD2 1 
ATOM   380  N N   . ARG A 1 50 ? -19.705 -20.316 -1.749  1.00 26.03 ? 47  ARG A N   1 
ATOM   381  C CA  . ARG A 1 50 ? -19.723 -19.128 -2.617  1.00 27.03 ? 47  ARG A CA  1 
ATOM   382  C C   . ARG A 1 50 ? -20.489 -17.986 -1.988  1.00 26.58 ? 47  ARG A C   1 
ATOM   383  O O   . ARG A 1 50 ? -20.163 -16.832 -2.187  1.00 26.80 ? 47  ARG A O   1 
ATOM   384  C CB  . ARG A 1 50 ? -20.355 -19.497 -3.961  1.00 26.03 ? 47  ARG A CB  1 
ATOM   385  C CG  . ARG A 1 50 ? -20.576 -18.328 -4.946  1.00 30.52 ? 47  ARG A CG  1 
ATOM   386  C CD  . ARG A 1 50 ? -20.586 -18.855 -6.370  1.00 29.05 ? 47  ARG A CD  1 
ATOM   387  N NE  . ARG A 1 50 ? -21.657 -19.805 -6.613  1.00 25.33 ? 47  ARG A NE  1 
ATOM   388  C CZ  . ARG A 1 50 ? -21.861 -20.444 -7.764  1.00 23.98 ? 47  ARG A CZ  1 
ATOM   389  N NH1 . ARG A 1 50 ? -21.017 -20.315 -8.786  1.00 26.62 ? 47  ARG A NH1 1 
ATOM   390  N NH2 . ARG A 1 50 ? -22.891 -21.239 -7.878  1.00 19.18 ? 47  ARG A NH2 1 
ATOM   391  N N   . ASN A 1 51 ? -21.533 -18.300 -1.227  1.00 26.16 ? 48  ASN A N   1 
ATOM   392  C CA  . ASN A 1 51 ? -22.363 -17.254 -0.640  1.00 26.22 ? 48  ASN A CA  1 
ATOM   393  C C   . ASN A 1 51 ? -21.579 -16.475 0.409   1.00 25.93 ? 48  ASN A C   1 
ATOM   394  O O   . ASN A 1 51 ? -21.748 -15.266 0.575   1.00 26.90 ? 48  ASN A O   1 
ATOM   395  C CB  . ASN A 1 51 ? -23.624 -17.871 -0.050  1.00 26.33 ? 48  ASN A CB  1 
ATOM   396  C CG  . ASN A 1 51 ? -24.513 -18.428 -1.117  1.00 28.08 ? 48  ASN A CG  1 
ATOM   397  O OD1 . ASN A 1 51 ? -24.915 -17.709 -2.031  1.00 25.00 ? 48  ASN A OD1 1 
ATOM   398  N ND2 . ASN A 1 51 ? -24.760 -19.728 -1.062  1.00 27.77 ? 48  ASN A ND2 1 
ATOM   399  N N   . ARG A 1 52 ? -20.725 -17.186 1.113   1.00 26.36 ? 49  ARG A N   1 
ATOM   400  C CA  . ARG A 1 52 ? -19.805 -16.605 2.099   1.00 27.62 ? 49  ARG A CA  1 
ATOM   401  C C   . ARG A 1 52 ? -18.708 -15.769 1.439   1.00 26.23 ? 49  ARG A C   1 
ATOM   402  O O   . ARG A 1 52 ? -18.373 -14.679 1.923   1.00 25.46 ? 49  ARG A O   1 
ATOM   403  C CB  . ARG A 1 52 ? -19.192 -17.737 2.947   1.00 28.40 ? 49  ARG A CB  1 
ATOM   404  C CG  . ARG A 1 52 ? -18.480 -17.259 4.216   1.00 32.61 ? 49  ARG A CG  1 
ATOM   405  C CD  . ARG A 1 52 ? -19.441 -16.691 5.308   1.00 33.69 ? 49  ARG A CD  1 
ATOM   406  N NE  . ARG A 1 52 ? -18.641 -16.260 6.460   1.00 35.12 ? 49  ARG A NE  1 
ATOM   407  C CZ  . ARG A 1 52 ? -18.333 -17.080 7.461   1.00 37.68 ? 49  ARG A CZ  1 
ATOM   408  N NH1 . ARG A 1 52 ? -18.776 -18.351 7.439   1.00 36.61 ? 49  ARG A NH1 1 
ATOM   409  N NH2 . ARG A 1 52 ? -17.590 -16.656 8.476   1.00 38.20 ? 49  ARG A NH2 1 
ATOM   410  N N   . LYS A 1 53 ? -18.179 -16.258 0.331   1.00 26.13 ? 50  LYS A N   1 
ATOM   411  C CA  . LYS A 1 53 ? -17.134 -15.548 -0.406  1.00 29.35 ? 50  LYS A CA  1 
ATOM   412  C C   . LYS A 1 53 ? -17.759 -14.232 -0.883  1.00 29.30 ? 50  LYS A C   1 
ATOM   413  O O   . LYS A 1 53 ? -17.165 -13.156 -0.717  1.00 30.67 ? 50  LYS A O   1 
ATOM   414  C CB  . LYS A 1 53 ? -16.719 -16.400 -1.613  1.00 30.29 ? 50  LYS A CB  1 
ATOM   415  C CG  . LYS A 1 53 ? -15.350 -16.105 -2.156  1.00 33.65 ? 50  LYS A CG  1 
ATOM   416  C CD  . LYS A 1 53 ? -15.099 -16.932 -3.414  1.00 34.28 ? 50  LYS A CD  1 
ATOM   417  C CE  . LYS A 1 53 ? -14.258 -18.132 -3.090  1.00 29.96 ? 50  LYS A CE  1 
ATOM   418  N NZ  . LYS A 1 53 ? -13.394 -18.371 -4.268  1.00 29.96 ? 50  LYS A NZ  1 
ATOM   419  N N   . LEU A 1 54 ? -19.006 -14.304 -1.399  1.00 29.52 ? 51  LEU A N   1 
ATOM   420  C CA  . LEU A 1 54 ? -19.662 -13.116 -1.996  1.00 28.94 ? 51  LEU A CA  1 
ATOM   421  C C   . LEU A 1 54 ? -19.967 -12.044 -0.926  1.00 29.54 ? 51  LEU A C   1 
ATOM   422  O O   . LEU A 1 54 ? -19.716 -10.848 -1.119  1.00 30.38 ? 51  LEU A O   1 
ATOM   423  C CB  . LEU A 1 54 ? -20.947 -13.531 -2.768  1.00 28.67 ? 51  LEU A CB  1 
ATOM   424  C CG  . LEU A 1 54 ? -21.846 -12.373 -3.236  1.00 30.29 ? 51  LEU A CG  1 
ATOM   425  C CD1 . LEU A 1 54 ? -21.114 -11.499 -4.246  1.00 30.55 ? 51  LEU A CD1 1 
ATOM   426  C CD2 . LEU A 1 54 ? -23.200 -12.831 -3.808  1.00 29.61 ? 51  LEU A CD2 1 
ATOM   427  N N   . GLU A 1 55 ? -20.561 -12.496 0.173   1.00 30.36 ? 52  GLU A N   1 
ATOM   428  C CA  . GLU A 1 55 ? -20.870 -11.703 1.370   1.00 31.79 ? 52  GLU A CA  1 
ATOM   429  C C   . GLU A 1 55 ? -19.609 -10.958 1.860   1.00 31.47 ? 52  GLU A C   1 
ATOM   430  O O   . GLU A 1 55 ? -19.620 -9.746  2.096   1.00 30.46 ? 52  GLU A O   1 
ATOM   431  C CB  . GLU A 1 55 ? -21.311 -12.732 2.432   1.00 32.75 ? 52  GLU A CB  1 
ATOM   432  C CG  . GLU A 1 55 ? -21.581 -12.273 3.832   1.00 38.14 ? 52  GLU A CG  1 
ATOM   433  C CD  . GLU A 1 55 ? -20.344 -11.963 4.668   1.00 38.30 ? 52  GLU A CD  1 
ATOM   434  O OE1 . GLU A 1 55 ? -19.514 -12.855 4.989   1.00 35.99 ? 52  GLU A OE1 1 
ATOM   435  O OE2 . GLU A 1 55 ? -20.252 -10.785 5.043   1.00 40.87 ? 52  GLU A OE2 1 
ATOM   436  N N   . PHE A 1 56 ? -18.521 -11.711 2.028   1.00 31.44 ? 53  PHE A N   1 
ATOM   437  C CA  . PHE A 1 56 ? -17.303 -11.147 2.601   1.00 31.33 ? 53  PHE A CA  1 
ATOM   438  C C   . PHE A 1 56 ? -16.680 -10.153 1.617   1.00 31.19 ? 53  PHE A C   1 
ATOM   439  O O   . PHE A 1 56 ? -16.257 -9.019  1.978   1.00 31.16 ? 53  PHE A O   1 
ATOM   440  C CB  . PHE A 1 56 ? -16.312 -12.236 2.971   1.00 31.82 ? 53  PHE A CB  1 
ATOM   441  C CG  . PHE A 1 56 ? -15.063 -11.683 3.636   1.00 33.71 ? 53  PHE A CG  1 
ATOM   442  C CD1 . PHE A 1 56 ? -15.083 -11.314 4.986   1.00 36.00 ? 53  PHE A CD1 1 
ATOM   443  C CD2 . PHE A 1 56 ? -13.921 -11.493 2.907   1.00 31.87 ? 53  PHE A CD2 1 
ATOM   444  C CE1 . PHE A 1 56 ? -13.955 -10.751 5.595   1.00 34.84 ? 53  PHE A CE1 1 
ATOM   445  C CE2 . PHE A 1 56 ? -12.790 -10.945 3.481   1.00 32.96 ? 53  PHE A CE2 1 
ATOM   446  C CZ  . PHE A 1 56 ? -12.804 -10.594 4.847   1.00 33.08 ? 53  PHE A CZ  1 
ATOM   447  N N   . PHE A 1 57 ? -16.609 -10.581 0.369   1.00 30.16 ? 54  PHE A N   1 
ATOM   448  C CA  . PHE A 1 57 ? -16.068 -9.701  -0.666  1.00 30.76 ? 54  PHE A CA  1 
ATOM   449  C C   . PHE A 1 57 ? -16.821 -8.378  -0.764  1.00 29.70 ? 54  PHE A C   1 
ATOM   450  O O   . PHE A 1 57 ? -16.179 -7.317  -0.888  1.00 29.47 ? 54  PHE A O   1 
ATOM   451  C CB  . PHE A 1 57 ? -15.959 -10.389 -2.029  1.00 30.74 ? 54  PHE A CB  1 
ATOM   452  C CG  . PHE A 1 57 ? -15.397 -9.515  -3.115  1.00 32.57 ? 54  PHE A CG  1 
ATOM   453  C CD1 . PHE A 1 57 ? -13.999 -9.476  -3.348  1.00 35.21 ? 54  PHE A CD1 1 
ATOM   454  C CD2 . PHE A 1 57 ? -16.232 -8.828  -3.982  1.00 32.24 ? 54  PHE A CD2 1 
ATOM   455  C CE1 . PHE A 1 57 ? -13.466 -8.723  -4.414  1.00 33.71 ? 54  PHE A CE1 1 
ATOM   456  C CE2 . PHE A 1 57 ? -15.693 -8.035  -5.039  1.00 35.31 ? 54  PHE A CE2 1 
ATOM   457  C CZ  . PHE A 1 57 ? -14.325 -7.985  -5.251  1.00 34.10 ? 54  PHE A CZ  1 
ATOM   458  N N   . GLY A 1 58 ? -18.155 -8.422  -0.707  1.00 30.16 ? 55  GLY A N   1 
ATOM   459  C CA  . GLY A 1 58 ? -18.954 -7.218  -0.778  1.00 30.29 ? 55  GLY A CA  1 
ATOM   460  C C   . GLY A 1 58 ? -18.647 -6.286  0.397   1.00 31.34 ? 55  GLY A C   1 
ATOM   461  O O   . GLY A 1 58 ? -18.453 -5.077  0.223   1.00 30.19 ? 55  GLY A O   1 
ATOM   462  N N   . LYS A 1 59 ? -18.602 -6.868  1.592   1.00 31.58 ? 56  LYS A N   1 
ATOM   463  C CA  . LYS A 1 59 ? -18.238 -6.142  2.831   1.00 33.70 ? 56  LYS A CA  1 
ATOM   464  C C   . LYS A 1 59 ? -16.865 -5.445  2.729   1.00 33.57 ? 56  LYS A C   1 
ATOM   465  O O   . LYS A 1 59 ? -16.740 -4.243  3.006   1.00 33.14 ? 56  LYS A O   1 
ATOM   466  C CB  . LYS A 1 59 ? -18.168 -7.125  4.005   1.00 33.07 ? 56  LYS A CB  1 
ATOM   467  C CG  . LYS A 1 59 ? -18.885 -6.650  5.254   1.00 39.19 ? 56  LYS A CG  1 
ATOM   468  C CD  . LYS A 1 59 ? -18.290 -7.267  6.502   1.00 42.30 ? 56  LYS A CD  1 
ATOM   469  C CE  . LYS A 1 59 ? -18.463 -8.770  6.554   1.00 40.83 ? 56  LYS A CE  1 
ATOM   470  N NZ  . LYS A 1 59 ? -19.712 -9.211  7.303   1.00 46.00 ? 56  LYS A NZ  1 
ATOM   471  N N   . ILE A 1 60 ? -15.832 -6.202  2.365   1.00 34.31 ? 57  ILE A N   1 
ATOM   472  C CA  . ILE A 1 60 ? -14.483 -5.663  2.414   1.00 35.64 ? 57  ILE A CA  1 
ATOM   473  C C   . ILE A 1 60 ? -14.226 -4.608  1.332   1.00 36.57 ? 57  ILE A C   1 
ATOM   474  O O   . ILE A 1 60 ? -13.562 -3.583  1.607   1.00 35.36 ? 57  ILE A O   1 
ATOM   475  C CB  . ILE A 1 60 ? -13.384 -6.773  2.489   1.00 36.27 ? 57  ILE A CB  1 
ATOM   476  C CG1 . ILE A 1 60 ? -12.068 -6.178  3.037   1.00 39.04 ? 57  ILE A CG1 1 
ATOM   477  C CG2 . ILE A 1 60 ? -13.130 -7.404  1.151   1.00 35.55 ? 57  ILE A CG2 1 
ATOM   478  C CD1 . ILE A 1 60 ? -11.529 -6.895  4.293   1.00 39.60 ? 57  ILE A CD1 1 
ATOM   479  N N   . THR A 1 61 ? -14.758 -4.819  0.124   1.00 36.77 ? 58  THR A N   1 
ATOM   480  C CA  . THR A 1 61 ? -14.572 -3.820  -0.961  1.00 38.40 ? 58  THR A CA  1 
ATOM   481  C C   . THR A 1 61 ? -15.365 -2.521  -0.777  1.00 38.32 ? 58  THR A C   1 
ATOM   482  O O   . THR A 1 61 ? -14.888 -1.441  -1.169  1.00 38.51 ? 58  THR A O   1 
ATOM   483  C CB  . THR A 1 61 ? -14.872 -4.362  -2.390  1.00 38.91 ? 58  THR A CB  1 
ATOM   484  O OG1 . THR A 1 61 ? -16.168 -4.967  -2.427  1.00 37.36 ? 58  THR A OG1 1 
ATOM   485  C CG2 . THR A 1 61 ? -13.778 -5.380  -2.831  1.00 41.51 ? 58  THR A CG2 1 
ATOM   486  N N   . LYS A 1 62 ? -16.562 -2.620  -0.198  1.00 37.74 ? 59  LYS A N   1 
ATOM   487  C CA  . LYS A 1 62 ? -17.342 -1.429  0.159   1.00 37.63 ? 59  LYS A CA  1 
ATOM   488  C C   . LYS A 1 62 ? -16.587 -0.592  1.207   1.00 37.33 ? 59  LYS A C   1 
ATOM   489  O O   . LYS A 1 62 ? -16.565 0.622   1.141   1.00 36.38 ? 59  LYS A O   1 
ATOM   490  C CB  . LYS A 1 62 ? -18.739 -1.820  0.656   1.00 37.38 ? 59  LYS A CB  1 
ATOM   491  C CG  . LYS A 1 62 ? -19.489 -0.739  1.411   1.00 39.55 ? 59  LYS A CG  1 
ATOM   492  C CD  . LYS A 1 62 ? -20.690 -1.306  2.153   1.00 42.47 ? 59  LYS A CD  1 
ATOM   493  C CE  . LYS A 1 62 ? -21.256 -0.300  3.144   1.00 45.08 ? 59  LYS A CE  1 
ATOM   494  N NZ  . LYS A 1 62 ? -22.466 -0.827  3.852   1.00 46.01 ? 59  LYS A NZ  1 
ATOM   495  N N   . LYS A 1 63 ? -15.966 -1.260  2.172   1.00 37.41 ? 60  LYS A N   1 
ATOM   496  C CA  . LYS A 1 63 ? -15.161 -0.576  3.178   1.00 37.94 ? 60  LYS A CA  1 
ATOM   497  C C   . LYS A 1 63 ? -13.947 0.121   2.536   1.00 38.52 ? 60  LYS A C   1 
ATOM   498  O O   . LYS A 1 63 ? -13.583 1.240   2.904   1.00 36.32 ? 60  LYS A O   1 
ATOM   499  C CB  . LYS A 1 63 ? -14.726 -1.587  4.262   1.00 37.87 ? 60  LYS A CB  1 
ATOM   500  C CG  . LYS A 1 63 ? -13.913 -0.984  5.415   1.00 39.54 ? 60  LYS A CG  1 
ATOM   501  C CD  . LYS A 1 63 ? -14.644 0.144   6.145   1.00 41.89 ? 60  LYS A CD  1 
ATOM   502  C CE  . LYS A 1 63 ? -13.668 0.985   6.987   1.00 42.33 ? 60  LYS A CE  1 
ATOM   503  N NZ  . LYS A 1 63 ? -14.108 2.386   7.079   1.00 43.13 ? 60  LYS A NZ  1 
ATOM   504  N N   . PHE A 1 64 ? -13.336 -0.547  1.561   1.00 39.38 ? 61  PHE A N   1 
ATOM   505  C CA  . PHE A 1 64 ? -12.091 -0.065  0.942   1.00 41.62 ? 61  PHE A CA  1 
ATOM   506  C C   . PHE A 1 64 ? -12.274 0.378   -0.524  1.00 43.16 ? 61  PHE A C   1 
ATOM   507  O O   . PHE A 1 64 ? -11.501 0.037   -1.414  1.00 44.78 ? 61  PHE A O   1 
ATOM   508  C CB  . PHE A 1 64 ? -10.983 -1.106  1.142   1.00 41.22 ? 61  PHE A CB  1 
ATOM   509  C CG  . PHE A 1 64 ? -10.678 -1.341  2.566   1.00 39.88 ? 61  PHE A CG  1 
ATOM   510  C CD1 . PHE A 1 64 ? -9.947  -0.396  3.297   1.00 40.83 ? 61  PHE A CD1 1 
ATOM   511  C CD2 . PHE A 1 64 ? -11.156 -2.460  3.197   1.00 36.25 ? 61  PHE A CD2 1 
ATOM   512  C CE1 . PHE A 1 64 ? -9.684  -0.610  4.644   1.00 41.13 ? 61  PHE A CE1 1 
ATOM   513  C CE2 . PHE A 1 64 ? -10.920 -2.693  4.530   1.00 39.47 ? 61  PHE A CE2 1 
ATOM   514  C CZ  . PHE A 1 64 ? -10.177 -1.767  5.270   1.00 41.52 ? 61  PHE A CZ  1 
ATOM   515  N N   . PHE A 1 65 ? -13.327 1.148   -0.741  1.00 44.09 ? 62  PHE A N   1 
ATOM   516  C CA  . PHE A 1 65 ? -13.699 1.658   -2.044  1.00 45.77 ? 62  PHE A CA  1 
ATOM   517  C C   . PHE A 1 65 ? -12.518 2.419   -2.668  1.00 45.48 ? 62  PHE A C   1 
ATOM   518  O O   . PHE A 1 65 ? -11.866 3.225   -1.992  1.00 45.77 ? 62  PHE A O   1 
ATOM   519  C CB  . PHE A 1 65 ? -14.919 2.582   -1.844  1.00 46.21 ? 62  PHE A CB  1 
ATOM   520  C CG  . PHE A 1 65 ? -15.442 3.224   -3.113  1.00 48.95 ? 62  PHE A CG  1 
ATOM   521  C CD1 . PHE A 1 65 ? -15.844 2.441   -4.208  1.00 51.17 ? 62  PHE A CD1 1 
ATOM   522  C CD2 . PHE A 1 65 ? -15.581 4.609   -3.191  1.00 49.31 ? 62  PHE A CD2 1 
ATOM   523  C CE1 . PHE A 1 65 ? -16.346 3.045   -5.384  1.00 51.31 ? 62  PHE A CE1 1 
ATOM   524  C CE2 . PHE A 1 65 ? -16.083 5.220   -4.350  1.00 50.52 ? 62  PHE A CE2 1 
ATOM   525  C CZ  . PHE A 1 65 ? -16.468 4.434   -5.447  1.00 49.91 ? 62  PHE A CZ  1 
ATOM   526  N N   . ASP A 1 66 ? -12.224 2.126   -3.938  1.00 45.19 ? 63  ASP A N   1 
ATOM   527  C CA  . ASP A 1 66 ? -11.294 2.949   -4.733  1.00 45.06 ? 63  ASP A CA  1 
ATOM   528  C C   . ASP A 1 66 ? -9.956  3.156   -3.992  1.00 43.78 ? 63  ASP A C   1 
ATOM   529  O O   . ASP A 1 66 ? -9.425  4.264   -3.919  1.00 44.15 ? 63  ASP A O   1 
ATOM   530  C CB  . ASP A 1 66 ? -11.971 4.288   -5.085  1.00 45.31 ? 63  ASP A CB  1 
ATOM   531  C CG  . ASP A 1 66 ? -11.097 5.203   -5.946  1.00 47.43 ? 63  ASP A CG  1 
ATOM   532  O OD1 . ASP A 1 66 ? -10.736 4.815   -7.078  1.00 49.19 ? 63  ASP A OD1 1 
ATOM   533  O OD2 . ASP A 1 66 ? -10.782 6.326   -5.488  1.00 48.63 ? 63  ASP A OD2 1 
ATOM   534  N N   . SER A 1 67 ? -9.445  2.073   -3.418  1.00 41.97 ? 64  SER A N   1 
ATOM   535  C CA  . SER A 1 67 ? -8.163  2.087   -2.706  1.00 40.07 ? 64  SER A CA  1 
ATOM   536  C C   . SER A 1 67 ? -7.089  1.309   -3.486  1.00 37.97 ? 64  SER A C   1 
ATOM   537  O O   . SER A 1 67 ? -7.407  0.657   -4.499  1.00 38.14 ? 64  SER A O   1 
ATOM   538  C CB  . SER A 1 67 ? -8.326  1.498   -1.311  1.00 39.26 ? 64  SER A CB  1 
ATOM   539  O OG  . SER A 1 67 ? -8.140  0.116   -1.359  1.00 39.99 ? 64  SER A OG  1 
ATOM   540  N N   . PRO A 1 68 ? -5.826  1.357   -3.009  1.00 35.89 ? 65  PRO A N   1 
ATOM   541  C CA  . PRO A 1 68 ? -4.711  0.625   -3.641  1.00 34.01 ? 65  PRO A CA  1 
ATOM   542  C C   . PRO A 1 68 ? -4.737  -0.892  -3.439  1.00 32.15 ? 65  PRO A C   1 
ATOM   543  O O   . PRO A 1 68 ? -3.958  -1.572  -4.102  1.00 30.84 ? 65  PRO A O   1 
ATOM   544  C CB  . PRO A 1 68 ? -3.462  1.221   -2.963  1.00 34.04 ? 65  PRO A CB  1 
ATOM   545  C CG  . PRO A 1 68 ? -3.935  1.634   -1.644  1.00 34.36 ? 65  PRO A CG  1 
ATOM   546  C CD  . PRO A 1 68 ? -5.357  2.123   -1.838  1.00 35.66 ? 65  PRO A CD  1 
ATOM   547  N N   . PHE A 1 69 ? -5.614  -1.397  -2.554  1.00 29.91 ? 66  PHE A N   1 
ATOM   548  C CA  . PHE A 1 69 ? -5.798  -2.862  -2.300  1.00 30.44 ? 66  PHE A CA  1 
ATOM   549  C C   . PHE A 1 69 ? -6.579  -3.620  -3.377  1.00 30.05 ? 66  PHE A C   1 
ATOM   550  O O   . PHE A 1 69 ? -7.612  -3.159  -3.849  1.00 31.73 ? 66  PHE A O   1 
ATOM   551  C CB  . PHE A 1 69 ? -6.458  -3.118  -0.921  1.00 30.06 ? 66  PHE A CB  1 
ATOM   552  C CG  . PHE A 1 69 ? -5.742  -2.441  0.239   1.00 27.45 ? 66  PHE A CG  1 
ATOM   553  C CD1 . PHE A 1 69 ? -4.499  -2.853  0.641   1.00 26.53 ? 66  PHE A CD1 1 
ATOM   554  C CD2 . PHE A 1 69 ? -6.325  -1.373  0.901   1.00 27.94 ? 66  PHE A CD2 1 
ATOM   555  C CE1 . PHE A 1 69 ? -3.839  -2.190  1.722   1.00 24.79 ? 66  PHE A CE1 1 
ATOM   556  C CE2 . PHE A 1 69 ? -5.675  -0.705  1.956   1.00 26.05 ? 66  PHE A CE2 1 
ATOM   557  C CZ  . PHE A 1 69 ? -4.452  -1.124  2.373   1.00 25.70 ? 66  PHE A CZ  1 
ATOM   558  N N   . GLU A 1 70 ? -6.086  -4.772  -3.783  1.00 30.16 ? 67  GLU A N   1 
ATOM   559  C CA  . GLU A 1 70 ? -6.842  -5.667  -4.664  1.00 29.34 ? 67  GLU A CA  1 
ATOM   560  C C   . GLU A 1 70 ? -7.049  -6.895  -3.806  1.00 27.22 ? 67  GLU A C   1 
ATOM   561  O O   . GLU A 1 70 ? -6.086  -7.472  -3.368  1.00 27.44 ? 67  GLU A O   1 
ATOM   562  C CB  . GLU A 1 70 ? -6.065  -5.969  -5.981  1.00 30.75 ? 67  GLU A CB  1 
ATOM   563  C CG  . GLU A 1 70 ? -6.779  -6.987  -6.930  1.00 32.21 ? 67  GLU A CG  1 
ATOM   564  C CD  . GLU A 1 70 ? -6.089  -7.178  -8.303  1.00 34.17 ? 67  GLU A CD  1 
ATOM   565  O OE1 . GLU A 1 70 ? -5.924  -6.188  -9.054  1.00 40.55 ? 67  GLU A OE1 1 
ATOM   566  O OE2 . GLU A 1 70 ? -5.785  -8.351  -8.675  1.00 39.19 ? 67  GLU A OE2 1 
ATOM   567  N N   . PHE A 1 71 ? -8.307  -7.263  -3.516  1.00 26.04 ? 68  PHE A N   1 
ATOM   568  C CA  . PHE A 1 71 ? -8.606  -8.341  -2.577  1.00 24.87 ? 68  PHE A CA  1 
ATOM   569  C C   . PHE A 1 71 ? -8.848  -9.622  -3.381  1.00 24.60 ? 68  PHE A C   1 
ATOM   570  O O   . PHE A 1 71 ? -9.455  -9.531  -4.440  1.00 24.72 ? 68  PHE A O   1 
ATOM   571  C CB  . PHE A 1 71 ? -9.889  -7.980  -1.769  1.00 23.67 ? 68  PHE A CB  1 
ATOM   572  C CG  . PHE A 1 71 ? -9.679  -6.831  -0.815  1.00 24.89 ? 68  PHE A CG  1 
ATOM   573  C CD1 . PHE A 1 71 ? -9.035  -7.036  0.412   1.00 23.98 ? 68  PHE A CD1 1 
ATOM   574  C CD2 . PHE A 1 71 ? -10.095 -5.542  -1.165  1.00 23.28 ? 68  PHE A CD2 1 
ATOM   575  C CE1 . PHE A 1 71 ? -8.797  -5.943  1.322   1.00 18.17 ? 68  PHE A CE1 1 
ATOM   576  C CE2 . PHE A 1 71 ? -9.859  -4.433  -0.278  1.00 24.03 ? 68  PHE A CE2 1 
ATOM   577  C CZ  . PHE A 1 71 ? -9.229  -4.660  0.959   1.00 23.15 ? 68  PHE A CZ  1 
ATOM   578  N N   . HIS A 1 72 ? -8.399  -10.770 -2.866  1.00 22.88 ? 69  HIS A N   1 
ATOM   579  C CA  . HIS A 1 72 ? -8.589  -12.076 -3.477  1.00 23.06 ? 69  HIS A CA  1 
ATOM   580  C C   . HIS A 1 72 ? -9.067  -12.935 -2.325  1.00 24.03 ? 69  HIS A C   1 
ATOM   581  O O   . HIS A 1 72 ? -8.360  -13.095 -1.331  1.00 25.25 ? 69  HIS A O   1 
ATOM   582  C CB  . HIS A 1 72 ? -7.264  -12.604 -4.064  1.00 21.73 ? 69  HIS A CB  1 
ATOM   583  C CG  . HIS A 1 72 ? -6.706  -11.683 -5.114  1.00 25.29 ? 69  HIS A CG  1 
ATOM   584  N ND1 . HIS A 1 72 ? -5.749  -10.727 -4.849  1.00 28.72 ? 69  HIS A ND1 1 
ATOM   585  C CD2 . HIS A 1 72 ? -7.027  -11.540 -6.414  1.00 22.15 ? 69  HIS A CD2 1 
ATOM   586  C CE1 . HIS A 1 72 ? -5.458  -10.079 -5.959  1.00 26.71 ? 69  HIS A CE1 1 
ATOM   587  N NE2 . HIS A 1 72 ? -6.253  -10.525 -6.913  1.00 29.30 ? 69  HIS A NE2 1 
ATOM   588  N N   . ILE A 1 73 ? -10.293 -13.410 -2.434  1.00 23.49 ? 70  ILE A N   1 
ATOM   589  C CA  . ILE A 1 73 ? -10.965 -14.140 -1.347  1.00 21.69 ? 70  ILE A CA  1 
ATOM   590  C C   . ILE A 1 73 ? -10.882 -15.559 -1.784  1.00 23.16 ? 70  ILE A C   1 
ATOM   591  O O   . ILE A 1 73 ? -11.485 -15.941 -2.798  1.00 24.09 ? 70  ILE A O   1 
ATOM   592  C CB  . ILE A 1 73 ? -12.439 -13.658 -1.246  1.00 21.63 ? 70  ILE A CB  1 
ATOM   593  C CG1 . ILE A 1 73 ? -12.494 -12.085 -1.144  1.00 20.43 ? 70  ILE A CG1 1 
ATOM   594  C CG2 . ILE A 1 73 ? -13.187 -14.390 -0.088  1.00 20.53 ? 70  ILE A CG2 1 
ATOM   595  C CD1 . ILE A 1 73 ? -11.438 -11.474 -0.006  1.00 17.93 ? 70  ILE A CD1 1 
ATOM   596  N N   . LEU A 1 74 ? -10.095 -16.366 -1.068  1.00 22.16 ? 71  LEU A N   1 
ATOM   597  C CA  . LEU A 1 74 ? -9.693  -17.658 -1.604  1.00 22.25 ? 71  LEU A CA  1 
ATOM   598  C C   . LEU A 1 74 ? -9.857  -18.820 -0.605  1.00 22.75 ? 71  LEU A C   1 
ATOM   599  O O   . LEU A 1 74 ? -9.614  -18.634 0.558   1.00 21.95 ? 71  LEU A O   1 
ATOM   600  C CB  . LEU A 1 74 ? -8.205  -17.568 -1.958  1.00 22.11 ? 71  LEU A CB  1 
ATOM   601  C CG  . LEU A 1 74 ? -7.777  -16.506 -2.926  1.00 20.77 ? 71  LEU A CG  1 
ATOM   602  C CD1 . LEU A 1 74 ? -6.222  -16.521 -3.068  1.00 21.85 ? 71  LEU A CD1 1 
ATOM   603  C CD2 . LEU A 1 74 ? -8.482  -16.773 -4.277  1.00 21.41 ? 71  LEU A CD2 1 
ATOM   604  N N   . THR A 1 75 ? -10.184 -20.017 -1.107  1.00 22.76 ? 72  THR A N   1 
ATOM   605  C CA  . THR A 1 75 ? -10.062 -21.220 -0.333  1.00 23.96 ? 72  THR A CA  1 
ATOM   606  C C   . THR A 1 75 ? -8.547  -21.546 -0.242  1.00 25.29 ? 72  THR A C   1 
ATOM   607  O O   . THR A 1 75 ? -7.733  -20.960 -0.992  1.00 25.12 ? 72  THR A O   1 
ATOM   608  C CB  . THR A 1 75 ? -10.785 -22.407 -1.045  1.00 23.61 ? 72  THR A CB  1 
ATOM   609  O OG1 . THR A 1 75 ? -10.164 -22.630 -2.309  1.00 22.54 ? 72  THR A OG1 1 
ATOM   610  C CG2 . THR A 1 75 ? -12.262 -22.061 -1.354  1.00 21.26 ? 72  THR A CG2 1 
ATOM   611  N N   . LYS A 1 76 ? -8.198  -22.549 0.575   1.00 24.19 ? 73  LYS A N   1 
ATOM   612  C CA  . LYS A 1 76 ? -6.793  -22.997 0.642   1.00 25.08 ? 73  LYS A CA  1 
ATOM   613  C C   . LYS A 1 76 ? -6.246  -23.533 -0.706  1.00 24.82 ? 73  LYS A C   1 
ATOM   614  O O   . LYS A 1 76 ? -5.143  -23.195 -1.087  1.00 25.46 ? 73  LYS A O   1 
ATOM   615  C CB  . LYS A 1 76 ? -6.575  -24.022 1.761   1.00 24.45 ? 73  LYS A CB  1 
ATOM   616  C CG  . LYS A 1 76 ? -6.567  -23.306 3.166   1.00 23.66 ? 73  LYS A CG  1 
ATOM   617  C CD  . LYS A 1 76 ? -6.449  -24.315 4.300   1.00 23.41 ? 73  LYS A CD  1 
ATOM   618  C CE  . LYS A 1 76 ? -6.061  -23.601 5.683   1.00 20.00 ? 73  LYS A CE  1 
ATOM   619  N NZ  . LYS A 1 76 ? -5.741  -24.729 6.683   1.00 16.61 ? 73  LYS A NZ  1 
ATOM   620  N N   . LYS A 1 77 ? -7.027  -24.346 -1.414  1.00 24.73 ? 74  LYS A N   1 
ATOM   621  C CA  . LYS A 1 77 ? -6.649  -24.841 -2.719  1.00 26.31 ? 74  LYS A CA  1 
ATOM   622  C C   . LYS A 1 77 ? -6.399  -23.725 -3.724  1.00 25.87 ? 74  LYS A C   1 
ATOM   623  O O   . LYS A 1 77 ? -5.435  -23.780 -4.531  1.00 24.69 ? 74  LYS A O   1 
ATOM   624  C CB  . LYS A 1 77 ? -7.791  -25.742 -3.199  1.00 26.73 ? 74  LYS A CB  1 
ATOM   625  C CG  . LYS A 1 77 ? -7.660  -26.376 -4.538  1.00 30.78 ? 74  LYS A CG  1 
ATOM   626  C CD  . LYS A 1 77 ? -8.646  -27.579 -4.686  1.00 30.27 ? 74  LYS A CD  1 
ATOM   627  C CE  . LYS A 1 77 ? -8.960  -27.904 -6.157  1.00 34.25 ? 74  LYS A CE  1 
ATOM   628  N NZ  . LYS A 1 77 ? -10.090 -28.915 -6.217  1.00 37.91 ? 74  LYS A NZ  1 
ATOM   629  N N   . GLU A 1 78 ? -7.265  -22.714 -3.691  1.00 25.21 ? 75  GLU A N   1 
ATOM   630  C CA  . GLU A 1 78 ? -7.139  -21.538 -4.583  1.00 25.56 ? 75  GLU A CA  1 
ATOM   631  C C   . GLU A 1 78 ? -5.871  -20.729 -4.307  1.00 25.39 ? 75  GLU A C   1 
ATOM   632  O O   . GLU A 1 78 ? -5.172  -20.291 -5.227  1.00 24.96 ? 75  GLU A O   1 
ATOM   633  C CB  . GLU A 1 78 ? -8.416  -20.642 -4.462  1.00 23.13 ? 75  GLU A CB  1 
ATOM   634  C CG  . GLU A 1 78 ? -9.592  -21.250 -5.254  1.00 26.53 ? 75  GLU A CG  1 
ATOM   635  C CD  . GLU A 1 78 ? -10.894 -20.564 -4.932  1.00 28.38 ? 75  GLU A CD  1 
ATOM   636  O OE1 . GLU A 1 78 ? -10.943 -19.682 -4.028  1.00 23.88 ? 75  GLU A OE1 1 
ATOM   637  O OE2 . GLU A 1 78 ? -11.875 -20.919 -5.577  1.00 30.31 ? 75  GLU A OE2 1 
ATOM   638  N N   . TRP A 1 79 ? -5.561  -20.541 -3.038  1.00 25.55 ? 76  TRP A N   1 
ATOM   639  C CA  . TRP A 1 79 ? -4.335  -19.874 -2.647  1.00 25.30 ? 76  TRP A CA  1 
ATOM   640  C C   . TRP A 1 79 ? -3.061  -20.708 -3.072  1.00 26.64 ? 76  TRP A C   1 
ATOM   641  O O   . TRP A 1 79 ? -2.120  -20.162 -3.631  1.00 24.98 ? 76  TRP A O   1 
ATOM   642  C CB  . TRP A 1 79 ? -4.339  -19.600 -1.128  1.00 26.05 ? 76  TRP A CB  1 
ATOM   643  C CG  . TRP A 1 79 ? -3.031  -19.018 -0.585  1.00 23.01 ? 76  TRP A CG  1 
ATOM   644  C CD1 . TRP A 1 79 ? -2.236  -19.568 0.405   1.00 23.90 ? 76  TRP A CD1 1 
ATOM   645  C CD2 . TRP A 1 79 ? -2.339  -17.839 -1.053  1.00 25.09 ? 76  TRP A CD2 1 
ATOM   646  N NE1 . TRP A 1 79 ? -1.134  -18.754 0.623   1.00 26.55 ? 76  TRP A NE1 1 
ATOM   647  C CE2 . TRP A 1 79 ? -1.156  -17.706 -0.270  1.00 25.26 ? 76  TRP A CE2 1 
ATOM   648  C CE3 . TRP A 1 79 ? -2.625  -16.850 -2.017  1.00 27.08 ? 76  TRP A CE3 1 
ATOM   649  C CZ2 . TRP A 1 79 ? -0.256  -16.631 -0.431  1.00 24.80 ? 76  TRP A CZ2 1 
ATOM   650  C CZ3 . TRP A 1 79 ? -1.710  -15.792 -2.193  1.00 26.50 ? 76  TRP A CZ3 1 
ATOM   651  C CH2 . TRP A 1 79 ? -0.531  -15.693 -1.394  1.00 25.97 ? 76  TRP A CH2 1 
ATOM   652  N N   . LYS A 1 80 ? -3.061  -22.024 -2.840  1.00 27.75 ? 77  LYS A N   1 
ATOM   653  C CA  . LYS A 1 80 ? -2.014  -22.910 -3.375  1.00 27.20 ? 77  LYS A CA  1 
ATOM   654  C C   . LYS A 1 80 ? -1.801  -22.619 -4.890  1.00 28.75 ? 77  LYS A C   1 
ATOM   655  O O   . LYS A 1 80 ? -0.672  -22.328 -5.341  1.00 28.49 ? 77  LYS A O   1 
ATOM   656  C CB  . LYS A 1 80 ? -2.354  -24.400 -3.099  1.00 27.63 ? 77  LYS A CB  1 
ATOM   657  C CG  . LYS A 1 80 ? -1.162  -25.350 -3.339  1.00 28.00 ? 77  LYS A CG  1 
ATOM   658  C CD  . LYS A 1 80 ? -1.482  -26.755 -2.923  1.00 29.31 ? 77  LYS A CD  1 
ATOM   659  C CE  . LYS A 1 80 ? -0.271  -27.658 -3.109  1.00 34.22 ? 77  LYS A CE  1 
ATOM   660  N NZ  . LYS A 1 80 ? -0.570  -29.074 -2.731  1.00 35.72 ? 77  LYS A NZ  1 
ATOM   661  N N   . MET A 1 81 ? -2.882  -22.611 -5.662  1.00 27.15 ? 78  MET A N   1 
ATOM   662  C CA  . MET A 1 81 ? -2.739  -22.289 -7.063  1.00 27.43 ? 78  MET A CA  1 
ATOM   663  C C   . MET A 1 81 ? -2.156  -20.900 -7.290  1.00 27.79 ? 78  MET A C   1 
ATOM   664  O O   . MET A 1 81 ? -1.273  -20.767 -8.113  1.00 27.47 ? 78  MET A O   1 
ATOM   665  C CB  . MET A 1 81 ? -4.040  -22.515 -7.862  1.00 27.70 ? 78  MET A CB  1 
ATOM   666  C CG  . MET A 1 81 ? -3.825  -22.318 -9.406  1.00 28.89 ? 78  MET A CG  1 
ATOM   667  S SD  . MET A 1 81 ? -5.203  -22.815 -10.462 1.00 22.91 ? 78  MET A SD  1 
ATOM   668  C CE  . MET A 1 81 ? -6.457  -21.625 -10.136 1.00 34.43 ? 78  MET A CE  1 
ATOM   669  N N   . SER A 1 82 ? -2.657  -19.868 -6.594  1.00 28.28 ? 79  SER A N   1 
ATOM   670  C CA  . SER A 1 82 ? -2.237  -18.469 -6.812  1.00 28.65 ? 79  SER A CA  1 
ATOM   671  C C   . SER A 1 82 ? -0.733  -18.307 -6.634  1.00 29.15 ? 79  SER A C   1 
ATOM   672  O O   . SER A 1 82 ? -0.056  -17.608 -7.426  1.00 28.16 ? 79  SER A O   1 
ATOM   673  C CB  . SER A 1 82 ? -2.980  -17.523 -5.851  1.00 27.86 ? 79  SER A CB  1 
ATOM   674  O OG  . SER A 1 82 ? -4.366  -17.624 -6.079  1.00 30.63 ? 79  SER A OG  1 
ATOM   675  N N   . LYS A 1 83 ? -0.207  -18.992 -5.625  1.00 28.98 ? 80  LYS A N   1 
ATOM   676  C CA  . LYS A 1 83 ? 1.225   -18.934 -5.287  1.00 29.86 ? 80  LYS A CA  1 
ATOM   677  C C   . LYS A 1 83 ? 2.162   -19.334 -6.392  1.00 30.59 ? 80  LYS A C   1 
ATOM   678  O O   . LYS A 1 83 ? 3.291   -18.889 -6.369  1.00 30.16 ? 80  LYS A O   1 
ATOM   679  C CB  . LYS A 1 83 ? 1.571   -19.764 -4.047  1.00 29.96 ? 80  LYS A CB  1 
ATOM   680  C CG  . LYS A 1 83 ? 0.998   -19.150 -2.754  1.00 29.11 ? 80  LYS A CG  1 
ATOM   681  C CD  . LYS A 1 83 ? 1.559   -19.885 -1.538  1.00 26.98 ? 80  LYS A CD  1 
ATOM   682  C CE  . LYS A 1 83 ? 0.738   -21.106 -1.167  1.00 26.58 ? 80  LYS A CE  1 
ATOM   683  N NZ  . LYS A 1 83 ? 1.197   -21.688 0.147   1.00 27.40 ? 80  LYS A NZ  1 
ATOM   684  N N   . ARG A 1 84 ? 1.712   -20.197 -7.311  1.00 31.29 ? 81  ARG A N   1 
ATOM   685  C CA  . ARG A 1 84 ? 2.450   -20.538 -8.535  1.00 30.87 ? 81  ARG A CA  1 
ATOM   686  C C   . ARG A 1 84 ? 2.856   -19.306 -9.397  1.00 30.33 ? 81  ARG A C   1 
ATOM   687  O O   . ARG A 1 84 ? 3.762   -19.398 -10.204 1.00 29.92 ? 81  ARG A O   1 
ATOM   688  C CB  . ARG A 1 84 ? 1.607   -21.466 -9.413  1.00 31.54 ? 81  ARG A CB  1 
ATOM   689  C CG  . ARG A 1 84 ? 1.130   -22.769 -8.745  1.00 31.07 ? 81  ARG A CG  1 
ATOM   690  C CD  . ARG A 1 84 ? 0.536   -23.690 -9.788  1.00 34.20 ? 81  ARG A CD  1 
ATOM   691  N NE  . ARG A 1 84 ? 1.638   -24.347 -10.472 1.00 37.24 ? 81  ARG A NE  1 
ATOM   692  C CZ  . ARG A 1 84 ? 1.814   -25.650 -10.559 1.00 37.71 ? 81  ARG A CZ  1 
ATOM   693  N NH1 . ARG A 1 84 ? 0.924   -26.490 -10.063 1.00 40.87 ? 81  ARG A NH1 1 
ATOM   694  N NH2 . ARG A 1 84 ? 2.873   -26.114 -11.197 1.00 40.26 ? 81  ARG A NH2 1 
ATOM   695  N N   . PHE A 1 85 ? 2.139   -18.196 -9.239  1.00 30.15 ? 82  PHE A N   1 
ATOM   696  C CA  . PHE A 1 85 ? 2.325   -16.968 -10.011 1.00 29.76 ? 82  PHE A CA  1 
ATOM   697  C C   . PHE A 1 85 ? 2.765   -15.780 -9.152  1.00 30.56 ? 82  PHE A C   1 
ATOM   698  O O   . PHE A 1 85 ? 2.770   -14.637 -9.628  1.00 31.28 ? 82  PHE A O   1 
ATOM   699  C CB  . PHE A 1 85 ? 1.028   -16.663 -10.778 1.00 29.84 ? 82  PHE A CB  1 
ATOM   700  C CG  . PHE A 1 85 ? 0.594   -17.826 -11.674 1.00 28.53 ? 82  PHE A CG  1 
ATOM   701  C CD1 . PHE A 1 85 ? 1.314   -18.119 -12.824 1.00 27.65 ? 82  PHE A CD1 1 
ATOM   702  C CD2 . PHE A 1 85 ? -0.454  -18.671 -11.317 1.00 27.35 ? 82  PHE A CD2 1 
ATOM   703  C CE1 . PHE A 1 85 ? 0.958   -19.193 -13.649 1.00 27.60 ? 82  PHE A CE1 1 
ATOM   704  C CE2 . PHE A 1 85 ? -0.799  -19.760 -12.137 1.00 26.66 ? 82  PHE A CE2 1 
ATOM   705  C CZ  . PHE A 1 85 ? -0.103  -20.021 -13.280 1.00 27.73 ? 82  PHE A CZ  1 
ATOM   706  N N   . ILE A 1 86 ? 3.148   -16.034 -7.900  1.00 29.30 ? 83  ILE A N   1 
ATOM   707  C CA  . ILE A 1 86 ? 3.526   -14.939 -7.008  1.00 29.26 ? 83  ILE A CA  1 
ATOM   708  C C   . ILE A 1 86 ? 4.977   -15.106 -6.652  1.00 30.69 ? 83  ILE A C   1 
ATOM   709  O O   . ILE A 1 86 ? 5.368   -16.175 -6.135  1.00 30.80 ? 83  ILE A O   1 
ATOM   710  C CB  . ILE A 1 86 ? 2.675   -14.935 -5.708  1.00 28.89 ? 83  ILE A CB  1 
ATOM   711  C CG1 . ILE A 1 86 ? 1.191   -14.692 -6.033  1.00 27.15 ? 83  ILE A CG1 1 
ATOM   712  C CG2 . ILE A 1 86 ? 3.124   -13.809 -4.726  1.00 28.20 ? 83  ILE A CG2 1 
ATOM   713  C CD1 . ILE A 1 86 ? 0.293   -15.032 -4.855  1.00 27.81 ? 83  ILE A CD1 1 
ATOM   714  N N   . ARG A 1 87 ? 5.758   -14.042 -6.899  1.00 30.66 ? 84  ARG A N   1 
ATOM   715  C CA  . ARG A 1 87 ? 7.209   -14.049 -6.687  1.00 32.20 ? 84  ARG A CA  1 
ATOM   716  C C   . ARG A 1 87 ? 7.549   -14.177 -5.202  1.00 30.88 ? 84  ARG A C   1 
ATOM   717  O O   . ARG A 1 87 ? 8.413   -14.969 -4.813  1.00 30.90 ? 84  ARG A O   1 
ATOM   718  C CB  . ARG A 1 87 ? 7.864   -12.783 -7.281  1.00 31.84 ? 84  ARG A CB  1 
ATOM   719  C CG  . ARG A 1 87 ? 9.235   -12.447 -6.644  1.00 36.50 ? 84  ARG A CG  1 
ATOM   720  C CD  . ARG A 1 87 ? 10.234  -11.644 -7.535  1.00 36.23 ? 84  ARG A CD  1 
ATOM   721  N NE  . ARG A 1 87 ? 9.716   -10.330 -7.934  1.00 44.75 ? 84  ARG A NE  1 
ATOM   722  C CZ  . ARG A 1 87 ? 9.219   -10.057 -9.142  1.00 47.41 ? 84  ARG A CZ  1 
ATOM   723  N NH1 . ARG A 1 87 ? 9.187   -11.000 -10.092 1.00 48.88 ? 84  ARG A NH1 1 
ATOM   724  N NH2 . ARG A 1 87 ? 8.752   -8.841  -9.410  1.00 49.03 ? 84  ARG A NH2 1 
ATOM   725  N N   . LYS A 1 88 ? 6.813   -13.423 -4.386  1.00 28.83 ? 85  LYS A N   1 
ATOM   726  C CA  . LYS A 1 88 ? 7.110   -13.206 -2.992  1.00 27.62 ? 85  LYS A CA  1 
ATOM   727  C C   . LYS A 1 88 ? 5.798   -12.754 -2.352  1.00 26.31 ? 85  LYS A C   1 
ATOM   728  O O   . LYS A 1 88 ? 5.094   -11.904 -2.900  1.00 24.45 ? 85  LYS A O   1 
ATOM   729  C CB  . LYS A 1 88 ? 8.134   -12.062 -2.888  1.00 27.44 ? 85  LYS A CB  1 
ATOM   730  C CG  . LYS A 1 88 ? 8.771   -11.826 -1.549  1.00 31.70 ? 85  LYS A CG  1 
ATOM   731  C CD  . LYS A 1 88 ? 10.161  -11.133 -1.747  1.00 33.94 ? 85  LYS A CD  1 
ATOM   732  C CE  . LYS A 1 88 ? 10.589  -10.241 -0.578  1.00 36.09 ? 85  LYS A CE  1 
ATOM   733  N NZ  . LYS A 1 88 ? 12.027  -9.726  -0.771  1.00 34.90 ? 85  LYS A NZ  1 
ATOM   734  N N   . TYR A 1 89 ? 5.482   -13.295 -1.190  1.00 25.87 ? 86  TYR A N   1 
ATOM   735  C CA  . TYR A 1 89 ? 4.362   -12.746 -0.410  1.00 25.59 ? 86  TYR A CA  1 
ATOM   736  C C   . TYR A 1 89 ? 4.792   -12.645 1.038   1.00 26.68 ? 86  TYR A C   1 
ATOM   737  O O   . TYR A 1 89 ? 5.787   -13.288 1.441   1.00 25.70 ? 86  TYR A O   1 
ATOM   738  C CB  . TYR A 1 89 ? 3.098   -13.635 -0.517  1.00 24.54 ? 86  TYR A CB  1 
ATOM   739  C CG  . TYR A 1 89 ? 3.270   -15.053 -0.060  1.00 22.71 ? 86  TYR A CG  1 
ATOM   740  C CD1 . TYR A 1 89 ? 3.104   -15.408 1.273   1.00 20.55 ? 86  TYR A CD1 1 
ATOM   741  C CD2 . TYR A 1 89 ? 3.614   -16.070 -0.987  1.00 22.78 ? 86  TYR A CD2 1 
ATOM   742  C CE1 . TYR A 1 89 ? 3.268   -16.759 1.693   1.00 20.90 ? 86  TYR A CE1 1 
ATOM   743  C CE2 . TYR A 1 89 ? 3.786   -17.401 -0.586  1.00 21.85 ? 86  TYR A CE2 1 
ATOM   744  C CZ  . TYR A 1 89 ? 3.621   -17.742 0.746   1.00 21.48 ? 86  TYR A CZ  1 
ATOM   745  O OH  . TYR A 1 89 ? 3.810   -19.056 1.076   1.00 22.04 ? 86  TYR A OH  1 
ATOM   746  N N   . ARG A 1 90 ? 4.008   -11.906 1.828   1.00 27.09 ? 87  ARG A N   1 
ATOM   747  C CA  . ARG A 1 90 ? 4.208   -11.846 3.289   1.00 29.22 ? 87  ARG A CA  1 
ATOM   748  C C   . ARG A 1 90 ? 2.901   -12.094 4.037   1.00 30.16 ? 87  ARG A C   1 
ATOM   749  O O   . ARG A 1 90 ? 1.879   -11.429 3.780   1.00 28.82 ? 87  ARG A O   1 
ATOM   750  C CB  . ARG A 1 90 ? 4.734   -10.459 3.668   1.00 28.62 ? 87  ARG A CB  1 
ATOM   751  C CG  . ARG A 1 90 ? 4.870   -10.264 5.162   1.00 35.38 ? 87  ARG A CG  1 
ATOM   752  C CD  . ARG A 1 90 ? 6.182   -10.790 5.760   1.00 42.64 ? 87  ARG A CD  1 
ATOM   753  N NE  . ARG A 1 90 ? 6.095   -10.840 7.224   1.00 47.36 ? 87  ARG A NE  1 
ATOM   754  C CZ  . ARG A 1 90 ? 7.117   -11.075 8.054   1.00 51.31 ? 87  ARG A CZ  1 
ATOM   755  N NH1 . ARG A 1 90 ? 8.350   -11.288 7.591   1.00 52.23 ? 87  ARG A NH1 1 
ATOM   756  N NH2 . ARG A 1 90 ? 6.903   -11.105 9.370   1.00 52.33 ? 87  ARG A NH2 1 
ATOM   757  N N   . ARG A 1 91 ? 2.922   -13.034 4.973   1.00 32.42 ? 88  ARG A N   1 
ATOM   758  C CA  . ARG A 1 91 ? 1.776   -13.253 5.861   1.00 34.84 ? 88  ARG A CA  1 
ATOM   759  C C   . ARG A 1 91 ? 1.585   -12.028 6.759   1.00 36.68 ? 88  ARG A C   1 
ATOM   760  O O   . ARG A 1 91 ? 2.556   -11.527 7.366   1.00 36.94 ? 88  ARG A O   1 
ATOM   761  C CB  . ARG A 1 91 ? 1.961   -14.527 6.707   1.00 35.83 ? 88  ARG A CB  1 
ATOM   762  C CG  . ARG A 1 91 ? 0.641   -15.169 7.112   1.00 36.14 ? 88  ARG A CG  1 
ATOM   763  C CD  . ARG A 1 91 ? 0.840   -16.550 7.703   1.00 41.85 ? 88  ARG A CD  1 
ATOM   764  N NE  . ARG A 1 91 ? 1.374   -16.479 9.061   1.00 46.28 ? 88  ARG A NE  1 
ATOM   765  C CZ  . ARG A 1 91 ? 1.431   -17.506 9.911   1.00 48.37 ? 88  ARG A CZ  1 
ATOM   766  N NH1 . ARG A 1 91 ? 0.972   -18.708 9.550   1.00 50.58 ? 88  ARG A NH1 1 
ATOM   767  N NH2 . ARG A 1 91 ? 1.948   -17.334 11.127  1.00 49.04 ? 88  ARG A NH2 1 
ATOM   768  N N   . LEU A 1 92 ? 0.351   -11.522 6.810   1.00 38.41 ? 89  LEU A N   1 
ATOM   769  C CA  . LEU A 1 92 ? 0.039   -10.321 7.597   1.00 39.73 ? 89  LEU A CA  1 
ATOM   770  C C   . LEU A 1 92 ? -0.228  -10.652 9.055   1.00 41.53 ? 89  LEU A C   1 
ATOM   771  O O   . LEU A 1 92 ? -1.287  -11.173 9.442   1.00 43.07 ? 89  LEU A O   1 
ATOM   772  C CB  . LEU A 1 92 ? -1.081  -9.459  6.974   1.00 39.58 ? 89  LEU A CB  1 
ATOM   773  C CG  . LEU A 1 92 ? -1.680  -8.264  7.764   1.00 39.59 ? 89  LEU A CG  1 
ATOM   774  C CD1 . LEU A 1 92 ? -0.681  -7.116  8.041   1.00 42.48 ? 89  LEU A CD1 1 
ATOM   775  C CD2 . LEU A 1 92 ? -2.971  -7.716  7.141   1.00 39.64 ? 89  LEU A CD2 1 
ATOM   776  N N   . ASP A 1 93 ? 0.797   -10.389 9.848   1.00 43.29 ? 90  ASP A N   1 
ATOM   777  C CA  . ASP A 1 93 ? 0.697   -10.348 11.274  1.00 44.38 ? 90  ASP A CA  1 
ATOM   778  C C   . ASP A 1 93 ? 0.355   -8.906  11.663  1.00 44.71 ? 90  ASP A C   1 
ATOM   779  C CB  . ASP A 1 93 ? 2.040   -10.749 11.884  1.00 45.53 ? 90  ASP A CB  1 
ATOM   780  C CG  . ASP A 1 93 ? 3.199   -9.934  11.327  1.00 46.50 ? 90  ASP A CG  1 
ATOM   781  O OD1 . ASP A 1 93 ? 3.702   -10.301 10.242  1.00 46.15 ? 90  ASP A OD1 1 
ATOM   782  O OD2 . ASP A 1 93 ? 3.601   -8.931  11.977  1.00 49.74 ? 90  ASP A OD2 1 
ATOM   783  N N   . ALA B 1 1  ? -3.047  -1.002  -7.359  1.00 38.29 ? -2  ALA B N   1 
ATOM   784  C CA  . ALA B 1 1  ? -4.332  -0.690  -7.978  1.00 38.81 ? -2  ALA B CA  1 
ATOM   785  C C   . ALA B 1 1  ? -4.070  0.591   -8.685  1.00 37.88 ? -2  ALA B C   1 
ATOM   786  O O   . ALA B 1 1  ? -4.891  1.477   -8.726  1.00 41.13 ? -2  ALA B O   1 
ATOM   787  C CB  . ALA B 1 1  ? -5.426  -0.523  -6.949  1.00 39.24 ? -2  ALA B CB  1 
ATOM   788  N N   . GLY B 1 2  ? -2.890  0.681   -9.263  1.00 36.60 ? -1  GLY B N   1 
ATOM   789  C CA  . GLY B 1 2  ? -2.576  1.795   -10.089 1.00 33.44 ? -1  GLY B CA  1 
ATOM   790  C C   . GLY B 1 2  ? -2.517  3.112   -9.319  1.00 32.31 ? -1  GLY B C   1 
ATOM   791  O O   . GLY B 1 2  ? -2.408  4.123   -9.983  1.00 32.59 ? -1  GLY B O   1 
ATOM   792  N N   . HIS B 1 3  ? -2.570  3.141   -7.968  1.00 29.64 ? 0   HIS B N   1 
ATOM   793  C CA  . HIS B 1 3  ? -2.416  4.472   -7.258  1.00 29.87 ? 0   HIS B CA  1 
ATOM   794  C C   . HIS B 1 3  ? -0.983  5.030   -7.323  1.00 29.39 ? 0   HIS B C   1 
ATOM   795  O O   . HIS B 1 3  ? -0.784  6.243   -7.511  1.00 29.61 ? 0   HIS B O   1 
ATOM   796  C CB  . HIS B 1 3  ? -2.886  4.459   -5.782  1.00 28.98 ? 0   HIS B CB  1 
ATOM   797  C CG  . HIS B 1 3  ? -4.376  4.303   -5.609  1.00 30.61 ? 0   HIS B CG  1 
ATOM   798  N ND1 . HIS B 1 3  ? -5.056  4.759   -4.492  1.00 23.74 ? 0   HIS B ND1 1 
ATOM   799  C CD2 . HIS B 1 3  ? -5.290  3.685   -6.391  1.00 28.17 ? 0   HIS B CD2 1 
ATOM   800  C CE1 . HIS B 1 3  ? -6.337  4.481   -4.634  1.00 36.44 ? 0   HIS B CE1 1 
ATOM   801  N NE2 . HIS B 1 3  ? -6.505  3.810   -5.769  1.00 39.00 ? 0   HIS B NE2 1 
ATOM   802  N N   . MET B 1 4  ? 0.017   4.164   -7.143  1.00 29.16 ? 1   MET B N   1 
ATOM   803  C CA  . MET B 1 4  ? 1.418   4.581   -7.251  1.00 32.02 ? 1   MET B CA  1 
ATOM   804  C C   . MET B 1 4  ? 1.806   5.213   -8.574  1.00 30.60 ? 1   MET B C   1 
ATOM   805  O O   . MET B 1 4  ? 2.620   6.125   -8.608  1.00 28.13 ? 1   MET B O   1 
ATOM   806  C CB  . MET B 1 4  ? 2.317   3.419   -6.986  1.00 31.65 ? 1   MET B CB  1 
ATOM   807  C CG  . MET B 1 4  ? 2.338   3.230   -5.533  1.00 35.00 ? 1   MET B CG  1 
ATOM   808  S SD  . MET B 1 4  ? 3.114   1.732   -5.116  1.00 41.67 ? 1   MET B SD  1 
ATOM   809  C CE  . MET B 1 4  ? 2.751   1.937   -3.368  1.00 39.35 ? 1   MET B CE  1 
ATOM   810  N N   . LYS B 1 5  ? 1.208   4.687   -9.636  1.00 28.05 ? 2   LYS B N   1 
ATOM   811  C CA  . LYS B 1 5  ? 1.344   5.218   -10.988 1.00 29.16 ? 2   LYS B CA  1 
ATOM   812  C C   . LYS B 1 5  ? 0.831   6.661   -11.022 1.00 28.52 ? 2   LYS B C   1 
ATOM   813  O O   . LYS B 1 5  ? 1.453   7.533   -11.631 1.00 29.51 ? 2   LYS B O   1 
ATOM   814  C CB  . LYS B 1 5  ? 0.559   4.333   -11.966 1.00 28.04 ? 2   LYS B CB  1 
ATOM   815  C CG  . LYS B 1 5  ? 0.685   4.691   -13.456 1.00 31.46 ? 2   LYS B CG  1 
ATOM   816  C CD  . LYS B 1 5  ? -0.139  3.720   -14.332 1.00 29.10 ? 2   LYS B CD  1 
ATOM   817  C CE  . LYS B 1 5  ? 0.179   3.984   -15.866 1.00 31.68 ? 2   LYS B CE  1 
ATOM   818  N NZ  . LYS B 1 5  ? -0.207  2.838   -16.767 1.00 28.86 ? 2   LYS B NZ  1 
ATOM   819  N N   . GLU B 1 6  ? -0.279  6.898   -10.338 1.00 27.84 ? 3   GLU B N   1 
ATOM   820  C CA  . GLU B 1 6  ? -0.923  8.196   -10.267 1.00 28.93 ? 3   GLU B CA  1 
ATOM   821  C C   . GLU B 1 6  ? -0.063  9.166   -9.458  1.00 27.03 ? 3   GLU B C   1 
ATOM   822  O O   . GLU B 1 6  ? 0.065   10.308  -9.822  1.00 24.99 ? 3   GLU B O   1 
ATOM   823  C CB  . GLU B 1 6  ? -2.233  8.021   -9.560  1.00 30.82 ? 3   GLU B CB  1 
ATOM   824  C CG  . GLU B 1 6  ? -3.357  8.965   -9.905  1.00 36.92 ? 3   GLU B CG  1 
ATOM   825  C CD  . GLU B 1 6  ? -4.722  8.236   -9.777  1.00 42.62 ? 3   GLU B CD  1 
ATOM   826  O OE1 . GLU B 1 6  ? -4.885  7.342   -8.881  1.00 40.90 ? 3   GLU B OE1 1 
ATOM   827  O OE2 . GLU B 1 6  ? -5.627  8.541   -10.588 1.00 46.11 ? 3   GLU B OE2 1 
ATOM   828  N N   . ILE B 1 7  ? 0.497   8.701   -8.346  1.00 26.82 ? 4   ILE B N   1 
ATOM   829  C CA  . ILE B 1 7  ? 1.409   9.514   -7.526  1.00 27.22 ? 4   ILE B CA  1 
ATOM   830  C C   . ILE B 1 7  ? 2.619   9.974   -8.364  1.00 26.92 ? 4   ILE B C   1 
ATOM   831  O O   . ILE B 1 7  ? 3.038   11.119  -8.305  1.00 27.04 ? 4   ILE B O   1 
ATOM   832  C CB  . ILE B 1 7  ? 1.880   8.704   -6.258  1.00 26.22 ? 4   ILE B CB  1 
ATOM   833  C CG1 . ILE B 1 7  ? 0.672   8.437   -5.317  1.00 28.51 ? 4   ILE B CG1 1 
ATOM   834  C CG2 . ILE B 1 7  ? 3.011   9.437   -5.487  1.00 28.40 ? 4   ILE B CG2 1 
ATOM   835  C CD1 . ILE B 1 7  ? 0.913   7.433   -4.216  1.00 27.19 ? 4   ILE B CD1 1 
ATOM   836  N N   . LYS B 1 8  ? 3.215   9.050   -9.112  1.00 27.26 ? 5   LYS B N   1 
ATOM   837  C CA  . LYS B 1 8  ? 4.432   9.379   -9.832  1.00 28.55 ? 5   LYS B CA  1 
ATOM   838  C C   . LYS B 1 8  ? 4.032   10.406  -10.921 1.00 29.83 ? 5   LYS B C   1 
ATOM   839  O O   . LYS B 1 8  ? 4.749   11.386  -11.177 1.00 29.23 ? 5   LYS B O   1 
ATOM   840  C CB  . LYS B 1 8  ? 5.033   8.096   -10.397 1.00 29.75 ? 5   LYS B CB  1 
ATOM   841  C CG  . LYS B 1 8  ? 6.237   8.265   -11.353 1.00 33.22 ? 5   LYS B CG  1 
ATOM   842  C CD  . LYS B 1 8  ? 6.336   6.981   -12.188 1.00 36.67 ? 5   LYS B CD  1 
ATOM   843  C CE  . LYS B 1 8  ? 7.479   6.987   -13.166 1.00 39.64 ? 5   LYS B CE  1 
ATOM   844  N NZ  . LYS B 1 8  ? 7.383   5.778   -14.075 1.00 41.83 ? 5   LYS B NZ  1 
ATOM   845  N N   . GLU B 1 9  ? 2.867   10.217  -11.533 1.00 29.74 ? 6   GLU B N   1 
ATOM   846  C CA  . GLU B 1 9  ? 2.447   11.116  -12.590 1.00 31.67 ? 6   GLU B CA  1 
ATOM   847  C C   . GLU B 1 9  ? 2.106   12.527  -12.079 1.00 31.10 ? 6   GLU B C   1 
ATOM   848  O O   . GLU B 1 9  ? 2.559   13.507  -12.660 1.00 30.68 ? 6   GLU B O   1 
ATOM   849  C CB  . GLU B 1 9  ? 1.303   10.484  -13.389 1.00 32.91 ? 6   GLU B CB  1 
ATOM   850  C CG  . GLU B 1 9  ? -0.024  11.211  -13.257 1.00 40.12 ? 6   GLU B CG  1 
ATOM   851  C CD  . GLU B 1 9  ? -0.120  12.450  -14.168 1.00 46.95 ? 6   GLU B CD  1 
ATOM   852  O OE1 . GLU B 1 9  ? 0.379   12.392  -15.327 1.00 50.26 ? 6   GLU B OE1 1 
ATOM   853  O OE2 . GLU B 1 9  ? -0.711  13.478  -13.724 1.00 49.87 ? 6   GLU B OE2 1 
ATOM   854  N N   . ILE B 1 10 ? 1.358   12.638  -10.986 1.00 30.57 ? 7   ILE B N   1 
ATOM   855  C CA  . ILE B 1 10 ? 1.060   13.935  -10.379 1.00 31.43 ? 7   ILE B CA  1 
ATOM   856  C C   . ILE B 1 10 ? 2.367   14.673  -9.978  1.00 30.57 ? 7   ILE B C   1 
ATOM   857  O O   . ILE B 1 10 ? 2.521   15.859  -10.233 1.00 30.28 ? 7   ILE B O   1 
ATOM   858  C CB  . ILE B 1 10 ? 0.145   13.788  -9.121  1.00 31.36 ? 7   ILE B CB  1 
ATOM   859  C CG1 . ILE B 1 10 ? -1.225  13.126  -9.441  1.00 35.44 ? 7   ILE B CG1 1 
ATOM   860  C CG2 . ILE B 1 10 ? 0.010   15.152  -8.330  1.00 33.41 ? 7   ILE B CG2 1 
ATOM   861  C CD1 . ILE B 1 10 ? -1.929  13.638  -10.653 1.00 40.40 ? 7   ILE B CD1 1 
ATOM   862  N N   . THR B 1 11 ? 3.301   13.945  -9.371  1.00 30.28 ? 8   THR B N   1 
ATOM   863  C CA  . THR B 1 11 ? 4.543   14.501  -8.836  1.00 29.97 ? 8   THR B CA  1 
ATOM   864  C C   . THR B 1 11 ? 5.371   15.076  -10.001 1.00 31.73 ? 8   THR B C   1 
ATOM   865  O O   . THR B 1 11 ? 5.807   16.260  -9.994  1.00 29.31 ? 8   THR B O   1 
ATOM   866  C CB  . THR B 1 11 ? 5.332   13.394  -8.085  1.00 29.93 ? 8   THR B CB  1 
ATOM   867  O OG1 . THR B 1 11 ? 4.604   12.935  -6.939  1.00 29.16 ? 8   THR B OG1 1 
ATOM   868  C CG2 . THR B 1 11 ? 6.756   13.842  -7.694  1.00 32.01 ? 8   THR B CG2 1 
ATOM   869  N N   . LYS B 1 12 ? 5.545   14.242  -11.018 1.00 31.72 ? 9   LYS B N   1 
ATOM   870  C CA  . LYS B 1 12 ? 6.396   14.579  -12.108 1.00 33.25 ? 9   LYS B CA  1 
ATOM   871  C C   . LYS B 1 12 ? 5.847   15.724  -12.981 1.00 33.04 ? 9   LYS B C   1 
ATOM   872  O O   . LYS B 1 12 ? 6.626   16.470  -13.582 1.00 32.27 ? 9   LYS B O   1 
ATOM   873  C CB  . LYS B 1 12 ? 6.701   13.334  -12.936 1.00 34.01 ? 9   LYS B CB  1 
ATOM   874  C CG  . LYS B 1 12 ? 7.696   12.363  -12.273 1.00 37.73 ? 9   LYS B CG  1 
ATOM   875  C CD  . LYS B 1 12 ? 8.767   13.049  -11.386 1.00 44.12 ? 9   LYS B CD  1 
ATOM   876  C CE  . LYS B 1 12 ? 10.174  12.537  -11.726 1.00 47.67 ? 9   LYS B CE  1 
ATOM   877  N NZ  . LYS B 1 12 ? 10.151  11.133  -12.230 1.00 50.85 ? 9   LYS B NZ  1 
ATOM   878  N N   . LYS B 1 13 ? 4.517   15.887  -12.992 1.00 32.42 ? 10  LYS B N   1 
ATOM   879  C CA  . LYS B 1 13 ? 3.869   16.994  -13.692 1.00 32.84 ? 10  LYS B CA  1 
ATOM   880  C C   . LYS B 1 13 ? 4.145   18.363  -13.025 1.00 32.12 ? 10  LYS B C   1 
ATOM   881  O O   . LYS B 1 13 ? 4.199   19.394  -13.691 1.00 31.98 ? 10  LYS B O   1 
ATOM   882  C CB  . LYS B 1 13 ? 2.370   16.715  -13.787 1.00 33.07 ? 10  LYS B CB  1 
ATOM   883  C CG  . LYS B 1 13 ? 1.569   17.767  -14.529 1.00 34.86 ? 10  LYS B CG  1 
ATOM   884  C CD  . LYS B 1 13 ? 0.131   17.275  -14.820 1.00 34.64 ? 10  LYS B CD  1 
ATOM   885  C CE  . LYS B 1 13 ? -0.756  18.449  -15.233 1.00 41.15 ? 10  LYS B CE  1 
ATOM   886  N NZ  . LYS B 1 13 ? -2.144  17.974  -15.545 1.00 43.15 ? 10  LYS B NZ  1 
ATOM   887  N N   . ASP B 1 14 ? 4.290   18.348  -11.711 1.00 31.07 ? 11  ASP B N   1 
ATOM   888  C CA  . ASP B 1 14 ? 4.534   19.548  -10.907 1.00 32.62 ? 11  ASP B CA  1 
ATOM   889  C C   . ASP B 1 14 ? 6.039   19.792  -10.687 1.00 31.45 ? 11  ASP B C   1 
ATOM   890  O O   . ASP B 1 14 ? 6.558   20.892  -10.869 1.00 31.69 ? 11  ASP B O   1 
ATOM   891  C CB  . ASP B 1 14 ? 3.836   19.390  -9.550  1.00 31.51 ? 11  ASP B CB  1 
ATOM   892  C CG  . ASP B 1 14 ? 3.796   20.690  -8.761  1.00 35.49 ? 11  ASP B CG  1 
ATOM   893  O OD1 . ASP B 1 14 ? 4.731   21.547  -8.884  1.00 35.89 ? 11  ASP B OD1 1 
ATOM   894  O OD2 . ASP B 1 14 ? 2.833   20.849  -8.005  1.00 35.50 ? 11  ASP B OD2 1 
ATOM   895  N N   . VAL B 1 15 ? 6.744   18.740  -10.320 1.00 31.83 ? 12  VAL B N   1 
ATOM   896  C CA  . VAL B 1 15 ? 8.147   18.850  -9.917  1.00 32.99 ? 12  VAL B CA  1 
ATOM   897  C C   . VAL B 1 15 ? 8.899   17.754  -10.661 1.00 31.93 ? 12  VAL B C   1 
ATOM   898  O O   . VAL B 1 15 ? 9.022   16.641  -10.146 1.00 31.49 ? 12  VAL B O   1 
ATOM   899  C CB  . VAL B 1 15 ? 8.337   18.616  -8.386  1.00 34.25 ? 12  VAL B CB  1 
ATOM   900  C CG1 . VAL B 1 15 ? 9.802   18.916  -7.978  1.00 35.42 ? 12  VAL B CG1 1 
ATOM   901  C CG2 . VAL B 1 15 ? 7.367   19.428  -7.559  1.00 34.77 ? 12  VAL B CG2 1 
ATOM   902  N N   . GLN B 1 16 ? 9.416   18.091  -11.847 1.00 31.60 ? 13  GLN B N   1 
ATOM   903  C CA  . GLN B 1 16 ? 10.063  17.122  -12.737 1.00 31.37 ? 13  GLN B CA  1 
ATOM   904  C C   . GLN B 1 16 ? 11.292  16.432  -12.101 1.00 30.97 ? 13  GLN B C   1 
ATOM   905  O O   . GLN B 1 16 ? 11.553  15.250  -12.359 1.00 30.07 ? 13  GLN B O   1 
ATOM   906  C CB  . GLN B 1 16 ? 10.412  17.809  -14.077 1.00 32.33 ? 13  GLN B CB  1 
ATOM   907  C CG  . GLN B 1 16 ? 11.055  19.197  -13.933 1.00 36.05 ? 13  GLN B CG  1 
ATOM   908  C CD  . GLN B 1 16 ? 10.087  20.430  -14.046 1.00 41.81 ? 13  GLN B CD  1 
ATOM   909  O OE1 . GLN B 1 16 ? 9.181   20.669  -13.192 1.00 40.27 ? 13  GLN B OE1 1 
ATOM   910  N NE2 . GLN B 1 16 ? 10.346  21.260  -15.077 1.00 39.29 ? 13  GLN B NE2 1 
ATOM   911  N N   . ASP B 1 17 ? 12.044  17.135  -11.257 1.00 29.80 ? 14  ASP B N   1 
ATOM   912  C CA  . ASP B 1 17 ? 13.245  16.498  -10.688 1.00 30.14 ? 14  ASP B CA  1 
ATOM   913  C C   . ASP B 1 17 ? 13.014  15.728  -9.384  1.00 28.45 ? 14  ASP B C   1 
ATOM   914  O O   . ASP B 1 17 ? 13.977  15.245  -8.764  1.00 28.47 ? 14  ASP B O   1 
ATOM   915  C CB  . ASP B 1 17 ? 14.363  17.537  -10.455 1.00 29.97 ? 14  ASP B CB  1 
ATOM   916  C CG  . ASP B 1 17 ? 14.067  18.472  -9.250  1.00 31.72 ? 14  ASP B CG  1 
ATOM   917  O OD1 . ASP B 1 17 ? 13.094  18.255  -8.480  1.00 31.14 ? 14  ASP B OD1 1 
ATOM   918  O OD2 . ASP B 1 17 ? 14.823  19.440  -9.057  1.00 35.48 ? 14  ASP B OD2 1 
ATOM   919  N N   . ALA B 1 18 ? 11.772  15.631  -8.934  1.00 28.34 ? 15  ALA B N   1 
ATOM   920  C CA  . ALA B 1 18 ? 11.529  15.043  -7.641  1.00 27.90 ? 15  ALA B CA  1 
ATOM   921  C C   . ALA B 1 18 ? 11.802  13.558  -7.670  1.00 27.97 ? 15  ALA B C   1 
ATOM   922  O O   . ALA B 1 18 ? 11.620  12.890  -8.717  1.00 28.94 ? 15  ALA B O   1 
ATOM   923  C CB  . ALA B 1 18 ? 10.091  15.320  -7.167  1.00 29.25 ? 15  ALA B CB  1 
ATOM   924  N N   . GLU B 1 19 ? 12.260  13.040  -6.534  1.00 27.18 ? 16  GLU B N   1 
ATOM   925  C CA  . GLU B 1 19 ? 12.478  11.616  -6.373  1.00 27.39 ? 16  GLU B CA  1 
ATOM   926  C C   . GLU B 1 19 ? 11.493  11.070  -5.352  1.00 26.02 ? 16  GLU B C   1 
ATOM   927  O O   . GLU B 1 19 ? 11.086  11.789  -4.442  1.00 25.97 ? 16  GLU B O   1 
ATOM   928  C CB  . GLU B 1 19 ? 13.917  11.331  -5.978  1.00 26.81 ? 16  GLU B CB  1 
ATOM   929  C CG  . GLU B 1 19 ? 14.929  11.547  -7.150  1.00 34.24 ? 16  GLU B CG  1 
ATOM   930  C CD  . GLU B 1 19 ? 15.052  10.313  -8.121  1.00 39.27 ? 16  GLU B CD  1 
ATOM   931  O OE1 . GLU B 1 19 ? 14.038  9.601   -8.418  1.00 37.91 ? 16  GLU B OE1 1 
ATOM   932  O OE2 . GLU B 1 19 ? 16.190  10.078  -8.620  1.00 44.70 ? 16  GLU B OE2 1 
ATOM   933  N N   . ILE B 1 20 ? 11.036  9.845   -5.577  1.00 23.35 ? 17  ILE B N   1 
ATOM   934  C CA  . ILE B 1 20 ? 10.048  9.289   -4.703  1.00 24.90 ? 17  ILE B CA  1 
ATOM   935  C C   . ILE B 1 20 ? 10.603  8.045   -4.053  1.00 23.63 ? 17  ILE B C   1 
ATOM   936  O O   . ILE B 1 20 ? 11.135  7.168   -4.737  1.00 23.02 ? 17  ILE B O   1 
ATOM   937  C CB  . ILE B 1 20 ? 8.720   8.973   -5.462  1.00 25.52 ? 17  ILE B CB  1 
ATOM   938  C CG1 . ILE B 1 20 ? 8.204   10.248  -6.164  1.00 25.81 ? 17  ILE B CG1 1 
ATOM   939  C CG2 . ILE B 1 20 ? 7.659   8.354   -4.496  1.00 24.12 ? 17  ILE B CG2 1 
ATOM   940  C CD1 . ILE B 1 20 ? 7.289   9.934   -7.363  1.00 24.97 ? 17  ILE B CD1 1 
ATOM   941  N N   . TYR B 1 21 ? 10.402  7.970   -2.748  1.00 23.61 ? 18  TYR B N   1 
ATOM   942  C CA  . TYR B 1 21 ? 10.862  6.854   -1.982  1.00 23.85 ? 18  TYR B CA  1 
ATOM   943  C C   . TYR B 1 21 ? 9.687   6.312   -1.219  1.00 24.54 ? 18  TYR B C   1 
ATOM   944  O O   . TYR B 1 21 ? 8.874   7.099   -0.669  1.00 26.17 ? 18  TYR B O   1 
ATOM   945  C CB  . TYR B 1 21 ? 11.952  7.320   -1.009  1.00 22.19 ? 18  TYR B CB  1 
ATOM   946  C CG  . TYR B 1 21 ? 13.124  7.970   -1.687  1.00 21.67 ? 18  TYR B CG  1 
ATOM   947  C CD1 . TYR B 1 21 ? 14.170  7.217   -2.190  1.00 22.49 ? 18  TYR B CD1 1 
ATOM   948  C CD2 . TYR B 1 21 ? 13.190  9.363   -1.808  1.00 23.08 ? 18  TYR B CD2 1 
ATOM   949  C CE1 . TYR B 1 21 ? 15.268  7.841   -2.809  1.00 28.02 ? 18  TYR B CE1 1 
ATOM   950  C CE2 . TYR B 1 21 ? 14.246  9.979   -2.441  1.00 25.40 ? 18  TYR B CE2 1 
ATOM   951  C CZ  . TYR B 1 21 ? 15.298  9.214   -2.910  1.00 25.68 ? 18  TYR B CZ  1 
ATOM   952  O OH  . TYR B 1 21 ? 16.349  9.852   -3.530  1.00 28.07 ? 18  TYR B OH  1 
ATOM   953  N N   . LEU B 1 22 ? 9.639   4.982   -1.120  1.00 23.28 ? 19  LEU B N   1 
ATOM   954  C CA  . LEU B 1 22 ? 8.563   4.247   -0.412  1.00 24.15 ? 19  LEU B CA  1 
ATOM   955  C C   . LEU B 1 22 ? 9.110   3.623   0.872   1.00 24.12 ? 19  LEU B C   1 
ATOM   956  O O   . LEU B 1 22 ? 10.197  3.073   0.870   1.00 24.38 ? 19  LEU B O   1 
ATOM   957  C CB  . LEU B 1 22 ? 7.970   3.159   -1.336  1.00 22.44 ? 19  LEU B CB  1 
ATOM   958  C CG  . LEU B 1 22 ? 7.221   3.620   -2.594  1.00 26.69 ? 19  LEU B CG  1 
ATOM   959  C CD1 . LEU B 1 22 ? 6.511   2.402   -3.295  1.00 24.36 ? 19  LEU B CD1 1 
ATOM   960  C CD2 . LEU B 1 22 ? 6.174   4.663   -2.196  1.00 25.03 ? 19  LEU B CD2 1 
ATOM   961  N N   . TYR B 1 23 ? 8.392   3.750   1.985   1.00 26.17 ? 20  TYR B N   1 
ATOM   962  C CA  . TYR B 1 23 ? 8.675   2.966   3.190   1.00 25.08 ? 20  TYR B CA  1 
ATOM   963  C C   . TYR B 1 23 ? 7.347   2.773   3.939   1.00 25.59 ? 20  TYR B C   1 
ATOM   964  O O   . TYR B 1 23 ? 6.267   2.777   3.310   1.00 25.14 ? 20  TYR B O   1 
ATOM   965  C CB  . TYR B 1 23 ? 9.809   3.590   4.037   1.00 25.64 ? 20  TYR B CB  1 
ATOM   966  C CG  . TYR B 1 23 ? 9.641   5.077   4.301   1.00 27.40 ? 20  TYR B CG  1 
ATOM   967  C CD1 . TYR B 1 23 ? 9.805   6.008   3.266   1.00 30.51 ? 20  TYR B CD1 1 
ATOM   968  C CD2 . TYR B 1 23 ? 9.355   5.551   5.600   1.00 28.48 ? 20  TYR B CD2 1 
ATOM   969  C CE1 . TYR B 1 23 ? 9.644   7.376   3.490   1.00 29.37 ? 20  TYR B CE1 1 
ATOM   970  C CE2 . TYR B 1 23 ? 9.194   6.946   5.846   1.00 30.69 ? 20  TYR B CE2 1 
ATOM   971  C CZ  . TYR B 1 23 ? 9.342   7.820   4.761   1.00 29.10 ? 20  TYR B CZ  1 
ATOM   972  O OH  . TYR B 1 23 ? 9.215   9.159   4.954   1.00 31.40 ? 20  TYR B OH  1 
ATOM   973  N N   . GLY B 1 24 ? 7.397   2.550   5.241   1.00 25.53 ? 21  GLY B N   1 
ATOM   974  C CA  . GLY B 1 24 ? 6.180   2.185   6.021   1.00 25.97 ? 21  GLY B CA  1 
ATOM   975  C C   . GLY B 1 24 ? 6.120   0.666   6.213   1.00 26.50 ? 21  GLY B C   1 
ATOM   976  O O   . GLY B 1 24 ? 7.079   -0.014  5.918   1.00 26.96 ? 21  GLY B O   1 
ATOM   977  N N   . SER B 1 25 ? 5.028   0.129   6.731   1.00 27.46 ? 22  SER B N   1 
ATOM   978  C CA  . SER B 1 25 ? 5.070   -1.267  7.259   1.00 29.85 ? 22  SER B CA  1 
ATOM   979  C C   . SER B 1 25 ? 5.347   -2.315  6.191   1.00 30.08 ? 22  SER B C   1 
ATOM   980  O O   . SER B 1 25 ? 6.125   -3.242  6.415   1.00 30.27 ? 22  SER B O   1 
ATOM   981  C CB  . SER B 1 25 ? 3.791   -1.623  8.010   1.00 30.29 ? 22  SER B CB  1 
ATOM   982  O OG  . SER B 1 25 ? 2.682   -1.517  7.162   1.00 32.94 ? 22  SER B OG  1 
ATOM   983  N N   . VAL B 1 26 ? 4.727   -2.129  5.021   1.00 30.90 ? 23  VAL B N   1 
ATOM   984  C CA  . VAL B 1 26 ? 4.872   -3.083  3.910   1.00 31.53 ? 23  VAL B CA  1 
ATOM   985  C C   . VAL B 1 26 ? 6.330   -3.233  3.430   1.00 32.48 ? 23  VAL B C   1 
ATOM   986  O O   . VAL B 1 26 ? 6.869   -4.357  3.316   1.00 32.87 ? 23  VAL B O   1 
ATOM   987  C CB  . VAL B 1 26 ? 3.897   -2.773  2.781   1.00 31.64 ? 23  VAL B CB  1 
ATOM   988  C CG1 . VAL B 1 26 ? 4.008   -3.876  1.670   1.00 34.20 ? 23  VAL B CG1 1 
ATOM   989  C CG2 . VAL B 1 26 ? 2.475   -2.804  3.331   1.00 29.03 ? 23  VAL B CG2 1 
ATOM   990  N N   . VAL B 1 27 ? 6.992   -2.105  3.244   1.00 31.03 ? 24  VAL B N   1 
ATOM   991  C CA  . VAL B 1 27 ? 8.360   -2.100  2.764   1.00 31.89 ? 24  VAL B CA  1 
ATOM   992  C C   . VAL B 1 27 ? 9.303   -2.583  3.864   1.00 33.47 ? 24  VAL B C   1 
ATOM   993  O O   . VAL B 1 27 ? 10.225  -3.380  3.579   1.00 33.42 ? 24  VAL B O   1 
ATOM   994  C CB  . VAL B 1 27 ? 8.765   -0.676  2.251   1.00 30.71 ? 24  VAL B CB  1 
ATOM   995  C CG1 . VAL B 1 27 ? 10.317  -0.548  2.028   1.00 31.88 ? 24  VAL B CG1 1 
ATOM   996  C CG2 . VAL B 1 27 ? 7.965   -0.321  0.967   1.00 28.00 ? 24  VAL B CG2 1 
ATOM   997  N N   . GLU B 1 28 ? 9.048   -2.144  5.108   1.00 34.35 ? 25  GLU B N   1 
ATOM   998  C CA  . GLU B 1 28 ? 10.034  -2.277  6.196   1.00 34.98 ? 25  GLU B CA  1 
ATOM   999  C C   . GLU B 1 28 ? 9.839   -3.564  6.968   1.00 37.61 ? 25  GLU B C   1 
ATOM   1000 O O   . GLU B 1 28 ? 10.682  -3.951  7.784   1.00 37.64 ? 25  GLU B O   1 
ATOM   1001 C CB  . GLU B 1 28 ? 9.996   -1.066  7.144   1.00 34.39 ? 25  GLU B CB  1 
ATOM   1002 C CG  . GLU B 1 28 ? 10.377  0.276   6.470   1.00 32.94 ? 25  GLU B CG  1 
ATOM   1003 C CD  . GLU B 1 28 ? 10.318  1.487   7.416   1.00 32.52 ? 25  GLU B CD  1 
ATOM   1004 O OE1 . GLU B 1 28 ? 11.109  1.587   8.370   1.00 26.04 ? 25  GLU B OE1 1 
ATOM   1005 O OE2 . GLU B 1 28 ? 9.484   2.379   7.187   1.00 31.33 ? 25  GLU B OE2 1 
ATOM   1006 N N   . GLY B 1 29 ? 8.708   -4.214  6.739   1.00 40.24 ? 26  GLY B N   1 
ATOM   1007 C CA  . GLY B 1 29 ? 8.440   -5.492  7.365   1.00 43.39 ? 26  GLY B CA  1 
ATOM   1008 C C   . GLY B 1 29 ? 8.078   -5.345  8.824   1.00 45.48 ? 26  GLY B C   1 
ATOM   1009 O O   . GLY B 1 29 ? 8.158   -6.309  9.574   1.00 46.97 ? 26  GLY B O   1 
ATOM   1010 N N   . ASP B 1 30 ? 7.713   -4.130  9.225   1.00 47.23 ? 27  ASP B N   1 
ATOM   1011 C CA  . ASP B 1 30 ? 7.208   -3.837  10.563  1.00 48.40 ? 27  ASP B CA  1 
ATOM   1012 C C   . ASP B 1 30 ? 5.732   -3.660  10.413  1.00 47.80 ? 27  ASP B C   1 
ATOM   1013 O O   . ASP B 1 30 ? 5.307   -2.597  9.950   1.00 47.87 ? 27  ASP B O   1 
ATOM   1014 C CB  . ASP B 1 30 ? 7.774   -2.505  11.120  1.00 49.24 ? 27  ASP B CB  1 
ATOM   1015 C CG  . ASP B 1 30 ? 6.836   -1.832  12.194  1.00 53.20 ? 27  ASP B CG  1 
ATOM   1016 O OD1 . ASP B 1 30 ? 5.569   -1.965  12.101  1.00 55.38 ? 27  ASP B OD1 1 
ATOM   1017 O OD2 . ASP B 1 30 ? 7.365   -1.147  13.121  1.00 54.51 ? 27  ASP B OD2 1 
ATOM   1018 N N   . TYR B 1 31 ? 4.958   -4.668  10.828  1.00 46.92 ? 28  TYR B N   1 
ATOM   1019 C CA  . TYR B 1 31 ? 3.513   -4.535  10.901  1.00 46.05 ? 28  TYR B CA  1 
ATOM   1020 C C   . TYR B 1 31 ? 3.044   -4.458  12.346  1.00 46.35 ? 28  TYR B C   1 
ATOM   1021 O O   . TYR B 1 31 ? 1.842   -4.435  12.590  1.00 46.39 ? 28  TYR B O   1 
ATOM   1022 C CB  . TYR B 1 31 ? 2.823   -5.720  10.222  1.00 45.73 ? 28  TYR B CB  1 
ATOM   1023 C CG  . TYR B 1 31 ? 3.166   -5.893  8.778   1.00 45.41 ? 28  TYR B CG  1 
ATOM   1024 C CD1 . TYR B 1 31 ? 2.482   -5.188  7.786   1.00 42.31 ? 28  TYR B CD1 1 
ATOM   1025 C CD2 . TYR B 1 31 ? 4.161   -6.788  8.387   1.00 46.13 ? 28  TYR B CD2 1 
ATOM   1026 C CE1 . TYR B 1 31 ? 2.783   -5.381  6.436   1.00 43.50 ? 28  TYR B CE1 1 
ATOM   1027 C CE2 . TYR B 1 31 ? 4.479   -6.971  7.042   1.00 45.12 ? 28  TYR B CE2 1 
ATOM   1028 C CZ  . TYR B 1 31 ? 3.795   -6.264  6.076   1.00 44.13 ? 28  TYR B CZ  1 
ATOM   1029 O OH  . TYR B 1 31 ? 4.129   -6.449  4.757   1.00 45.04 ? 28  TYR B OH  1 
ATOM   1030 N N   . SER B 1 32 ? 3.975   -4.428  13.301  1.00 46.38 ? 29  SER B N   1 
ATOM   1031 C CA  . SER B 1 32 ? 3.600   -4.484  14.714  1.00 46.65 ? 29  SER B CA  1 
ATOM   1032 C C   . SER B 1 32 ? 4.076   -3.294  15.578  1.00 46.73 ? 29  SER B C   1 
ATOM   1033 O O   . SER B 1 32 ? 3.954   -3.327  16.805  1.00 46.56 ? 29  SER B O   1 
ATOM   1034 C CB  . SER B 1 32 ? 4.024   -5.828  15.309  1.00 46.61 ? 29  SER B CB  1 
ATOM   1035 O OG  . SER B 1 32 ? 3.282   -6.886  14.686  1.00 47.85 ? 29  SER B OG  1 
ATOM   1036 N N   . ILE B 1 33 ? 4.600   -2.248  14.933  1.00 46.42 ? 30  ILE B N   1 
ATOM   1037 C CA  . ILE B 1 33 ? 5.048   -1.035  15.644  1.00 46.36 ? 30  ILE B CA  1 
ATOM   1038 C C   . ILE B 1 33 ? 4.309   0.214   15.098  1.00 44.75 ? 30  ILE B C   1 
ATOM   1039 O O   . ILE B 1 33 ? 4.785   1.424   15.264  1.00 44.62 ? 30  ILE B O   1 
ATOM   1040 C CB  . ILE B 1 33 ? 6.617   -0.911  15.604  1.00 47.14 ? 30  ILE B CB  1 
ATOM   1041 C CG1 . ILE B 1 33 ? 7.251   -2.195  16.197  1.00 48.64 ? 30  ILE B CG1 1 
ATOM   1042 C CG2 . ILE B 1 33 ? 7.121   0.368   16.345  1.00 48.73 ? 30  ILE B CG2 1 
ATOM   1043 C CD1 . ILE B 1 33 ? 8.638   -2.554  15.641  1.00 51.24 ? 30  ILE B CD1 1 
ATOM   1044 N N   . GLY B 1 34 ? 3.101   -0.093  14.460  1.00 43.13 ? 31  GLY B N   1 
ATOM   1045 C CA  . GLY B 1 34 ? 2.252   1.063   14.115  1.00 41.17 ? 31  GLY B CA  1 
ATOM   1046 C C   . GLY B 1 34 ? 2.809   2.052   13.099  1.00 39.44 ? 31  GLY B C   1 
ATOM   1047 O O   . GLY B 1 34 ? 2.449   3.214   13.123  1.00 38.29 ? 31  GLY B O   1 
ATOM   1048 N N   . LEU B 1 35 ? 3.640   1.583   12.175  1.00 38.35 ? 32  LEU B N   1 
ATOM   1049 C CA  . LEU B 1 35 ? 4.055   2.432   11.054  1.00 37.90 ? 32  LEU B CA  1 
ATOM   1050 C C   . LEU B 1 35 ? 2.828   2.670   10.174  1.00 36.95 ? 32  LEU B C   1 
ATOM   1051 O O   . LEU B 1 35 ? 1.893   1.863   10.201  1.00 37.19 ? 32  LEU B O   1 
ATOM   1052 C CB  . LEU B 1 35 ? 5.141   1.754   10.214  1.00 37.91 ? 32  LEU B CB  1 
ATOM   1053 C CG  . LEU B 1 35 ? 6.492   1.386   10.827  1.00 37.03 ? 32  LEU B CG  1 
ATOM   1054 C CD1 . LEU B 1 35 ? 7.476   1.021   9.704   1.00 32.31 ? 32  LEU B CD1 1 
ATOM   1055 C CD2 . LEU B 1 35 ? 7.031   2.528   11.695  1.00 36.28 ? 32  LEU B CD2 1 
ATOM   1056 N N   . SER B 1 36 ? 2.822   3.773   9.426   1.00 35.15 ? 33  SER B N   1 
ATOM   1057 C CA  . SER B 1 36 ? 1.898   3.898   8.302   1.00 34.86 ? 33  SER B CA  1 
ATOM   1058 C C   . SER B 1 36 ? 2.051   2.721   7.305   1.00 32.68 ? 33  SER B C   1 
ATOM   1059 O O   . SER B 1 36 ? 3.150   2.220   7.150   1.00 33.04 ? 33  SER B O   1 
ATOM   1060 C CB  . SER B 1 36 ? 2.130   5.213   7.578   1.00 34.21 ? 33  SER B CB  1 
ATOM   1061 O OG  . SER B 1 36 ? 1.272   5.261   6.444   1.00 39.59 ? 33  SER B OG  1 
ATOM   1062 N N   . ASP B 1 37 ? 0.975   2.312   6.626   1.00 31.00 ? 34  ASP B N   1 
ATOM   1063 C CA  . ASP B 1 37 ? 1.013   1.188   5.652   1.00 30.27 ? 34  ASP B CA  1 
ATOM   1064 C C   . ASP B 1 37 ? 2.057   1.426   4.539   1.00 29.99 ? 34  ASP B C   1 
ATOM   1065 O O   . ASP B 1 37 ? 2.938   0.582   4.304   1.00 29.60 ? 34  ASP B O   1 
ATOM   1066 C CB  . ASP B 1 37 ? -0.358  0.952   5.007   1.00 29.76 ? 34  ASP B CB  1 
ATOM   1067 C CG  . ASP B 1 37 ? -1.448  0.484   6.027   1.00 31.72 ? 34  ASP B CG  1 
ATOM   1068 O OD1 . ASP B 1 37 ? -1.129  -0.006  7.120   1.00 29.06 ? 34  ASP B OD1 1 
ATOM   1069 O OD2 . ASP B 1 37 ? -2.639  0.615   5.713   1.00 34.95 ? 34  ASP B OD2 1 
ATOM   1070 N N   . ILE B 1 38 ? 1.930   2.574   3.860   1.00 28.99 ? 35  ILE B N   1 
ATOM   1071 C CA  . ILE B 1 38 ? 2.905   3.046   2.871   1.00 27.60 ? 35  ILE B CA  1 
ATOM   1072 C C   . ILE B 1 38 ? 3.221   4.526   3.178   1.00 28.34 ? 35  ILE B C   1 
ATOM   1073 O O   . ILE B 1 38 ? 2.350   5.409   3.068   1.00 29.42 ? 35  ILE B O   1 
ATOM   1074 C CB  . ILE B 1 38 ? 2.373   2.896   1.426   1.00 28.16 ? 35  ILE B CB  1 
ATOM   1075 C CG1 . ILE B 1 38 ? 2.019   1.430   1.118   1.00 27.55 ? 35  ILE B CG1 1 
ATOM   1076 C CG2 . ILE B 1 38 ? 3.404   3.417   0.383   1.00 29.37 ? 35  ILE B CG2 1 
ATOM   1077 C CD1 . ILE B 1 38 ? 1.241   1.272   -0.220  1.00 28.71 ? 35  ILE B CD1 1 
ATOM   1078 N N   . ASP B 1 39 ? 4.459   4.792   3.586   1.00 26.43 ? 36  ASP B N   1 
ATOM   1079 C CA  . ASP B 1 39 ? 4.994   6.184   3.587   1.00 27.39 ? 36  ASP B CA  1 
ATOM   1080 C C   . ASP B 1 39 ? 5.563   6.508   2.215   1.00 25.41 ? 36  ASP B C   1 
ATOM   1081 O O   . ASP B 1 39 ? 6.188   5.670   1.583   1.00 27.04 ? 36  ASP B O   1 
ATOM   1082 C CB  . ASP B 1 39 ? 6.095   6.331   4.628   1.00 26.37 ? 36  ASP B CB  1 
ATOM   1083 C CG  . ASP B 1 39 ? 5.569   6.195   6.036   1.00 31.62 ? 36  ASP B CG  1 
ATOM   1084 O OD1 . ASP B 1 39 ? 4.888   7.139   6.514   1.00 32.94 ? 36  ASP B OD1 1 
ATOM   1085 O OD2 . ASP B 1 39 ? 5.813   5.127   6.644   1.00 30.58 ? 36  ASP B OD2 1 
ATOM   1086 N N   . VAL B 1 40 ? 5.299   7.703   1.741   1.00 25.95 ? 37  VAL B N   1 
ATOM   1087 C CA  . VAL B 1 40 ? 5.765   8.144   0.430   1.00 25.68 ? 37  VAL B CA  1 
ATOM   1088 C C   . VAL B 1 40 ? 6.518   9.452   0.667   1.00 25.17 ? 37  VAL B C   1 
ATOM   1089 O O   . VAL B 1 40 ? 5.936   10.524  0.979   1.00 26.23 ? 37  VAL B O   1 
ATOM   1090 C CB  . VAL B 1 40 ? 4.612   8.392   -0.554  1.00 25.82 ? 37  VAL B CB  1 
ATOM   1091 C CG1 . VAL B 1 40 ? 5.175   8.812   -1.982  1.00 24.37 ? 37  VAL B CG1 1 
ATOM   1092 C CG2 . VAL B 1 40 ? 3.701   7.149   -0.715  1.00 26.25 ? 37  VAL B CG2 1 
ATOM   1093 N N   . ALA B 1 41 ? 7.816   9.398   0.509   1.00 23.99 ? 38  ALA B N   1 
ATOM   1094 C CA  . ALA B 1 41 ? 8.581   10.650  0.583   1.00 24.46 ? 38  ALA B CA  1 
ATOM   1095 C C   . ALA B 1 41 ? 8.776   11.191  -0.845  1.00 24.25 ? 38  ALA B C   1 
ATOM   1096 O O   . ALA B 1 41 ? 9.246   10.469  -1.719  1.00 23.57 ? 38  ALA B O   1 
ATOM   1097 C CB  . ALA B 1 41 ? 9.902   10.418  1.257   1.00 22.00 ? 38  ALA B CB  1 
ATOM   1098 N N   . ILE B 1 42 ? 8.409   12.452  -1.060  1.00 24.59 ? 39  ILE B N   1 
ATOM   1099 C CA  . ILE B 1 42 ? 8.559   13.111  -2.366  1.00 23.57 ? 39  ILE B CA  1 
ATOM   1100 C C   . ILE B 1 42 ? 9.573   14.229  -2.179  1.00 23.45 ? 39  ILE B C   1 
ATOM   1101 O O   . ILE B 1 42 ? 9.336   15.138  -1.412  1.00 24.85 ? 39  ILE B O   1 
ATOM   1102 C CB  . ILE B 1 42 ? 7.192   13.623  -2.891  1.00 24.02 ? 39  ILE B CB  1 
ATOM   1103 C CG1 . ILE B 1 42 ? 6.168   12.458  -2.897  1.00 23.99 ? 39  ILE B CG1 1 
ATOM   1104 C CG2 . ILE B 1 42 ? 7.400   14.334  -4.303  1.00 23.94 ? 39  ILE B CG2 1 
ATOM   1105 C CD1 . ILE B 1 42 ? 4.764   12.840  -3.329  1.00 24.47 ? 39  ILE B CD1 1 
ATOM   1106 N N   . VAL B 1 43 ? 10.748  14.100  -2.808  1.00 22.06 ? 40  VAL B N   1 
ATOM   1107 C CA  . VAL B 1 43 ? 11.915  14.802  -2.355  1.00 21.88 ? 40  VAL B CA  1 
ATOM   1108 C C   . VAL B 1 43 ? 12.461  15.701  -3.488  1.00 22.44 ? 40  VAL B C   1 
ATOM   1109 O O   . VAL B 1 43 ? 12.809  15.208  -4.569  1.00 21.05 ? 40  VAL B O   1 
ATOM   1110 C CB  . VAL B 1 43 ? 13.029  13.804  -1.875  1.00 20.42 ? 40  VAL B CB  1 
ATOM   1111 C CG1 . VAL B 1 43 ? 14.294  14.559  -1.410  1.00 19.63 ? 40  VAL B CG1 1 
ATOM   1112 C CG2 . VAL B 1 43 ? 12.479  12.851  -0.740  1.00 23.21 ? 40  VAL B CG2 1 
ATOM   1113 N N   . SER B 1 44 ? 12.571  17.007  -3.209  1.00 23.91 ? 41  SER B N   1 
ATOM   1114 C CA  . SER B 1 44 ? 13.211  17.942  -4.169  1.00 26.10 ? 41  SER B CA  1 
ATOM   1115 C C   . SER B 1 44 ? 13.575  19.210  -3.429  1.00 25.79 ? 41  SER B C   1 
ATOM   1116 O O   . SER B 1 44 ? 12.836  19.649  -2.564  1.00 27.45 ? 41  SER B O   1 
ATOM   1117 C CB  . SER B 1 44 ? 12.211  18.311  -5.261  1.00 25.34 ? 41  SER B CB  1 
ATOM   1118 O OG  . SER B 1 44 ? 12.716  19.387  -6.031  1.00 26.29 ? 41  SER B OG  1 
ATOM   1119 N N   . ASP B 1 45 ? 14.675  19.850  -3.802  1.00 25.77 ? 42  ASP B N   1 
ATOM   1120 C CA  . ASP B 1 45 ? 14.937  21.193  -3.275  1.00 24.10 ? 42  ASP B CA  1 
ATOM   1121 C C   . ASP B 1 45 ? 13.993  22.261  -3.776  1.00 25.23 ? 42  ASP B C   1 
ATOM   1122 O O   . ASP B 1 45 ? 14.029  23.397  -3.291  1.00 24.81 ? 42  ASP B O   1 
ATOM   1123 C CB  . ASP B 1 45 ? 16.377  21.606  -3.463  1.00 23.41 ? 42  ASP B CB  1 
ATOM   1124 C CG  . ASP B 1 45 ? 17.303  20.867  -2.496  1.00 24.34 ? 42  ASP B CG  1 
ATOM   1125 O OD1 . ASP B 1 45 ? 16.796  20.246  -1.517  1.00 24.71 ? 42  ASP B OD1 1 
ATOM   1126 O OD2 . ASP B 1 45 ? 18.515  20.908  -2.702  1.00 22.98 ? 42  ASP B OD2 1 
ATOM   1127 N N   . VAL B 1 46 ? 13.148  21.941  -4.742  1.00 24.58 ? 43  VAL B N   1 
ATOM   1128 C CA  . VAL B 1 46 ? 12.063  22.895  -5.047  1.00 27.91 ? 43  VAL B CA  1 
ATOM   1129 C C   . VAL B 1 46 ? 11.206  23.153  -3.768  1.00 27.48 ? 43  VAL B C   1 
ATOM   1130 O O   . VAL B 1 46 ? 10.615  24.208  -3.584  1.00 28.64 ? 43  VAL B O   1 
ATOM   1131 C CB  . VAL B 1 46 ? 11.172  22.344  -6.215  1.00 27.97 ? 43  VAL B CB  1 
ATOM   1132 C CG1 . VAL B 1 46 ? 10.020  23.227  -6.452  1.00 33.72 ? 43  VAL B CG1 1 
ATOM   1133 C CG2 . VAL B 1 46 ? 12.004  22.349  -7.529  1.00 27.71 ? 43  VAL B CG2 1 
ATOM   1134 N N   . PHE B 1 47 ? 11.132  22.177  -2.885  1.00 27.00 ? 44  PHE B N   1 
ATOM   1135 C CA  . PHE B 1 47 ? 10.311  22.322  -1.673  1.00 26.30 ? 44  PHE B CA  1 
ATOM   1136 C C   . PHE B 1 47 ? 10.996  23.170  -0.607  1.00 26.82 ? 44  PHE B C   1 
ATOM   1137 O O   . PHE B 1 47 ? 10.471  23.315  0.505   1.00 25.97 ? 44  PHE B O   1 
ATOM   1138 C CB  . PHE B 1 47 ? 9.968   20.940  -1.148  1.00 25.55 ? 44  PHE B CB  1 
ATOM   1139 C CG  . PHE B 1 47 ? 9.101   20.153  -2.117  1.00 25.79 ? 44  PHE B CG  1 
ATOM   1140 C CD1 . PHE B 1 47 ? 7.994   20.770  -2.721  1.00 29.00 ? 44  PHE B CD1 1 
ATOM   1141 C CD2 . PHE B 1 47 ? 9.397   18.824  -2.436  1.00 24.75 ? 44  PHE B CD2 1 
ATOM   1142 C CE1 . PHE B 1 47 ? 7.179   20.056  -3.634  1.00 31.13 ? 44  PHE B CE1 1 
ATOM   1143 C CE2 . PHE B 1 47 ? 8.555   18.100  -3.324  1.00 27.92 ? 44  PHE B CE2 1 
ATOM   1144 C CZ  . PHE B 1 47 ? 7.484   18.731  -3.928  1.00 28.69 ? 44  PHE B CZ  1 
ATOM   1145 N N   . GLU B 1 48 ? 12.163  23.740  -0.939  1.00 27.74 ? 45  GLU B N   1 
ATOM   1146 C CA  . GLU B 1 48 ? 12.710  24.766  -0.041  1.00 28.46 ? 45  GLU B CA  1 
ATOM   1147 C C   . GLU B 1 48 ? 11.767  25.990  -0.010  1.00 28.72 ? 45  GLU B C   1 
ATOM   1148 O O   . GLU B 1 48 ? 11.806  26.804  0.889   1.00 28.61 ? 45  GLU B O   1 
ATOM   1149 C CB  . GLU B 1 48 ? 14.097  25.201  -0.439  1.00 28.35 ? 45  GLU B CB  1 
ATOM   1150 C CG  . GLU B 1 48 ? 15.168  24.190  -0.167  1.00 29.75 ? 45  GLU B CG  1 
ATOM   1151 C CD  . GLU B 1 48 ? 16.460  24.553  -0.895  1.00 37.61 ? 45  GLU B CD  1 
ATOM   1152 O OE1 . GLU B 1 48 ? 16.384  25.362  -1.864  1.00 37.95 ? 45  GLU B OE1 1 
ATOM   1153 O OE2 . GLU B 1 48 ? 17.530  24.057  -0.488  1.00 34.28 ? 45  GLU B OE2 1 
ATOM   1154 N N   . ASP B 1 49 ? 10.915  26.106  -1.008  1.00 27.76 ? 46  ASP B N   1 
ATOM   1155 C CA  . ASP B 1 49 ? 9.958   27.177  -0.985  1.00 28.09 ? 46  ASP B CA  1 
ATOM   1156 C C   . ASP B 1 49 ? 8.706   26.615  -0.349  1.00 27.61 ? 46  ASP B C   1 
ATOM   1157 O O   . ASP B 1 49 ? 8.066   25.721  -0.906  1.00 26.92 ? 46  ASP B O   1 
ATOM   1158 C CB  . ASP B 1 49 ? 9.734   27.721  -2.409  1.00 28.50 ? 46  ASP B CB  1 
ATOM   1159 C CG  . ASP B 1 49 ? 8.587   28.692  -2.480  1.00 31.50 ? 46  ASP B CG  1 
ATOM   1160 O OD1 . ASP B 1 49 ? 7.774   28.732  -1.558  1.00 34.18 ? 46  ASP B OD1 1 
ATOM   1161 O OD2 . ASP B 1 49 ? 8.476   29.397  -3.461  1.00 33.72 ? 46  ASP B OD2 1 
ATOM   1162 N N   . ARG B 1 50 ? 8.399   27.088  0.865   1.00 27.53 ? 47  ARG B N   1 
ATOM   1163 C CA  . ARG B 1 50 ? 7.278   26.579  1.663   1.00 28.56 ? 47  ARG B CA  1 
ATOM   1164 C C   . ARG B 1 50 ? 5.964   26.670  0.893   1.00 28.19 ? 47  ARG B C   1 
ATOM   1165 O O   . ARG B 1 50 ? 5.046   25.898  1.090   1.00 27.30 ? 47  ARG B O   1 
ATOM   1166 C CB  . ARG B 1 50 ? 7.160   27.437  2.919   1.00 28.21 ? 47  ARG B CB  1 
ATOM   1167 C CG  . ARG B 1 50 ? 6.941   26.634  4.181   1.00 32.85 ? 47  ARG B CG  1 
ATOM   1168 C CD  . ARG B 1 50 ? 6.039   27.388  5.210   1.00 30.30 ? 47  ARG B CD  1 
ATOM   1169 N NE  . ARG B 1 50 ? 6.374   28.798  5.412   1.00 29.41 ? 47  ARG B NE  1 
ATOM   1170 C CZ  . ARG B 1 50 ? 6.789   29.343  6.564   1.00 26.07 ? 47  ARG B CZ  1 
ATOM   1171 N NH1 . ARG B 1 50 ? 7.025   28.595  7.641   1.00 26.37 ? 47  ARG B NH1 1 
ATOM   1172 N NH2 . ARG B 1 50 ? 7.015   30.634  6.616   1.00 22.19 ? 47  ARG B NH2 1 
ATOM   1173 N N   . ASN B 1 51 ? 5.857   27.676  0.038   1.00 27.94 ? 48  ASN B N   1 
ATOM   1174 C CA  . ASN B 1 51 ? 4.637   27.857  -0.757  1.00 28.15 ? 48  ASN B CA  1 
ATOM   1175 C C   . ASN B 1 51 ? 4.397   26.725  -1.766  1.00 27.03 ? 48  ASN B C   1 
ATOM   1176 O O   . ASN B 1 51 ? 3.251   26.304  -2.032  1.00 26.65 ? 48  ASN B O   1 
ATOM   1177 C CB  . ASN B 1 51 ? 4.728   29.202  -1.450  1.00 27.42 ? 48  ASN B CB  1 
ATOM   1178 C CG  . ASN B 1 51 ? 4.641   30.321  -0.477  1.00 30.61 ? 48  ASN B CG  1 
ATOM   1179 O OD1 . ASN B 1 51 ? 3.644   30.440  0.251   1.00 25.34 ? 48  ASN B OD1 1 
ATOM   1180 N ND2 . ASN B 1 51 ? 5.701   31.139  -0.411  1.00 28.62 ? 48  ASN B ND2 1 
ATOM   1181 N N   . ARG B 1 52 ? 5.489   26.285  -2.362  1.00 27.35 ? 49  ARG B N   1 
ATOM   1182 C CA  . ARG B 1 52 ? 5.485   25.111  -3.244  1.00 27.49 ? 49  ARG B CA  1 
ATOM   1183 C C   . ARG B 1 52 ? 5.195   23.823  -2.477  1.00 26.46 ? 49  ARG B C   1 
ATOM   1184 O O   . ARG B 1 52 ? 4.489   22.949  -2.968  1.00 26.12 ? 49  ARG B O   1 
ATOM   1185 C CB  . ARG B 1 52 ? 6.856   25.012  -3.955  1.00 27.63 ? 49  ARG B CB  1 
ATOM   1186 C CG  . ARG B 1 52 ? 6.872   24.020  -5.065  1.00 29.93 ? 49  ARG B CG  1 
ATOM   1187 C CD  . ARG B 1 52 ? 6.140   24.579  -6.336  1.00 31.14 ? 49  ARG B CD  1 
ATOM   1188 N NE  . ARG B 1 52 ? 6.288   23.612  -7.423  1.00 32.54 ? 49  ARG B NE  1 
ATOM   1189 C CZ  . ARG B 1 52 ? 7.257   23.705  -8.331  1.00 35.82 ? 49  ARG B CZ  1 
ATOM   1190 N NH1 . ARG B 1 52 ? 8.103   24.744  -8.272  1.00 35.65 ? 49  ARG B NH1 1 
ATOM   1191 N NH2 . ARG B 1 52 ? 7.388   22.787  -9.283  1.00 34.63 ? 49  ARG B NH2 1 
ATOM   1192 N N   . LYS B 1 53 ? 5.742   23.690  -1.282  1.00 27.34 ? 50  LYS B N   1 
ATOM   1193 C CA  . LYS B 1 53 ? 5.476   22.492  -0.469  1.00 29.17 ? 50  LYS B CA  1 
ATOM   1194 C C   . LYS B 1 53 ? 3.965   22.422  -0.177  1.00 30.03 ? 50  LYS B C   1 
ATOM   1195 O O   . LYS B 1 53 ? 3.301   21.361  -0.349  1.00 29.15 ? 50  LYS B O   1 
ATOM   1196 C CB  . LYS B 1 53 ? 6.224   22.652  0.844   1.00 31.39 ? 50  LYS B CB  1 
ATOM   1197 C CG  . LYS B 1 53 ? 6.761   21.411  1.429   1.00 32.64 ? 50  LYS B CG  1 
ATOM   1198 C CD  . LYS B 1 53 ? 7.449   21.702  2.733   1.00 35.13 ? 50  LYS B CD  1 
ATOM   1199 C CE  . LYS B 1 53 ? 8.909   21.406  2.648   1.00 29.66 ? 50  LYS B CE  1 
ATOM   1200 N NZ  . LYS B 1 53 ? 9.389   20.977  4.015   1.00 30.31 ? 50  LYS B NZ  1 
ATOM   1201 N N   . LEU B 1 54 ? 3.391   23.581  0.193   1.00 30.03 ? 51  LEU B N   1 
ATOM   1202 C CA  . LEU B 1 54 ? 1.974   23.628  0.590   1.00 29.82 ? 51  LEU B CA  1 
ATOM   1203 C C   . LEU B 1 54 ? 1.035   23.308  -0.594  1.00 29.44 ? 51  LEU B C   1 
ATOM   1204 O O   . LEU B 1 54 ? 0.101   22.514  -0.470  1.00 29.59 ? 51  LEU B O   1 
ATOM   1205 C CB  . LEU B 1 54 ? 1.645   25.008  1.202   1.00 29.56 ? 51  LEU B CB  1 
ATOM   1206 C CG  . LEU B 1 54 ? 0.174   25.219  1.599   1.00 31.64 ? 51  LEU B CG  1 
ATOM   1207 C CD1 . LEU B 1 54 ? -0.320  24.208  2.671   1.00 34.44 ? 51  LEU B CD1 1 
ATOM   1208 C CD2 . LEU B 1 54 ? -0.112  26.665  2.045   1.00 31.77 ? 51  LEU B CD2 1 
ATOM   1209 N N   . GLU B 1 55 ? 1.279   24.003  -1.708  1.00 29.52 ? 52  GLU B N   1 
ATOM   1210 C CA  . GLU B 1 55 ? 0.667   23.837  -3.039  1.00 30.39 ? 52  GLU B CA  1 
ATOM   1211 C C   . GLU B 1 55 ? 0.613   22.337  -3.388  1.00 30.62 ? 52  GLU B C   1 
ATOM   1212 O O   . GLU B 1 55 ? -0.431  21.768  -3.678  1.00 29.18 ? 52  GLU B O   1 
ATOM   1213 C CB  . GLU B 1 55 ? 1.676   24.572  -3.965  1.00 31.48 ? 52  GLU B CB  1 
ATOM   1214 C CG  . GLU B 1 55 ? 1.560   24.567  -5.459  1.00 35.62 ? 52  GLU B CG  1 
ATOM   1215 C CD  . GLU B 1 55 ? 1.696   23.226  -6.125  1.00 35.26 ? 52  GLU B CD  1 
ATOM   1216 O OE1 . GLU B 1 55 ? 2.831   22.708  -6.321  1.00 34.33 ? 52  GLU B OE1 1 
ATOM   1217 O OE2 . GLU B 1 55 ? 0.627   22.726  -6.511  1.00 38.41 ? 52  GLU B OE2 1 
ATOM   1218 N N   . PHE B 1 56 ? 1.794   21.714  -3.376  1.00 30.70 ? 53  PHE B N   1 
ATOM   1219 C CA  . PHE B 1 56 ? 1.934   20.341  -3.801  1.00 31.25 ? 53  PHE B CA  1 
ATOM   1220 C C   . PHE B 1 56 ? 1.270   19.379  -2.806  1.00 30.93 ? 53  PHE B C   1 
ATOM   1221 O O   . PHE B 1 56 ? 0.583   18.413  -3.195  1.00 30.84 ? 53  PHE B O   1 
ATOM   1222 C CB  . PHE B 1 56 ? 3.399   19.963  -4.020  1.00 31.00 ? 53  PHE B CB  1 
ATOM   1223 C CG  . PHE B 1 56 ? 3.554   18.554  -4.523  1.00 32.90 ? 53  PHE B CG  1 
ATOM   1224 C CD1 . PHE B 1 56 ? 3.278   18.258  -5.860  1.00 34.69 ? 53  PHE B CD1 1 
ATOM   1225 C CD2 . PHE B 1 56 ? 3.860   17.520  -3.645  1.00 32.46 ? 53  PHE B CD2 1 
ATOM   1226 C CE1 . PHE B 1 56 ? 3.356   16.954  -6.337  1.00 34.61 ? 53  PHE B CE1 1 
ATOM   1227 C CE2 . PHE B 1 56 ? 3.934   16.209  -4.102  1.00 32.44 ? 53  PHE B CE2 1 
ATOM   1228 C CZ  . PHE B 1 56 ? 3.699   15.935  -5.469  1.00 33.08 ? 53  PHE B CZ  1 
ATOM   1229 N N   . PHE B 1 57 ? 1.496   19.623  -1.527  1.00 30.51 ? 54  PHE B N   1 
ATOM   1230 C CA  . PHE B 1 57 ? 0.845   18.798  -0.499  1.00 31.13 ? 54  PHE B CA  1 
ATOM   1231 C C   . PHE B 1 57 ? -0.668  18.795  -0.590  1.00 30.89 ? 54  PHE B C   1 
ATOM   1232 O O   . PHE B 1 57 ? -1.307  17.726  -0.451  1.00 31.83 ? 54  PHE B O   1 
ATOM   1233 C CB  . PHE B 1 57 ? 1.274   19.205  0.904   1.00 31.34 ? 54  PHE B CB  1 
ATOM   1234 C CG  . PHE B 1 57 ? 0.726   18.318  1.997   1.00 31.29 ? 54  PHE B CG  1 
ATOM   1235 C CD1 . PHE B 1 57 ? 1.354   17.081  2.308   1.00 34.10 ? 54  PHE B CD1 1 
ATOM   1236 C CD2 . PHE B 1 57 ? -0.340  18.737  2.766   1.00 29.45 ? 54  PHE B CD2 1 
ATOM   1237 C CE1 . PHE B 1 57 ? 0.918   16.291  3.385   1.00 30.56 ? 54  PHE B CE1 1 
ATOM   1238 C CE2 . PHE B 1 57 ? -0.834  17.916  3.821   1.00 32.49 ? 54  PHE B CE2 1 
ATOM   1239 C CZ  . PHE B 1 57 ? -0.212  16.695  4.120   1.00 33.65 ? 54  PHE B CZ  1 
ATOM   1240 N N   . GLY B 1 58 ? -1.254  19.971  -0.797  1.00 31.21 ? 55  GLY B N   1 
ATOM   1241 C CA  . GLY B 1 58 ? -2.690  20.085  -0.953  1.00 31.93 ? 55  GLY B CA  1 
ATOM   1242 C C   . GLY B 1 58 ? -3.212  19.338  -2.174  1.00 32.19 ? 55  GLY B C   1 
ATOM   1243 O O   . GLY B 1 58 ? -4.250  18.685  -2.117  1.00 29.83 ? 55  GLY B O   1 
ATOM   1244 N N   . LYS B 1 59 ? -2.466  19.435  -3.273  1.00 32.80 ? 56  LYS B N   1 
ATOM   1245 C CA  . LYS B 1 59 ? -2.805  18.732  -4.533  1.00 35.20 ? 56  LYS B CA  1 
ATOM   1246 C C   . LYS B 1 59 ? -2.784  17.205  -4.306  1.00 34.76 ? 56  LYS B C   1 
ATOM   1247 O O   . LYS B 1 59 ? -3.763  16.489  -4.604  1.00 34.85 ? 56  LYS B O   1 
ATOM   1248 C CB  . LYS B 1 59 ? -1.811  19.123  -5.642  1.00 33.63 ? 56  LYS B CB  1 
ATOM   1249 C CG  . LYS B 1 59 ? -2.283  18.759  -7.054  1.00 38.17 ? 56  LYS B CG  1 
ATOM   1250 C CD  . LYS B 1 59 ? -1.220  18.954  -8.156  1.00 39.75 ? 56  LYS B CD  1 
ATOM   1251 C CE  . LYS B 1 59 ? -0.195  20.048  -7.908  1.00 42.54 ? 56  LYS B CE  1 
ATOM   1252 N NZ  . LYS B 1 59 ? -0.445  21.339  -8.672  1.00 45.82 ? 56  LYS B NZ  1 
ATOM   1253 N N   . ILE B 1 60 ? -1.685  16.705  -3.750  1.00 35.37 ? 57  ILE B N   1 
ATOM   1254 C CA  . ILE B 1 60 ? -1.513  15.262  -3.647  1.00 36.37 ? 57  ILE B CA  1 
ATOM   1255 C C   . ILE B 1 60 ? -2.443  14.661  -2.588  1.00 37.34 ? 57  ILE B C   1 
ATOM   1256 O O   . ILE B 1 60 ? -3.030  13.579  -2.797  1.00 37.08 ? 57  ILE B O   1 
ATOM   1257 C CB  . ILE B 1 60 ? 0.005   14.835  -3.512  1.00 37.44 ? 57  ILE B CB  1 
ATOM   1258 C CG1 . ILE B 1 60 ? 0.206   13.361  -3.948  1.00 38.26 ? 57  ILE B CG1 1 
ATOM   1259 C CG2 . ILE B 1 60 ? 0.549   15.039  -2.108  1.00 36.13 ? 57  ILE B CG2 1 
ATOM   1260 C CD1 . ILE B 1 60 ? 0.997   13.176  -5.215  1.00 39.50 ? 57  ILE B CD1 1 
ATOM   1261 N N   . THR B 1 61 ? -2.626  15.334  -1.460  1.00 37.67 ? 58  THR B N   1 
ATOM   1262 C CA  . THR B 1 61 ? -3.519  14.754  -0.444  1.00 39.40 ? 58  THR B CA  1 
ATOM   1263 C C   . THR B 1 61 ? -5.016  14.797  -0.829  1.00 39.01 ? 58  THR B C   1 
ATOM   1264 O O   . THR B 1 61 ? -5.776  13.894  -0.476  1.00 39.00 ? 58  THR B O   1 
ATOM   1265 C CB  . THR B 1 61 ? -3.320  15.344  0.969   1.00 39.70 ? 58  THR B CB  1 
ATOM   1266 O OG1 . THR B 1 61 ? -3.575  16.745  0.949   1.00 38.93 ? 58  THR B OG1 1 
ATOM   1267 C CG2 . THR B 1 61 ? -1.891  15.047  1.484   1.00 42.32 ? 58  THR B CG2 1 
ATOM   1268 N N   . LYS B 1 62 ? -5.417  15.829  -1.569  1.00 39.35 ? 59  LYS B N   1 
ATOM   1269 C CA  . LYS B 1 62 ? -6.774  15.921  -2.113  1.00 39.67 ? 59  LYS B CA  1 
ATOM   1270 C C   . LYS B 1 62 ? -7.064  14.752  -3.062  1.00 39.46 ? 59  LYS B C   1 
ATOM   1271 O O   . LYS B 1 62 ? -8.148  14.168  -3.043  1.00 38.37 ? 59  LYS B O   1 
ATOM   1272 C CB  . LYS B 1 62 ? -6.974  17.255  -2.836  1.00 39.43 ? 59  LYS B CB  1 
ATOM   1273 C CG  . LYS B 1 62 ? -8.121  17.284  -3.827  1.00 41.54 ? 59  LYS B CG  1 
ATOM   1274 C CD  . LYS B 1 62 ? -8.321  18.684  -4.378  1.00 44.58 ? 59  LYS B CD  1 
ATOM   1275 C CE  . LYS B 1 62 ? -9.162  18.670  -5.630  1.00 47.41 ? 59  LYS B CE  1 
ATOM   1276 N NZ  . LYS B 1 62 ? -9.197  20.015  -6.265  1.00 48.39 ? 59  LYS B NZ  1 
ATOM   1277 N N   . LYS B 1 63 ? -6.089  14.444  -3.905  1.00 39.09 ? 60  LYS B N   1 
ATOM   1278 C CA  . LYS B 1 63 ? -6.213  13.351  -4.858  1.00 40.04 ? 60  LYS B CA  1 
ATOM   1279 C C   . LYS B 1 63 ? -6.314  11.973  -4.136  1.00 40.42 ? 60  LYS B C   1 
ATOM   1280 O O   . LYS B 1 63 ? -7.050  11.083  -4.567  1.00 38.91 ? 60  LYS B O   1 
ATOM   1281 C CB  . LYS B 1 63 ? -5.038  13.425  -5.861  1.00 40.16 ? 60  LYS B CB  1 
ATOM   1282 C CG  . LYS B 1 63 ? -5.030  12.361  -6.970  1.00 41.55 ? 60  LYS B CG  1 
ATOM   1283 C CD  . LYS B 1 63 ? -6.375  12.298  -7.695  1.00 45.79 ? 60  LYS B CD  1 
ATOM   1284 C CE  . LYS B 1 63 ? -6.546  10.999  -8.482  1.00 46.63 ? 60  LYS B CE  1 
ATOM   1285 N NZ  . LYS B 1 63 ? -7.987  10.643  -8.617  1.00 48.11 ? 60  LYS B NZ  1 
ATOM   1286 N N   . PHE B 1 64 ? -5.604  11.830  -3.023  1.00 40.65 ? 61  PHE B N   1 
ATOM   1287 C CA  . PHE B 1 64 ? -5.483  10.540  -2.330  1.00 42.65 ? 61  PHE B CA  1 
ATOM   1288 C C   . PHE B 1 64 ? -6.094  10.490  -0.925  1.00 43.76 ? 61  PHE B C   1 
ATOM   1289 O O   . PHE B 1 64 ? -5.580  9.824   -0.037  1.00 45.33 ? 61  PHE B O   1 
ATOM   1290 C CB  . PHE B 1 64 ? -4.003  10.118  -2.313  1.00 41.75 ? 61  PHE B CB  1 
ATOM   1291 C CG  . PHE B 1 64 ? -3.484  9.856   -3.660  1.00 40.92 ? 61  PHE B CG  1 
ATOM   1292 C CD1 . PHE B 1 64 ? -3.937  8.743   -4.380  1.00 41.70 ? 61  PHE B CD1 1 
ATOM   1293 C CD2 . PHE B 1 64 ? -2.603  10.730  -4.250  1.00 37.16 ? 61  PHE B CD2 1 
ATOM   1294 C CE1 . PHE B 1 64 ? -3.471  8.518   -5.674  1.00 42.03 ? 61  PHE B CE1 1 
ATOM   1295 C CE2 . PHE B 1 64 ? -2.141  10.527  -5.531  1.00 39.55 ? 61  PHE B CE2 1 
ATOM   1296 C CZ  . PHE B 1 64 ? -2.572  9.418   -6.248  1.00 41.55 ? 61  PHE B CZ  1 
ATOM   1297 N N   . PHE B 1 65 ? -7.209  11.170  -0.737  1.00 44.85 ? 62  PHE B N   1 
ATOM   1298 C CA  . PHE B 1 65 ? -7.765  11.350  0.590   1.00 46.13 ? 62  PHE B CA  1 
ATOM   1299 C C   . PHE B 1 65 ? -8.235  10.019  1.158   1.00 46.14 ? 62  PHE B C   1 
ATOM   1300 O O   . PHE B 1 65 ? -8.742  9.160   0.417   1.00 46.36 ? 62  PHE B O   1 
ATOM   1301 C CB  . PHE B 1 65 ? -8.920  12.347  0.521   1.00 46.78 ? 62  PHE B CB  1 
ATOM   1302 C CG  . PHE B 1 65 ? -9.486  12.732  1.866   1.00 49.64 ? 62  PHE B CG  1 
ATOM   1303 C CD1 . PHE B 1 65 ? -8.772  13.573  2.739   1.00 51.09 ? 62  PHE B CD1 1 
ATOM   1304 C CD2 . PHE B 1 65 ? -10.754 12.271  2.258   1.00 50.47 ? 62  PHE B CD2 1 
ATOM   1305 C CE1 . PHE B 1 65 ? -9.331  13.948  4.000   1.00 50.89 ? 62  PHE B CE1 1 
ATOM   1306 C CE2 . PHE B 1 65 ? -11.304 12.637  3.508   1.00 51.38 ? 62  PHE B CE2 1 
ATOM   1307 C CZ  . PHE B 1 65 ? -10.586 13.475  4.372   1.00 49.32 ? 62  PHE B CZ  1 
ATOM   1308 N N   . ASP B 1 66 ? -8.059  9.851   2.470   1.00 45.95 ? 63  ASP B N   1 
ATOM   1309 C CA  . ASP B 1 66 ? -8.567  8.666   3.174   1.00 45.61 ? 63  ASP B CA  1 
ATOM   1310 C C   . ASP B 1 66 ? -7.991  7.437   2.463   1.00 44.65 ? 63  ASP B C   1 
ATOM   1311 O O   . ASP B 1 66 ? -8.707  6.547   2.016   1.00 44.56 ? 63  ASP B O   1 
ATOM   1312 C CB  . ASP B 1 66 ? -10.107 8.689   3.209   1.00 46.08 ? 63  ASP B CB  1 
ATOM   1313 C CG  . ASP B 1 66 ? -10.723 7.478   3.914   1.00 47.21 ? 63  ASP B CG  1 
ATOM   1314 O OD1 . ASP B 1 66 ? -10.394 7.212   5.091   1.00 47.65 ? 63  ASP B OD1 1 
ATOM   1315 O OD2 . ASP B 1 66 ? -11.555 6.800   3.283   1.00 47.53 ? 63  ASP B OD2 1 
ATOM   1316 N N   . SER B 1 67 ? -6.674  7.443   2.306   1.00 42.89 ? 64  SER B N   1 
ATOM   1317 C CA  . SER B 1 67 ? -5.990  6.321   1.675   1.00 41.48 ? 64  SER B CA  1 
ATOM   1318 C C   . SER B 1 67 ? -4.882  5.788   2.583   1.00 39.76 ? 64  SER B C   1 
ATOM   1319 O O   . SER B 1 67 ? -4.569  6.395   3.636   1.00 40.88 ? 64  SER B O   1 
ATOM   1320 C CB  . SER B 1 67 ? -5.447  6.700   0.301   1.00 40.62 ? 64  SER B CB  1 
ATOM   1321 O OG  . SER B 1 67 ? -4.120  7.158   0.400   1.00 41.45 ? 64  SER B OG  1 
ATOM   1322 N N   . PRO B 1 68 ? -4.270  4.667   2.183   1.00 37.37 ? 65  PRO B N   1 
ATOM   1323 C CA  . PRO B 1 68 ? -3.220  4.150   3.044   1.00 35.67 ? 65  PRO B CA  1 
ATOM   1324 C C   . PRO B 1 68 ? -1.884  4.890   2.934   1.00 33.17 ? 65  PRO B C   1 
ATOM   1325 O O   . PRO B 1 68 ? -1.026  4.611   3.749   1.00 32.65 ? 65  PRO B O   1 
ATOM   1326 C CB  . PRO B 1 68 ? -3.078  2.682   2.599   1.00 35.92 ? 65  PRO B CB  1 
ATOM   1327 C CG  . PRO B 1 68 ? -3.535  2.658   1.211   1.00 36.40 ? 65  PRO B CG  1 
ATOM   1328 C CD  . PRO B 1 68 ? -4.460  3.840   0.978   1.00 36.96 ? 65  PRO B CD  1 
ATOM   1329 N N   . PHE B 1 69 ? -1.728  5.818   1.973   1.00 31.52 ? 66  PHE B N   1 
ATOM   1330 C CA  . PHE B 1 69 ? -0.490  6.633   1.797   1.00 31.73 ? 66  PHE B CA  1 
ATOM   1331 C C   . PHE B 1 69 ? -0.345  7.747   2.835   1.00 31.13 ? 66  PHE B C   1 
ATOM   1332 O O   . PHE B 1 69 ? -1.305  8.453   3.153   1.00 32.40 ? 66  PHE B O   1 
ATOM   1333 C CB  . PHE B 1 69 ? -0.376  7.238   0.371   1.00 31.02 ? 66  PHE B CB  1 
ATOM   1334 C CG  . PHE B 1 69 ? -0.511  6.208   -0.745  1.00 29.73 ? 66  PHE B CG  1 
ATOM   1335 C CD1 . PHE B 1 69 ? 0.485   5.274   -0.973  1.00 28.84 ? 66  PHE B CD1 1 
ATOM   1336 C CD2 . PHE B 1 69 ? -1.667  6.131   -1.502  1.00 30.84 ? 66  PHE B CD2 1 
ATOM   1337 C CE1 . PHE B 1 69 ? 0.321   4.289   -2.009  1.00 26.98 ? 66  PHE B CE1 1 
ATOM   1338 C CE2 . PHE B 1 69 ? -1.845  5.155   -2.510  1.00 29.66 ? 66  PHE B CE2 1 
ATOM   1339 C CZ  . PHE B 1 69 ? -0.842  4.250   -2.772  1.00 27.77 ? 66  PHE B CZ  1 
ATOM   1340 N N   . GLU B 1 70 ? 0.857   7.902   3.363   1.00 30.51 ? 67  GLU B N   1 
ATOM   1341 C CA  . GLU B 1 70 ? 1.185   9.050   4.211   1.00 29.20 ? 67  GLU B CA  1 
ATOM   1342 C C   . GLU B 1 70 ? 2.292   9.733   3.467   1.00 28.13 ? 67  GLU B C   1 
ATOM   1343 O O   . GLU B 1 70 ? 3.329   9.125   3.236   1.00 27.25 ? 67  GLU B O   1 
ATOM   1344 C CB  . GLU B 1 70 ? 1.650   8.586   5.607   1.00 30.05 ? 67  GLU B CB  1 
ATOM   1345 C CG  . GLU B 1 70 ? 2.017   9.751   6.548   1.00 31.68 ? 67  GLU B CG  1 
ATOM   1346 C CD  . GLU B 1 70 ? 2.390   9.303   7.975   1.00 34.04 ? 67  GLU B CD  1 
ATOM   1347 O OE1 . GLU B 1 70 ? 1.484   8.919   8.739   1.00 42.02 ? 67  GLU B OE1 1 
ATOM   1348 O OE2 . GLU B 1 70 ? 3.582   9.384   8.351   1.00 39.67 ? 67  GLU B OE2 1 
ATOM   1349 N N   . PHE B 1 71 ? 2.058   10.994  3.051   1.00 26.36 ? 68  PHE B N   1 
ATOM   1350 C CA  . PHE B 1 71 ? 2.962   11.730  2.199   1.00 25.75 ? 68  PHE B CA  1 
ATOM   1351 C C   . PHE B 1 71 ? 3.867   12.625  3.048   1.00 24.70 ? 68  PHE B C   1 
ATOM   1352 O O   . PHE B 1 71 ? 3.391   13.213  4.015   1.00 24.52 ? 68  PHE B O   1 
ATOM   1353 C CB  . PHE B 1 71 ? 2.148   12.622  1.223   1.00 25.09 ? 68  PHE B CB  1 
ATOM   1354 C CG  . PHE B 1 71 ? 1.369   11.829  0.219   1.00 25.84 ? 68  PHE B CG  1 
ATOM   1355 C CD1 . PHE B 1 71 ? 2.007   11.295  -0.896  1.00 24.53 ? 68  PHE B CD1 1 
ATOM   1356 C CD2 . PHE B 1 71 ? -0.013  11.594  0.409   1.00 24.73 ? 68  PHE B CD2 1 
ATOM   1357 C CE1 . PHE B 1 71 ? 1.286   10.526  -1.859  1.00 21.50 ? 68  PHE B CE1 1 
ATOM   1358 C CE2 . PHE B 1 71 ? -0.755  10.817  -0.529  1.00 26.58 ? 68  PHE B CE2 1 
ATOM   1359 C CZ  . PHE B 1 71 ? -0.111  10.307  -1.660  1.00 25.65 ? 68  PHE B CZ  1 
ATOM   1360 N N   . HIS B 1 72 ? 5.143   12.706  2.680   1.00 23.85 ? 69  HIS B N   1 
ATOM   1361 C CA  . HIS B 1 72 ? 6.146   13.582  3.311   1.00 23.27 ? 69  HIS B CA  1 
ATOM   1362 C C   . HIS B 1 72 ? 6.781   14.314  2.160   1.00 24.26 ? 69  HIS B C   1 
ATOM   1363 O O   . HIS B 1 72 ? 7.402   13.681  1.280   1.00 23.19 ? 69  HIS B O   1 
ATOM   1364 C CB  . HIS B 1 72 ? 7.163   12.729  4.086   1.00 22.46 ? 69  HIS B CB  1 
ATOM   1365 C CG  . HIS B 1 72 ? 6.503   11.835  5.091   1.00 26.11 ? 69  HIS B CG  1 
ATOM   1366 N ND1 . HIS B 1 72 ? 6.135   10.528  4.816   1.00 29.73 ? 69  HIS B ND1 1 
ATOM   1367 C CD2 . HIS B 1 72 ? 6.079   12.089  6.345   1.00 22.80 ? 69  HIS B CD2 1 
ATOM   1368 C CE1 . HIS B 1 72 ? 5.581   10.001  5.890   1.00 26.44 ? 69  HIS B CE1 1 
ATOM   1369 N NE2 . HIS B 1 72 ? 5.482   10.944  6.806   1.00 30.00 ? 69  HIS B NE2 1 
ATOM   1370 N N   . ILE B 1 73 ? 6.585   15.639  2.136   1.00 23.06 ? 70  ILE B N   1 
ATOM   1371 C CA  . ILE B 1 73 ? 7.090   16.490  1.059   1.00 21.36 ? 70  ILE B CA  1 
ATOM   1372 C C   . ILE B 1 73 ? 8.321   17.139  1.599   1.00 22.04 ? 70  ILE B C   1 
ATOM   1373 O O   . ILE B 1 73 ? 8.239   17.947  2.530   1.00 19.50 ? 70  ILE B O   1 
ATOM   1374 C CB  . ILE B 1 73 ? 6.011   17.573  0.721   1.00 22.12 ? 70  ILE B CB  1 
ATOM   1375 C CG1 . ILE B 1 73 ? 4.621   16.899  0.537   1.00 19.90 ? 70  ILE B CG1 1 
ATOM   1376 C CG2 . ILE B 1 73 ? 6.435   18.432  -0.517  1.00 22.11 ? 70  ILE B CG2 1 
ATOM   1377 C CD1 . ILE B 1 73 ? 4.677   15.573  -0.400  1.00 20.14 ? 70  ILE B CD1 1 
ATOM   1378 N N   . LEU B 1 74 ? 9.485   16.763  1.053   1.00 21.12 ? 71  LEU B N   1 
ATOM   1379 C CA  . LEU B 1 74 ? 10.752  17.100  1.696   1.00 22.31 ? 71  LEU B CA  1 
ATOM   1380 C C   . LEU B 1 74 ? 11.784  17.705  0.754   1.00 22.26 ? 71  LEU B C   1 
ATOM   1381 O O   . LEU B 1 74 ? 11.854  17.328  -0.405  1.00 21.20 ? 71  LEU B O   1 
ATOM   1382 C CB  . LEU B 1 74 ? 11.363  15.804  2.278   1.00 23.05 ? 71  LEU B CB  1 
ATOM   1383 C CG  . LEU B 1 74 ? 10.474  14.913  3.134   1.00 21.51 ? 71  LEU B CG  1 
ATOM   1384 C CD1 . LEU B 1 74 ? 11.207  13.572  3.459   1.00 23.59 ? 71  LEU B CD1 1 
ATOM   1385 C CD2 . LEU B 1 74 ? 10.140  15.667  4.442   1.00 21.43 ? 71  LEU B CD2 1 
ATOM   1386 N N   . THR B 1 75 ? 12.624  18.587  1.302   1.00 21.53 ? 72  THR B N   1 
ATOM   1387 C CA  . THR B 1 75 ? 13.851  18.962  0.660   1.00 21.93 ? 72  THR B CA  1 
ATOM   1388 C C   . THR B 1 75 ? 14.853  17.805  0.808   1.00 23.79 ? 72  THR B C   1 
ATOM   1389 O O   . THR B 1 75 ? 14.607  16.844  1.579   1.00 23.99 ? 72  THR B O   1 
ATOM   1390 C CB  . THR B 1 75 ? 14.439  20.240  1.313   1.00 22.18 ? 72  THR B CB  1 
ATOM   1391 O OG1 . THR B 1 75 ? 14.848  19.933  2.642   1.00 20.49 ? 72  THR B OG1 1 
ATOM   1392 C CG2 . THR B 1 75 ? 13.381  21.331  1.389   1.00 21.38 ? 72  THR B CG2 1 
ATOM   1393 N N   . LYS B 1 76 ? 15.980  17.892  0.094   1.00 21.55 ? 73  LYS B N   1 
ATOM   1394 C CA  . LYS B 1 76 ? 17.017  16.859  0.208   1.00 22.81 ? 73  LYS B CA  1 
ATOM   1395 C C   . LYS B 1 76 ? 17.621  16.714  1.623   1.00 23.59 ? 73  LYS B C   1 
ATOM   1396 O O   . LYS B 1 76 ? 17.793  15.593  2.109   1.00 23.87 ? 73  LYS B O   1 
ATOM   1397 C CB  . LYS B 1 76 ? 18.141  17.044  -0.839  1.00 21.27 ? 73  LYS B CB  1 
ATOM   1398 C CG  . LYS B 1 76 ? 17.694  16.598  -2.272  1.00 21.76 ? 73  LYS B CG  1 
ATOM   1399 C CD  . LYS B 1 76 ? 18.824  16.790  -3.313  1.00 19.91 ? 73  LYS B CD  1 
ATOM   1400 C CE  . LYS B 1 76 ? 18.537  16.063  -4.717  1.00 18.05 ? 73  LYS B CE  1 
ATOM   1401 N NZ  . LYS B 1 76 ? 19.806  16.353  -5.631  1.00 16.17 ? 73  LYS B NZ  1 
ATOM   1402 N N   . LYS B 1 77 ? 17.889  17.841  2.279   1.00 23.87 ? 74  LYS B N   1 
ATOM   1403 C CA  . LYS B 1 77 ? 18.369  17.843  3.643   1.00 25.12 ? 74  LYS B CA  1 
ATOM   1404 C C   . LYS B 1 77 ? 17.393  17.171  4.594   1.00 24.70 ? 74  LYS B C   1 
ATOM   1405 O O   . LYS B 1 77 ? 17.794  16.393  5.488   1.00 22.03 ? 74  LYS B O   1 
ATOM   1406 C CB  . LYS B 1 77 ? 18.552  19.297  4.072   1.00 25.75 ? 74  LYS B CB  1 
ATOM   1407 C CG  . LYS B 1 77 ? 19.409  19.488  5.280   1.00 30.90 ? 74  LYS B CG  1 
ATOM   1408 C CD  . LYS B 1 77 ? 19.640  20.999  5.611   1.00 29.76 ? 74  LYS B CD  1 
ATOM   1409 C CE  . LYS B 1 77 ? 18.609  21.548  6.663   1.00 39.01 ? 74  LYS B CE  1 
ATOM   1410 N NZ  . LYS B 1 77 ? 17.121  21.490  6.233   1.00 38.35 ? 74  LYS B NZ  1 
ATOM   1411 N N   . GLU B 1 78 ? 16.109  17.496  4.433   1.00 22.71 ? 75  GLU B N   1 
ATOM   1412 C CA  . GLU B 1 78 ? 15.044  16.869  5.240   1.00 24.61 ? 75  GLU B CA  1 
ATOM   1413 C C   . GLU B 1 78 ? 14.942  15.347  5.040   1.00 24.97 ? 75  GLU B C   1 
ATOM   1414 O O   . GLU B 1 78 ? 14.751  14.578  5.995   1.00 24.61 ? 75  GLU B O   1 
ATOM   1415 C CB  . GLU B 1 78 ? 13.675  17.536  4.929   1.00 22.58 ? 75  GLU B CB  1 
ATOM   1416 C CG  . GLU B 1 78 ? 13.546  18.894  5.613   1.00 24.34 ? 75  GLU B CG  1 
ATOM   1417 C CD  . GLU B 1 78 ? 12.366  19.725  5.072   1.00 26.01 ? 75  GLU B CD  1 
ATOM   1418 O OE1 . GLU B 1 78 ? 11.671  19.328  4.094   1.00 22.02 ? 75  GLU B OE1 1 
ATOM   1419 O OE2 . GLU B 1 78 ? 12.160  20.806  5.616   1.00 29.70 ? 75  GLU B OE2 1 
ATOM   1420 N N   . TRP B 1 79 ? 15.036  14.915  3.796   1.00 25.33 ? 76  TRP B N   1 
ATOM   1421 C CA  . TRP B 1 79 ? 15.043  13.501  3.512   1.00 26.06 ? 76  TRP B CA  1 
ATOM   1422 C C   . TRP B 1 79 ? 16.314  12.806  4.127   1.00 26.91 ? 76  TRP B C   1 
ATOM   1423 O O   . TRP B 1 79 ? 16.207  11.726  4.695   1.00 26.52 ? 76  TRP B O   1 
ATOM   1424 C CB  . TRP B 1 79 ? 14.944  13.258  1.997   1.00 26.01 ? 76  TRP B CB  1 
ATOM   1425 C CG  . TRP B 1 79 ? 15.149  11.790  1.563   1.00 24.53 ? 76  TRP B CG  1 
ATOM   1426 C CD1 . TRP B 1 79 ? 16.110  11.324  0.726   1.00 24.86 ? 76  TRP B CD1 1 
ATOM   1427 C CD2 . TRP B 1 79 ? 14.381  10.639  1.976   1.00 25.71 ? 76  TRP B CD2 1 
ATOM   1428 N NE1 . TRP B 1 79 ? 15.967  9.957   0.544   1.00 25.07 ? 76  TRP B NE1 1 
ATOM   1429 C CE2 . TRP B 1 79 ? 14.926  9.514   1.320   1.00 25.94 ? 76  TRP B CE2 1 
ATOM   1430 C CE3 . TRP B 1 79 ? 13.262  10.454  2.817   1.00 25.18 ? 76  TRP B CE3 1 
ATOM   1431 C CZ2 . TRP B 1 79 ? 14.400  8.205   1.481   1.00 25.16 ? 76  TRP B CZ2 1 
ATOM   1432 C CZ3 . TRP B 1 79 ? 12.763  9.160   2.996   1.00 25.14 ? 76  TRP B CZ3 1 
ATOM   1433 C CH2 . TRP B 1 79 ? 13.336  8.037   2.324   1.00 25.39 ? 76  TRP B CH2 1 
ATOM   1434 N N   . LYS B 1 80 ? 17.484  13.437  4.032   1.00 27.48 ? 77  LYS B N   1 
ATOM   1435 C CA  . LYS B 1 80 ? 18.712  12.922  4.665   1.00 27.73 ? 77  LYS B CA  1 
ATOM   1436 C C   . LYS B 1 80 ? 18.427  12.709  6.166   1.00 28.02 ? 77  LYS B C   1 
ATOM   1437 O O   . LYS B 1 80 ? 18.717  11.635  6.713   1.00 27.27 ? 77  LYS B O   1 
ATOM   1438 C CB  . LYS B 1 80 ? 19.869  13.917  4.465   1.00 28.61 ? 77  LYS B CB  1 
ATOM   1439 C CG  . LYS B 1 80 ? 21.230  13.433  4.983   1.00 30.71 ? 77  LYS B CG  1 
ATOM   1440 C CD  . LYS B 1 80 ? 22.312  14.476  4.759   1.00 29.12 ? 77  LYS B CD  1 
ATOM   1441 C CE  . LYS B 1 80 ? 23.664  13.925  5.158   1.00 32.49 ? 77  LYS B CE  1 
ATOM   1442 N NZ  . LYS B 1 80 ? 24.722  14.989  5.139   1.00 33.49 ? 77  LYS B NZ  1 
ATOM   1443 N N   . MET B 1 81 ? 17.836  13.709  6.821   1.00 26.52 ? 78  MET B N   1 
ATOM   1444 C CA  . MET B 1 81 ? 17.508  13.534  8.225   1.00 26.77 ? 78  MET B CA  1 
ATOM   1445 C C   . MET B 1 81 ? 16.507  12.398  8.431   1.00 26.96 ? 78  MET B C   1 
ATOM   1446 O O   . MET B 1 81 ? 16.657  11.623  9.376   1.00 26.66 ? 78  MET B O   1 
ATOM   1447 C CB  . MET B 1 81 ? 17.021  14.829  8.896   1.00 26.92 ? 78  MET B CB  1 
ATOM   1448 C CG  . MET B 1 81 ? 16.919  14.669  10.460  1.00 28.46 ? 78  MET B CG  1 
ATOM   1449 S SD  . MET B 1 81 ? 16.294  16.128  11.308  1.00 21.93 ? 78  MET B SD  1 
ATOM   1450 C CE  . MET B 1 81 ? 17.787  17.016  11.340  1.00 28.19 ? 78  MET B CE  1 
ATOM   1451 N N   . SER B 1 82 ? 15.455  12.327  7.597   1.00 28.11 ? 79  SER B N   1 
ATOM   1452 C CA  . SER B 1 82 ? 14.399  11.327  7.742   1.00 28.57 ? 79  SER B CA  1 
ATOM   1453 C C   . SER B 1 82 ? 14.946  9.898   7.725   1.00 28.88 ? 79  SER B C   1 
ATOM   1454 O O   . SER B 1 82 ? 14.543  9.038   8.547   1.00 29.35 ? 79  SER B O   1 
ATOM   1455 C CB  . SER B 1 82 ? 13.331  11.498  6.646   1.00 27.54 ? 79  SER B CB  1 
ATOM   1456 O OG  . SER B 1 82 ? 12.656  12.735  6.825   1.00 32.49 ? 79  SER B OG  1 
ATOM   1457 N N   . LYS B 1 83 ? 15.911  9.660   6.841   1.00 28.28 ? 80  LYS B N   1 
ATOM   1458 C CA  . LYS B 1 83 ? 16.534  8.334   6.699   1.00 28.94 ? 80  LYS B CA  1 
ATOM   1459 C C   . LYS B 1 83 ? 17.189  7.768   7.930   1.00 29.66 ? 80  LYS B C   1 
ATOM   1460 O O   . LYS B 1 83 ? 17.310  6.564   8.037   1.00 28.18 ? 80  LYS B O   1 
ATOM   1461 C CB  . LYS B 1 83 ? 17.525  8.295   5.543   1.00 28.84 ? 80  LYS B CB  1 
ATOM   1462 C CG  . LYS B 1 83 ? 16.815  8.378   4.198   1.00 27.90 ? 80  LYS B CG  1 
ATOM   1463 C CD  . LYS B 1 83 ? 17.782  8.148   3.032   1.00 26.82 ? 80  LYS B CD  1 
ATOM   1464 C CE  . LYS B 1 83 ? 18.676  9.383   2.796   1.00 28.25 ? 80  LYS B CE  1 
ATOM   1465 N NZ  . LYS B 1 83 ? 19.514  9.246   1.555   1.00 26.05 ? 80  LYS B NZ  1 
ATOM   1466 N N   . ARG B 1 84 ? 17.601  8.640   8.850   1.00 30.13 ? 81  ARG B N   1 
ATOM   1467 C CA  . ARG B 1 84 ? 18.120  8.234   10.154  1.00 29.64 ? 81  ARG B CA  1 
ATOM   1468 C C   . ARG B 1 84 ? 17.167  7.357   10.987  1.00 29.40 ? 81  ARG B C   1 
ATOM   1469 O O   . ARG B 1 84 ? 17.599  6.655   11.903  1.00 29.55 ? 81  ARG B O   1 
ATOM   1470 C CB  . ARG B 1 84 ? 18.494  9.484   10.955  1.00 30.06 ? 81  ARG B CB  1 
ATOM   1471 C CG  . ARG B 1 84 ? 19.518  10.373  10.235  1.00 31.19 ? 81  ARG B CG  1 
ATOM   1472 C CD  . ARG B 1 84 ? 19.775  11.649  11.023  1.00 35.95 ? 81  ARG B CD  1 
ATOM   1473 N NE  . ARG B 1 84 ? 20.510  11.339  12.233  1.00 36.38 ? 81  ARG B NE  1 
ATOM   1474 C CZ  . ARG B 1 84 ? 21.818  11.501  12.390  1.00 38.21 ? 81  ARG B CZ  1 
ATOM   1475 N NH1 . ARG B 1 84 ? 22.563  11.987  11.421  1.00 39.27 ? 81  ARG B NH1 1 
ATOM   1476 N NH2 . ARG B 1 84 ? 22.381  11.188  13.538  1.00 40.72 ? 81  ARG B NH2 1 
ATOM   1477 N N   . PHE B 1 85 ? 15.884  7.422   10.672  1.00 29.44 ? 82  PHE B N   1 
ATOM   1478 C CA  . PHE B 1 85 ? 14.839  6.732   11.396  1.00 29.21 ? 82  PHE B CA  1 
ATOM   1479 C C   . PHE B 1 85 ? 14.118  5.705   10.529  1.00 30.00 ? 82  PHE B C   1 
ATOM   1480 O O   . PHE B 1 85 ? 13.099  5.162   10.945  1.00 31.00 ? 82  PHE B O   1 
ATOM   1481 C CB  . PHE B 1 85 ? 13.890  7.775   11.995  1.00 29.26 ? 82  PHE B CB  1 
ATOM   1482 C CG  . PHE B 1 85 ? 14.618  8.757   12.905  1.00 28.86 ? 82  PHE B CG  1 
ATOM   1483 C CD1 . PHE B 1 85 ? 15.075  8.345   14.149  1.00 24.39 ? 82  PHE B CD1 1 
ATOM   1484 C CD2 . PHE B 1 85 ? 14.952  10.035  12.460  1.00 27.13 ? 82  PHE B CD2 1 
ATOM   1485 C CE1 . PHE B 1 85 ? 15.791  9.213   14.971  1.00 24.64 ? 82  PHE B CE1 1 
ATOM   1486 C CE2 . PHE B 1 85 ? 15.674  10.909  13.290  1.00 26.63 ? 82  PHE B CE2 1 
ATOM   1487 C CZ  . PHE B 1 85 ? 16.102  10.506  14.519  1.00 25.52 ? 82  PHE B CZ  1 
ATOM   1488 N N   . ILE B 1 86 ? 14.670  5.411   9.347   1.00 28.73 ? 83  ILE B N   1 
ATOM   1489 C CA  . ILE B 1 86 ? 13.984  4.537   8.375   1.00 28.80 ? 83  ILE B CA  1 
ATOM   1490 C C   . ILE B 1 86 ? 14.862  3.317   8.184   1.00 30.02 ? 83  ILE B C   1 
ATOM   1491 O O   . ILE B 1 86 ? 16.043  3.455   7.793   1.00 30.49 ? 83  ILE B O   1 
ATOM   1492 C CB  . ILE B 1 86 ? 13.732  5.213   7.007   1.00 27.72 ? 83  ILE B CB  1 
ATOM   1493 C CG1 . ILE B 1 86 ? 12.758  6.390   7.129   1.00 27.66 ? 83  ILE B CG1 1 
ATOM   1494 C CG2 . ILE B 1 86 ? 13.134  4.184   5.936   1.00 27.82 ? 83  ILE B CG2 1 
ATOM   1495 C CD1 . ILE B 1 86 ? 12.755  7.252   5.920   1.00 25.86 ? 83  ILE B CD1 1 
ATOM   1496 N N   . ARG B 1 87 ? 14.267  2.148   8.426   1.00 30.32 ? 84  ARG B N   1 
ATOM   1497 C CA  . ARG B 1 87 ? 14.968  0.868   8.414   1.00 31.65 ? 84  ARG B CA  1 
ATOM   1498 C C   . ARG B 1 87 ? 15.370  0.506   6.991   1.00 30.67 ? 84  ARG B C   1 
ATOM   1499 O O   . ARG B 1 87 ? 16.506  0.097   6.721   1.00 30.86 ? 84  ARG B O   1 
ATOM   1500 C CB  . ARG B 1 87 ? 14.077  -0.244  9.005   1.00 31.18 ? 84  ARG B CB  1 
ATOM   1501 C CG  . ARG B 1 87 ? 14.843  -1.567  9.226   1.00 34.11 ? 84  ARG B CG  1 
ATOM   1502 C CD  . ARG B 1 87 ? 14.155  -2.572  10.163  1.00 35.29 ? 84  ARG B CD  1 
ATOM   1503 N NE  . ARG B 1 87 ? 12.807  -2.979  9.734   1.00 42.58 ? 84  ARG B NE  1 
ATOM   1504 C CZ  . ARG B 1 87 ? 11.713  -2.832  10.490  1.00 47.03 ? 84  ARG B CZ  1 
ATOM   1505 N NH1 . ARG B 1 87 ? 11.785  -2.299  11.713  1.00 50.40 ? 84  ARG B NH1 1 
ATOM   1506 N NH2 . ARG B 1 87 ? 10.538  -3.229  10.039  1.00 50.32 ? 84  ARG B NH2 1 
ATOM   1507 N N   . LYS B 1 88 ? 14.431  0.705   6.078   1.00 29.22 ? 85  LYS B N   1 
ATOM   1508 C CA  . LYS B 1 88 ? 14.561  0.290   4.700   1.00 29.12 ? 85  LYS B CA  1 
ATOM   1509 C C   . LYS B 1 88 ? 13.618  1.164   3.875   1.00 27.33 ? 85  LYS B C   1 
ATOM   1510 O O   . LYS B 1 88 ? 12.485  1.422   4.284   1.00 25.71 ? 85  LYS B O   1 
ATOM   1511 C CB  . LYS B 1 88 ? 14.098  -1.167  4.558   1.00 28.49 ? 85  LYS B CB  1 
ATOM   1512 C CG  . LYS B 1 88 ? 14.453  -1.802  3.235   1.00 31.93 ? 85  LYS B CG  1 
ATOM   1513 C CD  . LYS B 1 88 ? 14.030  -3.311  3.129   1.00 32.99 ? 85  LYS B CD  1 
ATOM   1514 C CE  . LYS B 1 88 ? 14.762  -4.197  4.167   1.00 39.83 ? 85  LYS B CE  1 
ATOM   1515 N NZ  . LYS B 1 88 ? 16.157  -4.693  3.787   1.00 42.70 ? 85  LYS B NZ  1 
ATOM   1516 N N   . TYR B 1 89 ? 14.068  1.593   2.710   1.00 26.96 ? 86  TYR B N   1 
ATOM   1517 C CA  . TYR B 1 89 ? 13.165  2.251   1.767   1.00 26.76 ? 86  TYR B CA  1 
ATOM   1518 C C   . TYR B 1 89 ? 13.478  1.764   0.351   1.00 28.09 ? 86  TYR B C   1 
ATOM   1519 O O   . TYR B 1 89 ? 14.555  1.167   0.113   1.00 27.23 ? 86  TYR B O   1 
ATOM   1520 C CB  . TYR B 1 89 ? 13.301  3.795   1.848   1.00 25.84 ? 86  TYR B CB  1 
ATOM   1521 C CG  . TYR B 1 89 ? 14.675  4.315   1.546   1.00 24.16 ? 86  TYR B CG  1 
ATOM   1522 C CD1 . TYR B 1 89 ? 15.648  4.442   2.575   1.00 22.65 ? 86  TYR B CD1 1 
ATOM   1523 C CD2 . TYR B 1 89 ? 15.039  4.659   0.241   1.00 22.23 ? 86  TYR B CD2 1 
ATOM   1524 C CE1 . TYR B 1 89 ? 16.927  4.931   2.298   1.00 22.90 ? 86  TYR B CE1 1 
ATOM   1525 C CE2 . TYR B 1 89 ? 16.323  5.161   -0.045  1.00 23.27 ? 86  TYR B CE2 1 
ATOM   1526 C CZ  . TYR B 1 89 ? 17.267  5.278   0.995   1.00 23.32 ? 86  TYR B CZ  1 
ATOM   1527 O OH  . TYR B 1 89 ? 18.532  5.739   0.773   1.00 23.59 ? 86  TYR B OH  1 
ATOM   1528 N N   . ARG B 1 90 ? 12.563  2.066   -0.572  1.00 28.16 ? 87  ARG B N   1 
ATOM   1529 C CA  . ARG B 1 90 ? 12.717  1.747   -1.985  1.00 31.49 ? 87  ARG B CA  1 
ATOM   1530 C C   . ARG B 1 90 ? 12.413  2.967   -2.855  1.00 32.12 ? 87  ARG B C   1 
ATOM   1531 O O   . ARG B 1 90 ? 11.341  3.598   -2.741  1.00 31.58 ? 87  ARG B O   1 
ATOM   1532 C CB  . ARG B 1 90 ? 11.794  0.579   -2.344  1.00 31.15 ? 87  ARG B CB  1 
ATOM   1533 C CG  . ARG B 1 90 ? 11.575  0.363   -3.826  1.00 37.72 ? 87  ARG B CG  1 
ATOM   1534 C CD  . ARG B 1 90 ? 12.825  -0.051  -4.623  1.00 44.70 ? 87  ARG B CD  1 
ATOM   1535 N NE  . ARG B 1 90 ? 12.433  -0.473  -5.971  1.00 50.35 ? 87  ARG B NE  1 
ATOM   1536 C CZ  . ARG B 1 90 ? 13.094  -0.181  -7.090  1.00 53.72 ? 87  ARG B CZ  1 
ATOM   1537 N NH1 . ARG B 1 90 ? 14.207  0.561   -7.050  1.00 54.39 ? 87  ARG B NH1 1 
ATOM   1538 N NH2 . ARG B 1 90 ? 12.626  -0.621  -8.257  1.00 53.96 ? 87  ARG B NH2 1 
ATOM   1539 N N   . ARG B 1 91 ? 13.354  3.296   -3.728  1.00 34.09 ? 88  ARG B N   1 
ATOM   1540 C CA  . ARG B 1 91 ? 13.149  4.363   -4.695  1.00 36.96 ? 88  ARG B CA  1 
ATOM   1541 C C   . ARG B 1 91 ? 12.148  3.885   -5.740  1.00 38.10 ? 88  ARG B C   1 
ATOM   1542 O O   . ARG B 1 91 ? 12.336  2.837   -6.357  1.00 38.83 ? 88  ARG B O   1 
ATOM   1543 C CB  . ARG B 1 91 ? 14.482  4.825   -5.316  1.00 37.80 ? 88  ARG B CB  1 
ATOM   1544 C CG  . ARG B 1 91 ? 14.374  6.232   -5.912  1.00 39.58 ? 88  ARG B CG  1 
ATOM   1545 C CD  . ARG B 1 91 ? 15.721  6.794   -6.290  1.00 45.99 ? 88  ARG B CD  1 
ATOM   1546 N NE  . ARG B 1 91 ? 16.310  6.082   -7.423  1.00 50.12 ? 88  ARG B NE  1 
ATOM   1547 C CZ  . ARG B 1 91 ? 17.545  6.290   -7.869  1.00 53.35 ? 88  ARG B CZ  1 
ATOM   1548 N NH1 . ARG B 1 91 ? 18.326  7.193   -7.271  1.00 55.89 ? 88  ARG B NH1 1 
ATOM   1549 N NH2 . ARG B 1 91 ? 18.004  5.597   -8.911  1.00 53.48 ? 88  ARG B NH2 1 
ATOM   1550 N N   . LEU B 1 92 ? 11.061  4.634   -5.906  1.00 39.82 ? 89  LEU B N   1 
ATOM   1551 C CA  . LEU B 1 92 ? 9.953   4.200   -6.768  1.00 41.53 ? 89  LEU B CA  1 
ATOM   1552 C C   . LEU B 1 92 ? 10.348  4.128   -8.257  1.00 42.97 ? 89  LEU B C   1 
ATOM   1553 O O   . LEU B 1 92 ? 10.550  5.146   -8.915  1.00 43.31 ? 89  LEU B O   1 
ATOM   1554 C CB  . LEU B 1 92 ? 8.690   5.051   -6.537  1.00 41.17 ? 89  LEU B CB  1 
ATOM   1555 C CG  . LEU B 1 92 ? 7.385   4.760   -7.311  1.00 41.64 ? 89  LEU B CG  1 
ATOM   1556 C CD1 . LEU B 1 92 ? 6.895   3.299   -7.146  1.00 44.84 ? 89  LEU B CD1 1 
ATOM   1557 C CD2 . LEU B 1 92 ? 6.266   5.727   -6.934  1.00 42.20 ? 89  LEU B CD2 1 
ATOM   1558 N N   . ASP B 1 93 ? 10.446  2.899   -8.775  1.00 45.00 ? 90  ASP B N   1 
ATOM   1559 C CA  . ASP B 1 93 ? 10.980  2.661   -10.120 1.00 46.00 ? 90  ASP B CA  1 
ATOM   1560 C C   . ASP B 1 93 ? 10.402  1.428   -10.821 1.00 45.95 ? 90  ASP B C   1 
ATOM   1561 C CB  . ASP B 1 93 ? 12.511  2.567   -10.060 1.00 46.86 ? 90  ASP B CB  1 
ATOM   1562 C CG  . ASP B 1 93 ? 13.179  3.925   -10.129 1.00 49.48 ? 90  ASP B CG  1 
ATOM   1563 O OD1 . ASP B 1 93 ? 12.918  4.642   -11.118 1.00 52.09 ? 90  ASP B OD1 1 
ATOM   1564 O OD2 . ASP B 1 93 ? 13.966  4.282   -9.211  1.00 52.42 ? 90  ASP B OD2 1 
HETATM 1565 S S   . SO4 C 2 .  ? -2.068  -8.350  -9.824  1.00 42.87 ? 201 SO4 A S   1 
HETATM 1566 O O1  . SO4 C 2 .  ? -3.490  -8.058  -9.933  1.00 41.95 ? 201 SO4 A O1  1 
HETATM 1567 O O2  . SO4 C 2 .  ? -1.371  -7.613  -8.778  1.00 44.67 ? 201 SO4 A O2  1 
HETATM 1568 O O3  . SO4 C 2 .  ? -1.827  -9.743  -9.457  1.00 43.89 ? 201 SO4 A O3  1 
HETATM 1569 O O4  . SO4 C 2 .  ? -1.493  -8.016  -11.132 1.00 41.10 ? 201 SO4 A O4  1 
HETATM 1570 S S   . SO4 D 2 .  ? 5.304   6.449   10.087  1.00 44.82 ? 202 SO4 B S   1 
HETATM 1571 O O1  . SO4 D 2 .  ? 4.422   7.587   9.907   1.00 43.55 ? 202 SO4 B O1  1 
HETATM 1572 O O2  . SO4 D 2 .  ? 5.015   5.413   9.101   1.00 46.53 ? 202 SO4 B O2  1 
HETATM 1573 O O3  . SO4 D 2 .  ? 6.705   6.818   9.916   1.00 43.56 ? 202 SO4 B O3  1 
HETATM 1574 O O4  . SO4 D 2 .  ? 5.051   5.923   11.435  1.00 41.64 ? 202 SO4 B O4  1 
HETATM 1575 O O   . HOH E 3 .  ? -21.212 -11.985 9.146   1.00 71.10 ? 202 HOH A O   1 
HETATM 1576 O O   . HOH E 3 .  ? -7.649  5.115   -1.664  1.00 53.39 ? 203 HOH A O   1 
HETATM 1577 O O   . HOH E 3 .  ? -11.496 -22.415 -8.298  1.00 63.41 ? 204 HOH A O   1 
HETATM 1578 O O   . HOH E 3 .  ? 0.917   -13.479 10.403  1.00 65.89 ? 205 HOH A O   1 
HETATM 1579 O O   . HOH E 3 .  ? -14.482 3.344   9.289   1.00 60.75 ? 206 HOH A O   1 
HETATM 1580 O O   . HOH E 3 .  ? -3.556  -5.583  15.048  1.00 54.41 ? 207 HOH A O   1 
HETATM 1581 O O   . HOH E 3 .  ? -2.504  -14.671 8.572   1.00 42.10 ? 208 HOH A O   1 
HETATM 1582 O O   . HOH E 3 .  ? -9.364  -25.671 -0.242  1.00 20.38 ? 209 HOH A O   1 
HETATM 1583 O O   . HOH E 3 .  ? -11.786 -12.715 -4.996  1.00 23.19 ? 210 HOH A O   1 
HETATM 1584 O O   . HOH E 3 .  ? -11.463 -27.785 4.826   1.00 23.74 ? 211 HOH A O   1 
HETATM 1585 O O   . HOH E 3 .  ? 1.035   -20.099 2.283   1.00 36.44 ? 212 HOH A O   1 
HETATM 1586 O O   . HOH E 3 .  ? -3.420  -20.355 4.514   1.00 30.55 ? 213 HOH A O   1 
HETATM 1587 O O   . HOH E 3 .  ? 7.442   -15.432 0.132   1.00 33.71 ? 214 HOH A O   1 
HETATM 1588 O O   . HOH E 3 .  ? -5.772  -15.048 -6.512  1.00 28.08 ? 215 HOH A O   1 
HETATM 1589 O O   . HOH E 3 .  ? 0.502   1.866   -9.665  1.00 29.87 ? 216 HOH A O   1 
HETATM 1590 O O   . HOH E 3 .  ? 2.515   -5.091  -2.322  1.00 31.16 ? 217 HOH A O   1 
HETATM 1591 O O   . HOH E 3 .  ? -10.444 -5.691  -4.815  1.00 30.75 ? 218 HOH A O   1 
HETATM 1592 O O   . HOH E 3 .  ? -15.675 -18.806 10.529  1.00 41.75 ? 219 HOH A O   1 
HETATM 1593 O O   . HOH E 3 .  ? -12.389 -15.591 -5.652  1.00 36.72 ? 220 HOH A O   1 
HETATM 1594 O O   . HOH E 3 .  ? -3.672  -26.275 5.708   1.00 28.70 ? 221 HOH A O   1 
HETATM 1595 O O   . HOH E 3 .  ? -24.834 -18.023 -4.733  1.00 34.50 ? 222 HOH A O   1 
HETATM 1596 O O   . HOH E 3 .  ? -16.533 -8.464  9.449   1.00 33.59 ? 223 HOH A O   1 
HETATM 1597 O O   . HOH E 3 .  ? -11.504 -24.561 -3.691  1.00 38.94 ? 224 HOH A O   1 
HETATM 1598 O O   . HOH E 3 .  ? -7.816  -20.910 7.601   1.00 35.79 ? 225 HOH A O   1 
HETATM 1599 O O   . HOH E 3 .  ? -15.992 -23.971 9.319   1.00 37.49 ? 226 HOH A O   1 
HETATM 1600 O O   . HOH E 3 .  ? -6.304  -20.249 5.620   1.00 31.10 ? 227 HOH A O   1 
HETATM 1601 O O   . HOH E 3 .  ? 2.517   -2.000  -10.795 1.00 50.58 ? 228 HOH A O   1 
HETATM 1602 O O   . HOH E 3 .  ? 4.732   -18.834 -3.850  1.00 50.27 ? 229 HOH A O   1 
HETATM 1603 O O   . HOH E 3 .  ? -3.098  -23.462 0.598   1.00 32.40 ? 230 HOH A O   1 
HETATM 1604 O O   . HOH E 3 .  ? 9.477   -2.838  -2.492  1.00 34.71 ? 231 HOH A O   1 
HETATM 1605 O O   . HOH E 3 .  ? 6.745   -15.993 2.503   1.00 49.71 ? 232 HOH A O   1 
HETATM 1606 O O   . HOH E 3 .  ? 1.367   -24.747 2.242   1.00 59.68 ? 233 HOH A O   1 
HETATM 1607 O O   . HOH E 3 .  ? -22.106 -8.163  2.446   1.00 41.04 ? 234 HOH A O   1 
HETATM 1608 O O   . HOH E 3 .  ? 1.157   -20.189 4.523   1.00 48.32 ? 235 HOH A O   1 
HETATM 1609 O O   . HOH E 3 .  ? -25.548 -15.161 -1.514  1.00 33.54 ? 236 HOH A O   1 
HETATM 1610 O O   . HOH E 3 .  ? -16.171 -20.884 -3.476  1.00 32.44 ? 237 HOH A O   1 
HETATM 1611 O O   . HOH E 3 .  ? -23.941 -13.885 0.175   1.00 37.30 ? 238 HOH A O   1 
HETATM 1612 O O   . HOH E 3 .  ? -5.740  -5.712  -11.615 1.00 49.51 ? 239 HOH A O   1 
HETATM 1613 O O   . HOH E 3 .  ? -20.688 -22.852 -3.073  1.00 37.19 ? 240 HOH A O   1 
HETATM 1614 O O   . HOH E 3 .  ? -10.274 -8.696  -6.607  1.00 39.37 ? 241 HOH A O   1 
HETATM 1615 O O   . HOH E 3 .  ? -6.226  -22.824 8.875   1.00 41.41 ? 242 HOH A O   1 
HETATM 1616 O O   . HOH E 3 .  ? -15.277 -4.405  11.846  1.00 51.73 ? 243 HOH A O   1 
HETATM 1617 O O   . HOH E 3 .  ? -20.394 -14.220 8.294   1.00 56.59 ? 244 HOH A O   1 
HETATM 1618 O O   . HOH E 3 .  ? -15.541 -16.918 12.244  1.00 38.81 ? 245 HOH A O   1 
HETATM 1619 O O   . HOH E 3 .  ? -11.267 -21.414 14.479  1.00 55.66 ? 246 HOH A O   1 
HETATM 1620 O O   . HOH E 3 .  ? -13.478 -23.228 10.106  1.00 59.26 ? 247 HOH A O   1 
HETATM 1621 O O   . HOH E 3 .  ? -12.048 -22.974 7.430   1.00 30.87 ? 248 HOH A O   1 
HETATM 1622 O O   . HOH E 3 .  ? -0.496  -23.808 0.056   1.00 38.48 ? 249 HOH A O   1 
HETATM 1623 O O   . HOH E 3 .  ? 0.091   -26.951 0.670   1.00 74.66 ? 250 HOH A O   1 
HETATM 1624 O O   . HOH E 3 .  ? 1.756   -0.970  -8.508  1.00 59.93 ? 251 HOH A O   1 
HETATM 1625 O O   . HOH E 3 .  ? 9.306   -6.850  0.053   1.00 51.84 ? 252 HOH A O   1 
HETATM 1626 O O   . HOH E 3 .  ? 7.816   1.445   -12.943 1.00 52.33 ? 253 HOH A O   1 
HETATM 1627 O O   . HOH E 3 .  ? -0.402  -6.633  -14.532 1.00 44.91 ? 254 HOH A O   1 
HETATM 1628 O O   . HOH E 3 .  ? -18.387 -2.940  4.539   1.00 37.37 ? 255 HOH A O   1 
HETATM 1629 O O   . HOH E 3 .  ? -9.550  0.828   -6.917  1.00 56.89 ? 256 HOH A O   1 
HETATM 1630 O O   . HOH E 3 .  ? -8.313  -2.056  -6.500  1.00 47.84 ? 257 HOH A O   1 
HETATM 1631 O O   . HOH E 3 .  ? -13.021 -11.225 -7.044  1.00 41.67 ? 258 HOH A O   1 
HETATM 1632 O O   . HOH E 3 .  ? -9.331  -12.984 -6.925  1.00 34.61 ? 259 HOH A O   1 
HETATM 1633 O O   . HOH E 3 .  ? -10.149 -24.913 -5.803  1.00 59.54 ? 260 HOH A O   1 
HETATM 1634 O O   . HOH E 3 .  ? -10.905 -26.566 -1.704  1.00 38.98 ? 261 HOH A O   1 
HETATM 1635 O O   . HOH E 3 .  ? -7.049  -24.306 -7.939  1.00 50.61 ? 262 HOH A O   1 
HETATM 1636 O O   . HOH E 3 .  ? 14.184  -10.074 1.837   1.00 49.84 ? 263 HOH A O   1 
HETATM 1637 O O   . HOH E 3 .  ? 13.457  -9.666  -3.913  1.00 52.88 ? 264 HOH A O   1 
HETATM 1638 O O   . HOH E 3 .  ? 9.115   -8.967  6.065   1.00 58.87 ? 265 HOH A O   1 
HETATM 1639 O O   . HOH E 3 .  ? 11.976  -10.814 8.107   1.00 57.57 ? 266 HOH A O   1 
HETATM 1640 O O   . HOH E 3 .  ? -1.782  -26.002 -7.306  1.00 39.66 ? 267 HOH A O   1 
HETATM 1641 O O   . HOH F 3 .  ? 1.797   23.566  -10.446 1.00 61.74 ? 203 HOH B O   1 
HETATM 1642 O O   . HOH F 3 .  ? -8.199  4.574   0.476   1.00 50.65 ? 204 HOH B O   1 
HETATM 1643 O O   . HOH F 3 .  ? 13.648  21.438  8.081   1.00 45.84 ? 205 HOH B O   1 
HETATM 1644 O O   . HOH F 3 .  ? -8.604  10.740  -11.060 1.00 64.72 ? 206 HOH B O   1 
HETATM 1645 O O   . HOH F 3 .  ? 7.874   7.803   -16.006 1.00 61.87 ? 207 HOH B O   1 
HETATM 1646 O O   . HOH F 3 .  ? 11.965  8.610   -8.055  1.00 46.73 ? 208 HOH B O   1 
HETATM 1647 O O   . HOH F 3 .  ? 18.116  20.432  0.823   1.00 23.07 ? 209 HOH B O   1 
HETATM 1648 O O   . HOH F 3 .  ? 5.152   16.752  4.472   1.00 24.09 ? 210 HOH B O   1 
HETATM 1649 O O   . HOH F 3 .  ? 19.415  22.935  -4.179  1.00 22.51 ? 211 HOH B O   1 
HETATM 1650 O O   . HOH F 3 .  ? 18.387  8.662   -0.820  1.00 35.28 ? 212 HOH B O   1 
HETATM 1651 O O   . HOH F 3 .  ? 16.739  12.571  -3.498  1.00 28.82 ? 213 HOH B O   1 
HETATM 1652 O O   . HOH F 3 .  ? 17.123  0.925   1.762   1.00 28.46 ? 214 HOH B O   1 
HETATM 1653 O O   . HOH F 3 .  ? 9.895   12.524  6.660   1.00 33.97 ? 215 HOH B O   1 
HETATM 1654 O O   . HOH F 3 .  ? -2.389  -0.714  9.601   1.00 34.67 ? 216 HOH B O   1 
HETATM 1655 O O   . HOH F 3 .  ? 5.310   0.402   2.914   1.00 31.59 ? 217 HOH B O   1 
HETATM 1656 O O   . HOH F 3 .  ? -0.468  12.344  4.078   1.00 31.89 ? 218 HOH B O   1 
HETATM 1657 O O   . HOH F 3 .  ? 9.979   22.087  -11.027 1.00 44.55 ? 219 HOH B O   1 
HETATM 1658 O O   . HOH F 3 .  ? 7.273   18.695  5.061   1.00 31.15 ? 220 HOH B O   1 
HETATM 1659 O O   . HOH F 3 .  ? 0.691   17.800  -10.761 1.00 35.55 ? 221 HOH B O   1 
HETATM 1660 O O   . HOH F 3 .  ? 22.027  15.357  -4.040  1.00 32.74 ? 222 HOH B O   1 
HETATM 1661 O O   . HOH F 3 .  ? 3.660   30.441  3.147   1.00 35.49 ? 223 HOH B O   1 
HETATM 1662 O O   . HOH F 3 .  ? 15.618  22.004  4.115   1.00 35.04 ? 224 HOH B O   1 
HETATM 1663 O O   . HOH F 3 .  ? 15.659  16.267  -6.830  1.00 32.21 ? 225 HOH B O   1 
HETATM 1664 O O   . HOH F 3 .  ? 15.452  14.729  -4.947  1.00 27.73 ? 226 HOH B O   1 
HETATM 1665 O O   . HOH F 3 .  ? 15.305  20.983  -7.219  1.00 29.61 ? 227 HOH B O   1 
HETATM 1666 O O   . HOH F 3 .  ? 18.863  8.570   -3.217  1.00 49.26 ? 228 HOH B O   1 
HETATM 1667 O O   . HOH F 3 .  ? 1.606   -0.794  11.354  1.00 45.60 ? 229 HOH B O   1 
HETATM 1668 O O   . HOH F 3 .  ? 17.710  4.983   5.715   1.00 43.45 ? 230 HOH B O   1 
HETATM 1669 O O   . HOH F 3 .  ? 6.693   -6.897  3.752   1.00 33.39 ? 231 HOH B O   1 
HETATM 1670 O O   . HOH F 3 .  ? 19.028  13.831  0.628   1.00 34.64 ? 232 HOH B O   1 
HETATM 1671 O O   . HOH F 3 .  ? -2.744  23.184  -4.204  1.00 40.46 ? 233 HOH B O   1 
HETATM 1672 O O   . HOH F 3 .  ? 10.473  24.343  2.933   1.00 38.06 ? 234 HOH B O   1 
HETATM 1673 O O   . HOH F 3 .  ? 17.423  1.738   -0.450  1.00 46.33 ? 235 HOH B O   1 
HETATM 1674 O O   . HOH F 3 .  ? 1.176   29.752  -0.545  1.00 33.36 ? 236 HOH B O   1 
HETATM 1675 O O   . HOH F 3 .  ? 20.675  11.768  1.488   1.00 41.32 ? 237 HOH B O   1 
HETATM 1676 O O   . HOH F 3 .  ? -7.264  1.825   -9.130  1.00 70.12 ? 238 HOH B O   1 
HETATM 1677 O O   . HOH F 3 .  ? 0.966   27.723  -2.060  1.00 39.99 ? 239 HOH B O   1 
HETATM 1678 O O   . HOH F 3 .  ? 10.064  29.137  2.268   1.00 35.70 ? 240 HOH B O   1 
HETATM 1679 O O   . HOH F 3 .  ? 1.126   8.016   11.059  1.00 50.48 ? 241 HOH B O   1 
HETATM 1680 O O   . HOH F 3 .  ? 2.167   13.620  6.118   1.00 42.82 ? 242 HOH B O   1 
HETATM 1681 O O   . HOH F 3 .  ? 10.445  -4.695  1.356   1.00 45.79 ? 243 HOH B O   1 
HETATM 1682 O O   . HOH F 3 .  ? 8.290   3.459   -18.017 1.00 70.05 ? 244 HOH B O   1 
HETATM 1683 O O   . HOH F 3 .  ? 10.278  8.310   -15.170 1.00 50.76 ? 245 HOH B O   1 
HETATM 1684 O O   . HOH F 3 .  ? -5.848  17.675  -17.966 1.00 66.06 ? 246 HOH B O   1 
HETATM 1685 O O   . HOH F 3 .  ? 11.972  19.966  -10.955 1.00 37.54 ? 247 HOH B O   1 
HETATM 1686 O O   . HOH F 3 .  ? 15.089  19.363  -14.221 1.00 48.75 ? 248 HOH B O   1 
HETATM 1687 O O   . HOH F 3 .  ? 0.482   -0.168  8.996   1.00 46.53 ? 249 HOH B O   1 
HETATM 1688 O O   . HOH F 3 .  ? 14.958  -7.265  5.552   1.00 79.95 ? 250 HOH B O   1 
HETATM 1689 O O   . HOH F 3 .  ? 0.848   -6.827  13.657  1.00 56.48 ? 251 HOH B O   1 
HETATM 1690 O O   . HOH F 3 .  ? 2.003   0.737   18.246  1.00 58.01 ? 252 HOH B O   1 
HETATM 1691 O O   . HOH F 3 .  ? 3.983   27.517  -5.372  1.00 41.59 ? 253 HOH B O   1 
HETATM 1692 O O   . HOH F 3 .  ? -2.882  8.704   5.616   1.00 44.40 ? 254 HOH B O   1 
HETATM 1693 O O   . HOH F 3 .  ? 20.277  10.702  -2.285  1.00 48.42 ? 255 HOH B O   1 
HETATM 1694 O O   . HOH F 3 .  ? 25.024  13.964  1.413   0.50 36.33 ? 256 HOH B O   1 
HETATM 1695 O O   . HOH F 3 .  ? 26.405  16.459  1.766   1.00 70.56 ? 257 HOH B O   1 
HETATM 1696 O O   . HOH F 3 .  ? 19.748  9.641   15.171  1.00 47.27 ? 258 HOH B O   1 
HETATM 1697 O O   . HOH F 3 .  ? 3.979   24.151  -9.621  1.00 58.99 ? 259 HOH B O   1 
HETATM 1698 O O   . HOH F 3 .  ? 15.263  23.374  -6.800  0.50 33.31 ? 260 HOH B O   1 
HETATM 1699 O O   . HOH F 3 .  ? 18.513  12.936  -2.009  1.00 32.68 ? 261 HOH B O   1 
HETATM 1700 O O   . HOH F 3 .  ? 17.315  18.412  8.568   1.00 57.63 ? 262 HOH B O   1 
# 
